data_5IN1
# 
_entry.id   5IN1 
# 
_audit_conform.dict_name       mmcif_pdbx.dic 
_audit_conform.dict_version    5.380 
_audit_conform.dict_location   http://mmcif.pdb.org/dictionaries/ascii/mmcif_pdbx.dic 
# 
loop_
_database_2.database_id 
_database_2.database_code 
_database_2.pdbx_database_accession 
_database_2.pdbx_DOI 
PDB   5IN1         pdb_00005in1 10.2210/pdb5in1/pdb 
WWPDB D_1000218666 ?            ?                   
# 
_pdbx_database_related.db_name        PDB 
_pdbx_database_related.details        'Structure of the chromodomain of MRG2 in complex with H3K36me3' 
_pdbx_database_related.db_id          4PLI 
_pdbx_database_related.content_type   unspecified 
# 
_pdbx_database_status.status_code                     REL 
_pdbx_database_status.status_code_sf                  REL 
_pdbx_database_status.status_code_mr                  ? 
_pdbx_database_status.entry_id                        5IN1 
_pdbx_database_status.recvd_initial_deposition_date   2016-03-07 
_pdbx_database_status.SG_entry                        N 
_pdbx_database_status.deposit_site                    RCSB 
_pdbx_database_status.process_site                    PDBJ 
_pdbx_database_status.status_code_cs                  ? 
_pdbx_database_status.methods_development_category    ? 
_pdbx_database_status.pdb_format_compatible           Y 
_pdbx_database_status.status_code_nmr_data            ? 
# 
loop_
_audit_author.name 
_audit_author.pdbx_ordinal 
'Huang, Y.' 1 
'Liu, Y.'   2 
# 
_citation.abstract                  ? 
_citation.abstract_id_CAS           ? 
_citation.book_id_ISBN              ? 
_citation.book_publisher            ? 
_citation.book_publisher_city       ? 
_citation.book_title                ? 
_citation.coordinate_linkage        ? 
_citation.country                   CN 
_citation.database_id_Medline       ? 
_citation.details                   ? 
_citation.id                        primary 
_citation.journal_abbrev            'Protein Cell' 
_citation.journal_id_ASTM           ? 
_citation.journal_id_CSD            ? 
_citation.journal_id_ISSN           1674-8018 
_citation.journal_full              ? 
_citation.journal_issue             ? 
_citation.journal_volume            7 
_citation.language                  ? 
_citation.page_first                792 
_citation.page_last                 803 
_citation.title                     
'Structural studies on MRG701 chromodomain reveal a novel dimerization interface of MRG proteins in green plants' 
_citation.year                      2016 
_citation.database_id_CSD           ? 
_citation.pdbx_database_id_DOI      10.1007/s13238-016-0310-5 
_citation.pdbx_database_id_PubMed   27638467 
_citation.unpublished_flag          ? 
# 
loop_
_citation_author.citation_id 
_citation_author.name 
_citation_author.ordinal 
_citation_author.identifier_ORCID 
primary 'Liu, Y.'   1 ? 
primary 'Wu, H.'    2 ? 
primary 'Yu, Y.'    3 ? 
primary 'Huang, Y.' 4 ? 
# 
_cell.angle_alpha                  90.00 
_cell.angle_alpha_esd              ? 
_cell.angle_beta                   102.58 
_cell.angle_beta_esd               ? 
_cell.angle_gamma                  90.00 
_cell.angle_gamma_esd              ? 
_cell.entry_id                     5IN1 
_cell.details                      ? 
_cell.formula_units_Z              ? 
_cell.length_a                     31.786 
_cell.length_a_esd                 ? 
_cell.length_b                     59.801 
_cell.length_b_esd                 ? 
_cell.length_c                     40.616 
_cell.length_c_esd                 ? 
_cell.volume                       ? 
_cell.volume_esd                   ? 
_cell.Z_PDB                        4 
_cell.reciprocal_angle_alpha       ? 
_cell.reciprocal_angle_beta        ? 
_cell.reciprocal_angle_gamma       ? 
_cell.reciprocal_angle_alpha_esd   ? 
_cell.reciprocal_angle_beta_esd    ? 
_cell.reciprocal_angle_gamma_esd   ? 
_cell.reciprocal_length_a          ? 
_cell.reciprocal_length_b          ? 
_cell.reciprocal_length_c          ? 
_cell.reciprocal_length_a_esd      ? 
_cell.reciprocal_length_b_esd      ? 
_cell.reciprocal_length_c_esd      ? 
_cell.pdbx_unique_axis             ? 
# 
_symmetry.entry_id                         5IN1 
_symmetry.cell_setting                     ? 
_symmetry.Int_Tables_number                4 
_symmetry.space_group_name_Hall            ? 
_symmetry.space_group_name_H-M             'P 1 21 1' 
_symmetry.pdbx_full_space_group_name_H-M   ? 
# 
loop_
_entity.id 
_entity.type 
_entity.src_method 
_entity.pdbx_description 
_entity.formula_weight 
_entity.pdbx_number_of_molecules 
_entity.pdbx_ec 
_entity.pdbx_mutation 
_entity.pdbx_fragment 
_entity.details 
1 polymer     man MRG701         8765.706 2   ? ? chromodomain ? 
2 non-polymer syn 'SULFATE ION'  96.063   2   ? ? ?            ? 
3 non-polymer syn 1,2-ETHANEDIOL 62.068   2   ? ? ?            ? 
4 water       nat water          18.015   252 ? ? ?            ? 
# 
_entity_poly.entity_id                      1 
_entity_poly.type                           'polypeptide(L)' 
_entity_poly.nstd_linkage                   no 
_entity_poly.nstd_monomer                   no 
_entity_poly.pdbx_seq_one_letter_code       GSFKEGERVLAYHGPLLYEAKVQKSENKEDEWRYHVHYLGWSKSWDEWVTNDRLLKLTDENIRKQQELEKSQ 
_entity_poly.pdbx_seq_one_letter_code_can   GSFKEGERVLAYHGPLLYEAKVQKSENKEDEWRYHVHYLGWSKSWDEWVTNDRLLKLTDENIRKQQELEKSQ 
_entity_poly.pdbx_strand_id                 A,B 
_entity_poly.pdbx_target_identifier         ? 
# 
loop_
_entity_poly_seq.entity_id 
_entity_poly_seq.num 
_entity_poly_seq.mon_id 
_entity_poly_seq.hetero 
1 1  GLY n 
1 2  SER n 
1 3  PHE n 
1 4  LYS n 
1 5  GLU n 
1 6  GLY n 
1 7  GLU n 
1 8  ARG n 
1 9  VAL n 
1 10 LEU n 
1 11 ALA n 
1 12 TYR n 
1 13 HIS n 
1 14 GLY n 
1 15 PRO n 
1 16 LEU n 
1 17 LEU n 
1 18 TYR n 
1 19 GLU n 
1 20 ALA n 
1 21 LYS n 
1 22 VAL n 
1 23 GLN n 
1 24 LYS n 
1 25 SER n 
1 26 GLU n 
1 27 ASN n 
1 28 LYS n 
1 29 GLU n 
1 30 ASP n 
1 31 GLU n 
1 32 TRP n 
1 33 ARG n 
1 34 TYR n 
1 35 HIS n 
1 36 VAL n 
1 37 HIS n 
1 38 TYR n 
1 39 LEU n 
1 40 GLY n 
1 41 TRP n 
1 42 SER n 
1 43 LYS n 
1 44 SER n 
1 45 TRP n 
1 46 ASP n 
1 47 GLU n 
1 48 TRP n 
1 49 VAL n 
1 50 THR n 
1 51 ASN n 
1 52 ASP n 
1 53 ARG n 
1 54 LEU n 
1 55 LEU n 
1 56 LYS n 
1 57 LEU n 
1 58 THR n 
1 59 ASP n 
1 60 GLU n 
1 61 ASN n 
1 62 ILE n 
1 63 ARG n 
1 64 LYS n 
1 65 GLN n 
1 66 GLN n 
1 67 GLU n 
1 68 LEU n 
1 69 GLU n 
1 70 LYS n 
1 71 SER n 
1 72 GLN n 
# 
_entity_src_gen.entity_id                          1 
_entity_src_gen.pdbx_src_id                        1 
_entity_src_gen.pdbx_alt_source_flag               sample 
_entity_src_gen.pdbx_seq_type                      'Biological sequence' 
_entity_src_gen.pdbx_beg_seq_num                   1 
_entity_src_gen.pdbx_end_seq_num                   72 
_entity_src_gen.gene_src_common_name               Rice 
_entity_src_gen.gene_src_genus                     ? 
_entity_src_gen.pdbx_gene_src_gene                 ? 
_entity_src_gen.gene_src_species                   ? 
_entity_src_gen.gene_src_strain                    ? 
_entity_src_gen.gene_src_tissue                    ? 
_entity_src_gen.gene_src_tissue_fraction           ? 
_entity_src_gen.gene_src_details                   ? 
_entity_src_gen.pdbx_gene_src_fragment             ? 
_entity_src_gen.pdbx_gene_src_scientific_name      'Oryza sativa' 
_entity_src_gen.pdbx_gene_src_ncbi_taxonomy_id     4530 
_entity_src_gen.pdbx_gene_src_variant              ? 
_entity_src_gen.pdbx_gene_src_cell_line            ? 
_entity_src_gen.pdbx_gene_src_atcc                 ? 
_entity_src_gen.pdbx_gene_src_organ                ? 
_entity_src_gen.pdbx_gene_src_organelle            ? 
_entity_src_gen.pdbx_gene_src_cell                 ? 
_entity_src_gen.pdbx_gene_src_cellular_location    ? 
_entity_src_gen.host_org_common_name               ? 
_entity_src_gen.pdbx_host_org_scientific_name      'Escherichia coli' 
_entity_src_gen.pdbx_host_org_ncbi_taxonomy_id     562 
_entity_src_gen.host_org_genus                     ? 
_entity_src_gen.pdbx_host_org_gene                 ? 
_entity_src_gen.pdbx_host_org_organ                ? 
_entity_src_gen.host_org_species                   ? 
_entity_src_gen.pdbx_host_org_tissue               ? 
_entity_src_gen.pdbx_host_org_tissue_fraction      ? 
_entity_src_gen.pdbx_host_org_strain               ? 
_entity_src_gen.pdbx_host_org_variant              ? 
_entity_src_gen.pdbx_host_org_cell_line            ? 
_entity_src_gen.pdbx_host_org_atcc                 ? 
_entity_src_gen.pdbx_host_org_culture_collection   ? 
_entity_src_gen.pdbx_host_org_cell                 ? 
_entity_src_gen.pdbx_host_org_organelle            ? 
_entity_src_gen.pdbx_host_org_cellular_location    ? 
_entity_src_gen.pdbx_host_org_vector_type          plasmid 
_entity_src_gen.pdbx_host_org_vector               ? 
_entity_src_gen.host_org_details                   ? 
_entity_src_gen.expression_system_id               ? 
_entity_src_gen.plasmid_name                       ? 
_entity_src_gen.plasmid_details                    ? 
_entity_src_gen.pdbx_description                   ? 
# 
_struct_ref.id                         1 
_struct_ref.db_name                    PDB 
_struct_ref.db_code                    5IN1 
_struct_ref.pdbx_db_accession          5IN1 
_struct_ref.pdbx_db_isoform            ? 
_struct_ref.entity_id                  1 
_struct_ref.pdbx_seq_one_letter_code   ? 
_struct_ref.pdbx_align_begin           1 
# 
loop_
_struct_ref_seq.align_id 
_struct_ref_seq.ref_id 
_struct_ref_seq.pdbx_PDB_id_code 
_struct_ref_seq.pdbx_strand_id 
_struct_ref_seq.seq_align_beg 
_struct_ref_seq.pdbx_seq_align_beg_ins_code 
_struct_ref_seq.seq_align_end 
_struct_ref_seq.pdbx_seq_align_end_ins_code 
_struct_ref_seq.pdbx_db_accession 
_struct_ref_seq.db_align_beg 
_struct_ref_seq.pdbx_db_align_beg_ins_code 
_struct_ref_seq.db_align_end 
_struct_ref_seq.pdbx_db_align_end_ins_code 
_struct_ref_seq.pdbx_auth_seq_align_beg 
_struct_ref_seq.pdbx_auth_seq_align_end 
1 1 5IN1 A 1 ? 72 ? 5IN1 9 ? 80 ? 9 80 
2 1 5IN1 B 1 ? 72 ? 5IN1 9 ? 80 ? 9 80 
# 
loop_
_chem_comp.id 
_chem_comp.type 
_chem_comp.mon_nstd_flag 
_chem_comp.name 
_chem_comp.pdbx_synonyms 
_chem_comp.formula 
_chem_comp.formula_weight 
ALA 'L-peptide linking' y ALANINE         ?                 'C3 H7 N O2'     89.093  
ARG 'L-peptide linking' y ARGININE        ?                 'C6 H15 N4 O2 1' 175.209 
ASN 'L-peptide linking' y ASPARAGINE      ?                 'C4 H8 N2 O3'    132.118 
ASP 'L-peptide linking' y 'ASPARTIC ACID' ?                 'C4 H7 N O4'     133.103 
EDO non-polymer         . 1,2-ETHANEDIOL  'ETHYLENE GLYCOL' 'C2 H6 O2'       62.068  
GLN 'L-peptide linking' y GLUTAMINE       ?                 'C5 H10 N2 O3'   146.144 
GLU 'L-peptide linking' y 'GLUTAMIC ACID' ?                 'C5 H9 N O4'     147.129 
GLY 'peptide linking'   y GLYCINE         ?                 'C2 H5 N O2'     75.067  
HIS 'L-peptide linking' y HISTIDINE       ?                 'C6 H10 N3 O2 1' 156.162 
HOH non-polymer         . WATER           ?                 'H2 O'           18.015  
ILE 'L-peptide linking' y ISOLEUCINE      ?                 'C6 H13 N O2'    131.173 
LEU 'L-peptide linking' y LEUCINE         ?                 'C6 H13 N O2'    131.173 
LYS 'L-peptide linking' y LYSINE          ?                 'C6 H15 N2 O2 1' 147.195 
PHE 'L-peptide linking' y PHENYLALANINE   ?                 'C9 H11 N O2'    165.189 
PRO 'L-peptide linking' y PROLINE         ?                 'C5 H9 N O2'     115.130 
SER 'L-peptide linking' y SERINE          ?                 'C3 H7 N O3'     105.093 
SO4 non-polymer         . 'SULFATE ION'   ?                 'O4 S -2'        96.063  
THR 'L-peptide linking' y THREONINE       ?                 'C4 H9 N O3'     119.119 
TRP 'L-peptide linking' y TRYPTOPHAN      ?                 'C11 H12 N2 O2'  204.225 
TYR 'L-peptide linking' y TYROSINE        ?                 'C9 H11 N O3'    181.189 
VAL 'L-peptide linking' y VALINE          ?                 'C5 H11 N O2'    117.146 
# 
_exptl.absorpt_coefficient_mu     ? 
_exptl.absorpt_correction_T_max   ? 
_exptl.absorpt_correction_T_min   ? 
_exptl.absorpt_correction_type    ? 
_exptl.absorpt_process_details    ? 
_exptl.entry_id                   5IN1 
_exptl.crystals_number            1 
_exptl.details                    ? 
_exptl.method                     'X-RAY DIFFRACTION' 
_exptl.method_details             ? 
# 
_exptl_crystal.colour                      ? 
_exptl_crystal.density_diffrn              ? 
_exptl_crystal.density_Matthews            2.15 
_exptl_crystal.density_method              ? 
_exptl_crystal.density_percent_sol         42.76 
_exptl_crystal.description                 ? 
_exptl_crystal.F_000                       ? 
_exptl_crystal.id                          1 
_exptl_crystal.preparation                 ? 
_exptl_crystal.size_max                    ? 
_exptl_crystal.size_mid                    ? 
_exptl_crystal.size_min                    ? 
_exptl_crystal.size_rad                    ? 
_exptl_crystal.colour_lustre               ? 
_exptl_crystal.colour_modifier             ? 
_exptl_crystal.colour_primary              ? 
_exptl_crystal.density_meas                ? 
_exptl_crystal.density_meas_esd            ? 
_exptl_crystal.density_meas_gt             ? 
_exptl_crystal.density_meas_lt             ? 
_exptl_crystal.density_meas_temp           ? 
_exptl_crystal.density_meas_temp_esd       ? 
_exptl_crystal.density_meas_temp_gt        ? 
_exptl_crystal.density_meas_temp_lt        ? 
_exptl_crystal.pdbx_crystal_image_url      ? 
_exptl_crystal.pdbx_crystal_image_format   ? 
_exptl_crystal.pdbx_mosaicity              ? 
_exptl_crystal.pdbx_mosaicity_esd          ? 
# 
_exptl_crystal_grow.apparatus       ? 
_exptl_crystal_grow.atmosphere      ? 
_exptl_crystal_grow.crystal_id      1 
_exptl_crystal_grow.details         ? 
_exptl_crystal_grow.method          'VAPOR DIFFUSION, HANGING DROP' 
_exptl_crystal_grow.method_ref      ? 
_exptl_crystal_grow.pH              4.5 
_exptl_crystal_grow.pressure        ? 
_exptl_crystal_grow.pressure_esd    ? 
_exptl_crystal_grow.seeding         ? 
_exptl_crystal_grow.seeding_ref     ? 
_exptl_crystal_grow.temp            290 
_exptl_crystal_grow.temp_details    ? 
_exptl_crystal_grow.temp_esd        ? 
_exptl_crystal_grow.time            ? 
_exptl_crystal_grow.pdbx_details    '0.1M Sodium acetate pH 4.5, 25% PEG 4000, 0.2M ammonium sulfate' 
_exptl_crystal_grow.pdbx_pH_range   ? 
# 
_diffrn.ambient_environment    ? 
_diffrn.ambient_temp           100 
_diffrn.ambient_temp_details   ? 
_diffrn.ambient_temp_esd       ? 
_diffrn.crystal_id             1 
_diffrn.crystal_support        ? 
_diffrn.crystal_treatment      ? 
_diffrn.details                ? 
_diffrn.id                     1 
_diffrn.ambient_pressure       ? 
_diffrn.ambient_pressure_esd   ? 
_diffrn.ambient_pressure_gt    ? 
_diffrn.ambient_pressure_lt    ? 
_diffrn.ambient_temp_gt        ? 
_diffrn.ambient_temp_lt        ? 
# 
_diffrn_detector.details                      ? 
_diffrn_detector.detector                     CCD 
_diffrn_detector.diffrn_id                    1 
_diffrn_detector.type                         'ADSC QUANTUM 315' 
_diffrn_detector.area_resol_mean              ? 
_diffrn_detector.dtime                        ? 
_diffrn_detector.pdbx_frames_total            ? 
_diffrn_detector.pdbx_collection_time_total   ? 
_diffrn_detector.pdbx_collection_date         2016-03-06 
# 
_diffrn_radiation.collimation                      ? 
_diffrn_radiation.diffrn_id                        1 
_diffrn_radiation.filter_edge                      ? 
_diffrn_radiation.inhomogeneity                    ? 
_diffrn_radiation.monochromator                    ? 
_diffrn_radiation.polarisn_norm                    ? 
_diffrn_radiation.polarisn_ratio                   ? 
_diffrn_radiation.probe                            ? 
_diffrn_radiation.type                             ? 
_diffrn_radiation.xray_symbol                      ? 
_diffrn_radiation.wavelength_id                    1 
_diffrn_radiation.pdbx_monochromatic_or_laue_m_l   M 
_diffrn_radiation.pdbx_wavelength_list             ? 
_diffrn_radiation.pdbx_wavelength                  ? 
_diffrn_radiation.pdbx_diffrn_protocol             'SINGLE WAVELENGTH' 
_diffrn_radiation.pdbx_analyzer                    ? 
_diffrn_radiation.pdbx_scattering_type             x-ray 
# 
_diffrn_radiation_wavelength.id           1 
_diffrn_radiation_wavelength.wavelength   0.987 
_diffrn_radiation_wavelength.wt           1.0 
# 
_diffrn_source.current                     ? 
_diffrn_source.details                     ? 
_diffrn_source.diffrn_id                   1 
_diffrn_source.power                       ? 
_diffrn_source.size                        ? 
_diffrn_source.source                      SYNCHROTRON 
_diffrn_source.target                      ? 
_diffrn_source.type                        'SSRF BEAMLINE BL19U1' 
_diffrn_source.voltage                     ? 
_diffrn_source.take-off_angle              ? 
_diffrn_source.pdbx_wavelength_list        0.987 
_diffrn_source.pdbx_wavelength             ? 
_diffrn_source.pdbx_synchrotron_beamline   BL19U1 
_diffrn_source.pdbx_synchrotron_site       SSRF 
# 
_reflns.B_iso_Wilson_estimate            ? 
_reflns.entry_id                         5IN1 
_reflns.data_reduction_details           ? 
_reflns.data_reduction_method            ? 
_reflns.d_resolution_high                1.40 
_reflns.d_resolution_low                 30.0 
_reflns.details                          ? 
_reflns.limit_h_max                      ? 
_reflns.limit_h_min                      ? 
_reflns.limit_k_max                      ? 
_reflns.limit_k_min                      ? 
_reflns.limit_l_max                      ? 
_reflns.limit_l_min                      ? 
_reflns.number_all                       ? 
_reflns.number_obs                       28872 
_reflns.observed_criterion               ? 
_reflns.observed_criterion_F_max         ? 
_reflns.observed_criterion_F_min         ? 
_reflns.observed_criterion_I_max         ? 
_reflns.observed_criterion_I_min         ? 
_reflns.observed_criterion_sigma_F       ? 
_reflns.observed_criterion_sigma_I       ? 
_reflns.percent_possible_obs             98.6 
_reflns.R_free_details                   ? 
_reflns.Rmerge_F_all                     ? 
_reflns.Rmerge_F_obs                     ? 
_reflns.Friedel_coverage                 ? 
_reflns.number_gt                        ? 
_reflns.threshold_expression             ? 
_reflns.pdbx_redundancy                  5.2 
_reflns.pdbx_Rmerge_I_obs                ? 
_reflns.pdbx_Rmerge_I_all                ? 
_reflns.pdbx_Rsym_value                  ? 
_reflns.pdbx_netI_over_av_sigmaI         ? 
_reflns.pdbx_netI_over_sigmaI            29.05 
_reflns.pdbx_res_netI_over_av_sigmaI_2   ? 
_reflns.pdbx_res_netI_over_sigmaI_2      ? 
_reflns.pdbx_chi_squared                 ? 
_reflns.pdbx_scaling_rejects             ? 
_reflns.pdbx_d_res_high_opt              ? 
_reflns.pdbx_d_res_low_opt               ? 
_reflns.pdbx_d_res_opt_method            ? 
_reflns.phase_calculation_details        ? 
_reflns.pdbx_Rrim_I_all                  ? 
_reflns.pdbx_Rpim_I_all                  ? 
_reflns.pdbx_d_opt                       ? 
_reflns.pdbx_number_measured_all         ? 
_reflns.pdbx_diffrn_id                   1 
_reflns.pdbx_ordinal                     1 
_reflns.pdbx_CC_half                     ? 
_reflns.pdbx_R_split                     ? 
# 
_reflns_shell.d_res_high                  . 
_reflns_shell.d_res_low                   ? 
_reflns_shell.meanI_over_sigI_all         ? 
_reflns_shell.meanI_over_sigI_obs         ? 
_reflns_shell.number_measured_all         ? 
_reflns_shell.number_measured_obs         ? 
_reflns_shell.number_possible             ? 
_reflns_shell.number_unique_all           ? 
_reflns_shell.number_unique_obs           ? 
_reflns_shell.percent_possible_all        ? 
_reflns_shell.percent_possible_obs        ? 
_reflns_shell.Rmerge_F_all                ? 
_reflns_shell.Rmerge_F_obs                ? 
_reflns_shell.Rmerge_I_all                ? 
_reflns_shell.Rmerge_I_obs                ? 
_reflns_shell.meanI_over_sigI_gt          ? 
_reflns_shell.meanI_over_uI_all           ? 
_reflns_shell.meanI_over_uI_gt            ? 
_reflns_shell.number_measured_gt          ? 
_reflns_shell.number_unique_gt            ? 
_reflns_shell.percent_possible_gt         ? 
_reflns_shell.Rmerge_F_gt                 ? 
_reflns_shell.Rmerge_I_gt                 ? 
_reflns_shell.pdbx_redundancy             ? 
_reflns_shell.pdbx_Rsym_value             ? 
_reflns_shell.pdbx_chi_squared            ? 
_reflns_shell.pdbx_netI_over_sigmaI_all   ? 
_reflns_shell.pdbx_netI_over_sigmaI_obs   ? 
_reflns_shell.pdbx_Rrim_I_all             ? 
_reflns_shell.pdbx_Rpim_I_all             ? 
_reflns_shell.pdbx_rejects                ? 
_reflns_shell.pdbx_ordinal                1 
_reflns_shell.pdbx_diffrn_id              1 
_reflns_shell.pdbx_CC_half                ? 
_reflns_shell.pdbx_R_split                ? 
# 
_refine.aniso_B[1][1]                            ? 
_refine.aniso_B[1][2]                            ? 
_refine.aniso_B[1][3]                            ? 
_refine.aniso_B[2][2]                            ? 
_refine.aniso_B[2][3]                            ? 
_refine.aniso_B[3][3]                            ? 
_refine.B_iso_max                                ? 
_refine.B_iso_mean                               ? 
_refine.B_iso_min                                ? 
_refine.correlation_coeff_Fo_to_Fc               ? 
_refine.correlation_coeff_Fo_to_Fc_free          ? 
_refine.details                                  ? 
_refine.diff_density_max                         ? 
_refine.diff_density_max_esd                     ? 
_refine.diff_density_min                         ? 
_refine.diff_density_min_esd                     ? 
_refine.diff_density_rms                         ? 
_refine.diff_density_rms_esd                     ? 
_refine.entry_id                                 5IN1 
_refine.pdbx_refine_id                           'X-RAY DIFFRACTION' 
_refine.ls_abs_structure_details                 ? 
_refine.ls_abs_structure_Flack                   ? 
_refine.ls_abs_structure_Flack_esd               ? 
_refine.ls_abs_structure_Rogers                  ? 
_refine.ls_abs_structure_Rogers_esd              ? 
_refine.ls_d_res_high                            1.400 
_refine.ls_d_res_low                             29.901 
_refine.ls_extinction_coef                       ? 
_refine.ls_extinction_coef_esd                   ? 
_refine.ls_extinction_expression                 ? 
_refine.ls_extinction_method                     ? 
_refine.ls_goodness_of_fit_all                   ? 
_refine.ls_goodness_of_fit_all_esd               ? 
_refine.ls_goodness_of_fit_obs                   ? 
_refine.ls_goodness_of_fit_obs_esd               ? 
_refine.ls_hydrogen_treatment                    ? 
_refine.ls_matrix_type                           ? 
_refine.ls_number_constraints                    ? 
_refine.ls_number_parameters                     ? 
_refine.ls_number_reflns_all                     ? 
_refine.ls_number_reflns_obs                     28840 
_refine.ls_number_reflns_R_free                  1999 
_refine.ls_number_reflns_R_work                  ? 
_refine.ls_number_restraints                     ? 
_refine.ls_percent_reflns_obs                    98.51 
_refine.ls_percent_reflns_R_free                 6.93 
_refine.ls_R_factor_all                          ? 
_refine.ls_R_factor_obs                          0.1838 
_refine.ls_R_factor_R_free                       0.2045 
_refine.ls_R_factor_R_free_error                 ? 
_refine.ls_R_factor_R_free_error_details         ? 
_refine.ls_R_factor_R_work                       0.1822 
_refine.ls_R_Fsqd_factor_obs                     ? 
_refine.ls_R_I_factor_obs                        ? 
_refine.ls_redundancy_reflns_all                 ? 
_refine.ls_redundancy_reflns_obs                 ? 
_refine.ls_restrained_S_all                      ? 
_refine.ls_restrained_S_obs                      ? 
_refine.ls_shift_over_esd_max                    ? 
_refine.ls_shift_over_esd_mean                   ? 
_refine.ls_structure_factor_coef                 ? 
_refine.ls_weighting_details                     ? 
_refine.ls_weighting_scheme                      ? 
_refine.ls_wR_factor_all                         ? 
_refine.ls_wR_factor_obs                         ? 
_refine.ls_wR_factor_R_free                      ? 
_refine.ls_wR_factor_R_work                      ? 
_refine.occupancy_max                            ? 
_refine.occupancy_min                            ? 
_refine.solvent_model_details                    ? 
_refine.solvent_model_param_bsol                 ? 
_refine.solvent_model_param_ksol                 ? 
_refine.ls_R_factor_gt                           ? 
_refine.ls_goodness_of_fit_gt                    ? 
_refine.ls_goodness_of_fit_ref                   ? 
_refine.ls_shift_over_su_max                     ? 
_refine.ls_shift_over_su_max_lt                  ? 
_refine.ls_shift_over_su_mean                    ? 
_refine.ls_shift_over_su_mean_lt                 ? 
_refine.pdbx_ls_sigma_I                          ? 
_refine.pdbx_ls_sigma_F                          1.55 
_refine.pdbx_ls_sigma_Fsqd                       ? 
_refine.pdbx_data_cutoff_high_absF               ? 
_refine.pdbx_data_cutoff_high_rms_absF           ? 
_refine.pdbx_data_cutoff_low_absF                ? 
_refine.pdbx_isotropic_thermal_model             ? 
_refine.pdbx_ls_cross_valid_method               'FREE R-VALUE' 
_refine.pdbx_method_to_determine_struct          'MOLECULAR REPLACEMENT' 
_refine.pdbx_starting_model                      4PLI 
_refine.pdbx_stereochemistry_target_values       ? 
_refine.pdbx_R_Free_selection_details            ? 
_refine.pdbx_stereochem_target_val_spec_case     ? 
_refine.pdbx_overall_ESU_R                       ? 
_refine.pdbx_overall_ESU_R_Free                  ? 
_refine.pdbx_solvent_vdw_probe_radii             1.11 
_refine.pdbx_solvent_ion_probe_radii             ? 
_refine.pdbx_solvent_shrinkage_radii             0.90 
_refine.pdbx_real_space_R                        ? 
_refine.pdbx_density_correlation                 ? 
_refine.pdbx_pd_number_of_powder_patterns        ? 
_refine.pdbx_pd_number_of_points                 ? 
_refine.pdbx_pd_meas_number_of_points            ? 
_refine.pdbx_pd_proc_ls_prof_R_factor            ? 
_refine.pdbx_pd_proc_ls_prof_wR_factor           ? 
_refine.pdbx_pd_Marquardt_correlation_coeff      ? 
_refine.pdbx_pd_Fsqrd_R_factor                   ? 
_refine.pdbx_pd_ls_matrix_band_width             ? 
_refine.pdbx_overall_phase_error                 23.29 
_refine.pdbx_overall_SU_R_free_Cruickshank_DPI   ? 
_refine.pdbx_overall_SU_R_free_Blow_DPI          ? 
_refine.pdbx_overall_SU_R_Blow_DPI               ? 
_refine.pdbx_TLS_residual_ADP_flag               ? 
_refine.pdbx_diffrn_id                           1 
_refine.overall_SU_B                             ? 
_refine.overall_SU_ML                            0.11 
_refine.overall_SU_R_Cruickshank_DPI             ? 
_refine.overall_SU_R_free                        ? 
_refine.overall_FOM_free_R_set                   ? 
_refine.overall_FOM_work_R_set                   ? 
_refine.pdbx_average_fsc_overall                 ? 
_refine.pdbx_average_fsc_work                    ? 
_refine.pdbx_average_fsc_free                    ? 
# 
_refine_hist.pdbx_refine_id                   'X-RAY DIFFRACTION' 
_refine_hist.cycle_id                         LAST 
_refine_hist.pdbx_number_atoms_protein        1232 
_refine_hist.pdbx_number_atoms_nucleic_acid   0 
_refine_hist.pdbx_number_atoms_ligand         18 
_refine_hist.number_atoms_solvent             252 
_refine_hist.number_atoms_total               1502 
_refine_hist.d_res_high                       1.400 
_refine_hist.d_res_low                        29.901 
# 
loop_
_refine_ls_restr.pdbx_refine_id 
_refine_ls_restr.criterion 
_refine_ls_restr.dev_ideal 
_refine_ls_restr.dev_ideal_target 
_refine_ls_restr.number 
_refine_ls_restr.rejects 
_refine_ls_restr.type 
_refine_ls_restr.weight 
_refine_ls_restr.pdbx_restraint_function 
'X-RAY DIFFRACTION' ? 0.007  ? 1278 ? f_bond_d           ? ? 
'X-RAY DIFFRACTION' ? 1.049  ? 1718 ? f_angle_d          ? ? 
'X-RAY DIFFRACTION' ? 14.869 ? 478  ? f_dihedral_angle_d ? ? 
'X-RAY DIFFRACTION' ? 0.046  ? 166  ? f_chiral_restr     ? ? 
'X-RAY DIFFRACTION' ? 0.005  ? 216  ? f_plane_restr      ? ? 
# 
loop_
_refine_ls_shell.pdbx_refine_id 
_refine_ls_shell.d_res_high 
_refine_ls_shell.d_res_low 
_refine_ls_shell.number_reflns_all 
_refine_ls_shell.number_reflns_obs 
_refine_ls_shell.number_reflns_R_free 
_refine_ls_shell.number_reflns_R_work 
_refine_ls_shell.percent_reflns_obs 
_refine_ls_shell.percent_reflns_R_free 
_refine_ls_shell.R_factor_all 
_refine_ls_shell.R_factor_obs 
_refine_ls_shell.R_factor_R_free 
_refine_ls_shell.R_factor_R_free_error 
_refine_ls_shell.R_factor_R_work 
_refine_ls_shell.redundancy_reflns_all 
_refine_ls_shell.redundancy_reflns_obs 
_refine_ls_shell.wR_factor_all 
_refine_ls_shell.wR_factor_obs 
_refine_ls_shell.wR_factor_R_free 
_refine_ls_shell.wR_factor_R_work 
_refine_ls_shell.pdbx_total_number_of_bins_used 
_refine_ls_shell.pdbx_phase_error 
_refine_ls_shell.pdbx_fsc_work 
_refine_ls_shell.pdbx_fsc_free 
'X-RAY DIFFRACTION' 1.3998 1.4348  . . 142 1910 98.00 . . . 0.2286 . 0.1877 . . . . . . . . . . 
'X-RAY DIFFRACTION' 1.4348 1.4736  . . 142 1907 99.00 . . . 0.2204 . 0.1907 . . . . . . . . . . 
'X-RAY DIFFRACTION' 1.4736 1.5169  . . 144 1920 99.00 . . . 0.2042 . 0.1839 . . . . . . . . . . 
'X-RAY DIFFRACTION' 1.5169 1.5659  . . 142 1912 99.00 . . . 0.2165 . 0.1769 . . . . . . . . . . 
'X-RAY DIFFRACTION' 1.5659 1.6219  . . 141 1893 98.00 . . . 0.2146 . 0.1819 . . . . . . . . . . 
'X-RAY DIFFRACTION' 1.6219 1.6868  . . 145 1938 99.00 . . . 0.2039 . 0.1867 . . . . . . . . . . 
'X-RAY DIFFRACTION' 1.6868 1.7636  . . 143 1925 99.00 . . . 0.2104 . 0.1861 . . . . . . . . . . 
'X-RAY DIFFRACTION' 1.7636 1.8565  . . 142 1902 98.00 . . . 0.2024 . 0.1824 . . . . . . . . . . 
'X-RAY DIFFRACTION' 1.8565 1.9728  . . 141 1898 98.00 . . . 0.2153 . 0.1829 . . . . . . . . . . 
'X-RAY DIFFRACTION' 1.9728 2.1251  . . 144 1928 99.00 . . . 0.2091 . 0.1737 . . . . . . . . . . 
'X-RAY DIFFRACTION' 2.1251 2.3389  . . 143 1920 99.00 . . . 0.2012 . 0.1807 . . . . . . . . . . 
'X-RAY DIFFRACTION' 2.3389 2.6771  . . 143 1919 98.00 . . . 0.2136 . 0.1939 . . . . . . . . . . 
'X-RAY DIFFRACTION' 2.6771 3.3722  . . 143 1928 99.00 . . . 0.1944 . 0.1906 . . . . . . . . . . 
'X-RAY DIFFRACTION' 3.3722 29.9073 . . 144 1941 97.00 . . . 0.1906 . 0.1705 . . . . . . . . . . 
# 
_struct.entry_id                     5IN1 
_struct.title                        'Crystal Structure of the MRG701 chromodomain' 
_struct.pdbx_model_details           ? 
_struct.pdbx_formula_weight          ? 
_struct.pdbx_formula_weight_method   ? 
_struct.pdbx_model_type_details      ? 
_struct.pdbx_CASP_flag               ? 
# 
_struct_keywords.entry_id        5IN1 
_struct_keywords.text            'MRG701, chromodomain, TRANSCRIPTION' 
_struct_keywords.pdbx_keywords   TRANSCRIPTION 
# 
loop_
_struct_asym.id 
_struct_asym.pdbx_blank_PDB_chainid_flag 
_struct_asym.pdbx_modified 
_struct_asym.entity_id 
_struct_asym.details 
A N N 1 ? 
B N N 1 ? 
C N N 2 ? 
D N N 2 ? 
E N N 3 ? 
F N N 3 ? 
G N N 4 ? 
H N N 4 ? 
# 
loop_
_struct_conf.conf_type_id 
_struct_conf.id 
_struct_conf.pdbx_PDB_helix_id 
_struct_conf.beg_label_comp_id 
_struct_conf.beg_label_asym_id 
_struct_conf.beg_label_seq_id 
_struct_conf.pdbx_beg_PDB_ins_code 
_struct_conf.end_label_comp_id 
_struct_conf.end_label_asym_id 
_struct_conf.end_label_seq_id 
_struct_conf.pdbx_end_PDB_ins_code 
_struct_conf.beg_auth_comp_id 
_struct_conf.beg_auth_asym_id 
_struct_conf.beg_auth_seq_id 
_struct_conf.end_auth_comp_id 
_struct_conf.end_auth_asym_id 
_struct_conf.end_auth_seq_id 
_struct_conf.pdbx_PDB_helix_class 
_struct_conf.details 
_struct_conf.pdbx_PDB_helix_length 
HELX_P HELX_P1 AA1 SER A 42 ? ASP A 46 ? SER A 50 ASP A 54 5 ? 5  
HELX_P HELX_P2 AA2 THR A 58 ? SER A 71 ? THR A 66 SER A 79 1 ? 14 
HELX_P HELX_P3 AA3 SER B 42 ? ASP B 46 ? SER B 50 ASP B 54 5 ? 5  
HELX_P HELX_P4 AA4 THR B 50 ? ASP B 52 ? THR B 58 ASP B 60 5 ? 3  
HELX_P HELX_P5 AA5 THR B 58 ? SER B 71 ? THR B 66 SER B 79 1 ? 14 
# 
_struct_conf_type.id          HELX_P 
_struct_conf_type.criteria    ? 
_struct_conf_type.reference   ? 
# 
loop_
_struct_sheet.id 
_struct_sheet.type 
_struct_sheet.number_strands 
_struct_sheet.details 
AA1 ? 6 ? 
AA2 ? 6 ? 
# 
loop_
_struct_sheet_order.sheet_id 
_struct_sheet_order.range_id_1 
_struct_sheet_order.range_id_2 
_struct_sheet_order.offset 
_struct_sheet_order.sense 
AA1 1 2 ? anti-parallel 
AA1 2 3 ? anti-parallel 
AA1 3 4 ? anti-parallel 
AA1 4 5 ? anti-parallel 
AA1 5 6 ? anti-parallel 
AA2 1 2 ? anti-parallel 
AA2 2 3 ? anti-parallel 
AA2 3 4 ? anti-parallel 
AA2 4 5 ? anti-parallel 
AA2 5 6 ? anti-parallel 
# 
loop_
_struct_sheet_range.sheet_id 
_struct_sheet_range.id 
_struct_sheet_range.beg_label_comp_id 
_struct_sheet_range.beg_label_asym_id 
_struct_sheet_range.beg_label_seq_id 
_struct_sheet_range.pdbx_beg_PDB_ins_code 
_struct_sheet_range.end_label_comp_id 
_struct_sheet_range.end_label_asym_id 
_struct_sheet_range.end_label_seq_id 
_struct_sheet_range.pdbx_end_PDB_ins_code 
_struct_sheet_range.beg_auth_comp_id 
_struct_sheet_range.beg_auth_asym_id 
_struct_sheet_range.beg_auth_seq_id 
_struct_sheet_range.end_auth_comp_id 
_struct_sheet_range.end_auth_asym_id 
_struct_sheet_range.end_auth_seq_id 
AA1 1 GLU A 47 ? THR A 50 ? GLU A 55 THR A 58 
AA1 2 GLU A 31 ? TYR A 38 ? GLU A 39 TYR A 46 
AA1 3 LEU A 16 ? LYS A 28 ? LEU A 24 LYS A 36 
AA1 4 LEU B 16 ? LYS B 28 ? LEU B 24 LYS B 36 
AA1 5 GLU B 31 ? TYR B 38 ? GLU B 39 TYR B 46 
AA1 6 GLU B 47 ? VAL B 49 ? GLU B 55 VAL B 57 
AA2 1 LEU A 54 ? LYS A 56 ? LEU A 62 LYS A 64 
AA2 2 ARG A 8  ? HIS A 13 ? ARG A 16 HIS A 21 
AA2 3 LEU A 16 ? LYS A 28 ? LEU A 24 LYS A 36 
AA2 4 LEU B 16 ? LYS B 28 ? LEU B 24 LYS B 36 
AA2 5 ARG B 8  ? HIS B 13 ? ARG B 16 HIS B 21 
AA2 6 LEU B 54 ? LYS B 56 ? LEU B 62 LYS B 64 
# 
loop_
_pdbx_struct_sheet_hbond.sheet_id 
_pdbx_struct_sheet_hbond.range_id_1 
_pdbx_struct_sheet_hbond.range_id_2 
_pdbx_struct_sheet_hbond.range_1_label_atom_id 
_pdbx_struct_sheet_hbond.range_1_label_comp_id 
_pdbx_struct_sheet_hbond.range_1_label_asym_id 
_pdbx_struct_sheet_hbond.range_1_label_seq_id 
_pdbx_struct_sheet_hbond.range_1_PDB_ins_code 
_pdbx_struct_sheet_hbond.range_1_auth_atom_id 
_pdbx_struct_sheet_hbond.range_1_auth_comp_id 
_pdbx_struct_sheet_hbond.range_1_auth_asym_id 
_pdbx_struct_sheet_hbond.range_1_auth_seq_id 
_pdbx_struct_sheet_hbond.range_2_label_atom_id 
_pdbx_struct_sheet_hbond.range_2_label_comp_id 
_pdbx_struct_sheet_hbond.range_2_label_asym_id 
_pdbx_struct_sheet_hbond.range_2_label_seq_id 
_pdbx_struct_sheet_hbond.range_2_PDB_ins_code 
_pdbx_struct_sheet_hbond.range_2_auth_atom_id 
_pdbx_struct_sheet_hbond.range_2_auth_comp_id 
_pdbx_struct_sheet_hbond.range_2_auth_asym_id 
_pdbx_struct_sheet_hbond.range_2_auth_seq_id 
AA1 1 2 O GLU A 47 ? O GLU A 55 N VAL A 36 ? N VAL A 44 
AA1 2 3 O HIS A 35 ? O HIS A 43 N GLN A 23 ? N GLN A 31 
AA1 3 4 N ASN A 27 ? N ASN A 35 O ASN B 27 ? O ASN B 35 
AA1 4 5 N GLN B 23 ? N GLN B 31 O HIS B 35 ? O HIS B 43 
AA1 5 6 N VAL B 36 ? N VAL B 44 O GLU B 47 ? O GLU B 55 
AA2 1 2 O LEU A 55 ? O LEU A 63 N LEU A 10 ? N LEU A 18 
AA2 2 3 N ALA A 11 ? N ALA A 19 O TYR A 18 ? O TYR A 26 
AA2 3 4 N ASN A 27 ? N ASN A 35 O ASN B 27 ? O ASN B 35 
AA2 4 5 O ALA B 20 ? O ALA B 28 N VAL B 9  ? N VAL B 17 
AA2 5 6 N LEU B 10 ? N LEU B 18 O LEU B 55 ? O LEU B 63 
# 
loop_
_struct_site.id 
_struct_site.pdbx_evidence_code 
_struct_site.pdbx_auth_asym_id 
_struct_site.pdbx_auth_comp_id 
_struct_site.pdbx_auth_seq_id 
_struct_site.pdbx_auth_ins_code 
_struct_site.pdbx_num_residues 
_struct_site.details 
AC1 Software B SO4 101 ? 6 'binding site for residue SO4 B 101' 
AC2 Software B SO4 102 ? 9 'binding site for residue SO4 B 102' 
AC3 Software B EDO 103 ? 7 'binding site for residue EDO B 103' 
AC4 Software B EDO 104 ? 6 'binding site for residue EDO B 104' 
# 
loop_
_struct_site_gen.id 
_struct_site_gen.site_id 
_struct_site_gen.pdbx_num_res 
_struct_site_gen.label_comp_id 
_struct_site_gen.label_asym_id 
_struct_site_gen.label_seq_id 
_struct_site_gen.pdbx_auth_ins_code 
_struct_site_gen.auth_comp_id 
_struct_site_gen.auth_asym_id 
_struct_site_gen.auth_seq_id 
_struct_site_gen.label_atom_id 
_struct_site_gen.label_alt_id 
_struct_site_gen.symmetry 
_struct_site_gen.details 
1  AC1 6 THR B 58 ? THR B 66  . ? 1_555 ? 
2  AC1 6 ASP B 59 ? ASP B 67  . ? 1_555 ? 
3  AC1 6 HOH H .  ? HOH B 206 . ? 1_555 ? 
4  AC1 6 HOH H .  ? HOH B 212 . ? 1_555 ? 
5  AC1 6 HOH H .  ? HOH B 225 . ? 1_555 ? 
6  AC1 6 HOH H .  ? HOH B 235 . ? 1_555 ? 
7  AC2 9 SER B 42 ? SER B 50  . ? 1_555 ? 
8  AC2 9 LYS B 43 ? LYS B 51  . ? 1_555 ? 
9  AC2 9 HOH H .  ? HOH B 203 . ? 1_555 ? 
10 AC2 9 HOH H .  ? HOH B 205 . ? 1_555 ? 
11 AC2 9 HOH H .  ? HOH B 247 . ? 1_555 ? 
12 AC2 9 HOH H .  ? HOH B 261 . ? 1_555 ? 
13 AC2 9 HOH H .  ? HOH B 262 . ? 1_555 ? 
14 AC2 9 HOH H .  ? HOH B 265 . ? 1_555 ? 
15 AC2 9 HOH H .  ? HOH B 271 . ? 1_555 ? 
16 AC3 7 TYR A 18 ? TYR A 26  . ? 1_654 ? 
17 AC3 7 GLU A 19 ? GLU A 27  . ? 1_654 ? 
18 AC3 7 LEU B 17 ? LEU B 25  . ? 1_555 ? 
19 AC3 7 GLU B 69 ? GLU B 77  . ? 1_555 ? 
20 AC3 7 HOH H .  ? HOH B 202 . ? 1_555 ? 
21 AC3 7 HOH H .  ? HOH B 239 . ? 1_555 ? 
22 AC3 7 HOH H .  ? HOH B 253 . ? 1_555 ? 
23 AC4 6 LEU A 17 ? LEU A 25  . ? 1_654 ? 
24 AC4 6 GLU A 69 ? GLU A 77  . ? 1_654 ? 
25 AC4 6 TYR B 18 ? TYR B 26  . ? 1_555 ? 
26 AC4 6 GLU B 19 ? GLU B 27  . ? 1_555 ? 
27 AC4 6 HOH H .  ? HOH B 251 . ? 1_555 ? 
28 AC4 6 HOH H .  ? HOH B 254 . ? 1_555 ? 
# 
_atom_sites.entry_id                    5IN1 
_atom_sites.fract_transf_matrix[1][1]   0.01316073 
_atom_sites.fract_transf_matrix[1][2]   0.01620901 
_atom_sites.fract_transf_matrix[1][3]   0.02455816 
_atom_sites.fract_transf_matrix[2][1]   0.00817772 
_atom_sites.fract_transf_matrix[2][2]   0.00976967 
_atom_sites.fract_transf_matrix[2][3]   -0.01083068 
_atom_sites.fract_transf_matrix[3][1]   -0.01673440 
_atom_sites.fract_transf_matrix[3][2]   0.01844775 
_atom_sites.fract_transf_matrix[3][3]   0.00400522 
_atom_sites.fract_transf_vector[1]      0.322187 
_atom_sites.fract_transf_vector[2]      -0.114118 
_atom_sites.fract_transf_vector[3]      0.028990 
# 
loop_
_atom_type.symbol 
C 
N 
O 
S 
# 
loop_
_atom_site.group_PDB 
_atom_site.id 
_atom_site.type_symbol 
_atom_site.label_atom_id 
_atom_site.label_alt_id 
_atom_site.label_comp_id 
_atom_site.label_asym_id 
_atom_site.label_entity_id 
_atom_site.label_seq_id 
_atom_site.pdbx_PDB_ins_code 
_atom_site.Cartn_x 
_atom_site.Cartn_y 
_atom_site.Cartn_z 
_atom_site.occupancy 
_atom_site.B_iso_or_equiv 
_atom_site.pdbx_formal_charge 
_atom_site.auth_seq_id 
_atom_site.auth_comp_id 
_atom_site.auth_asym_id 
_atom_site.auth_atom_id 
_atom_site.pdbx_PDB_model_num 
ATOM   1    N N   . SER A 1 2  ? -7.461  -1.980  0.979   1.00 22.92 ?  10  SER A N   1 
ATOM   2    C CA  . SER A 1 2  ? -7.243  -1.077  -0.148  1.00 18.99 ?  10  SER A CA  1 
ATOM   3    C C   . SER A 1 2  ? -7.866  -1.643  -1.422  1.00 19.90 ?  10  SER A C   1 
ATOM   4    O O   . SER A 1 2  ? -7.894  -2.854  -1.629  1.00 21.06 ?  10  SER A O   1 
ATOM   5    C CB  . SER A 1 2  ? -5.751  -0.831  -0.362  1.00 20.19 ?  10  SER A CB  1 
ATOM   6    O OG  . SER A 1 2  ? -5.076  -2.043  -0.646  1.00 21.10 ?  10  SER A OG  1 
ATOM   7    N N   . PHE A 1 3  ? -8.352  -0.762  -2.287  1.00 11.24 ?  11  PHE A N   1 
ATOM   8    C CA  . PHE A 1 3  ? -9.025  -1.202  -3.504  1.00 10.42 ?  11  PHE A CA  1 
ATOM   9    C C   . PHE A 1 3  ? -7.999  -1.695  -4.516  1.00 11.59 ?  11  PHE A C   1 
ATOM   10   O O   . PHE A 1 3  ? -6.845  -1.240  -4.529  1.00 12.77 ?  11  PHE A O   1 
ATOM   11   C CB  . PHE A 1 3  ? -9.867  -0.071  -4.113  1.00 10.28 ?  11  PHE A CB  1 
ATOM   12   C CG  . PHE A 1 3  ? -10.911 0.484   -3.187  1.00 9.66  ?  11  PHE A CG  1 
ATOM   13   C CD1 . PHE A 1 3  ? -12.069 -0.223  -2.909  1.00 13.90 ?  11  PHE A CD1 1 
ATOM   14   C CD2 . PHE A 1 3  ? -10.750 1.734   -2.615  1.00 11.60 ?  11  PHE A CD2 1 
ATOM   15   C CE1 . PHE A 1 3  ? -13.030 0.305   -2.069  1.00 15.34 ?  11  PHE A CE1 1 
ATOM   16   C CE2 . PHE A 1 3  ? -11.711 2.257   -1.767  1.00 14.39 ?  11  PHE A CE2 1 
ATOM   17   C CZ  . PHE A 1 3  ? -12.844 1.546   -1.492  1.00 13.00 ?  11  PHE A CZ  1 
ATOM   18   N N   . LYS A 1 4  ? -8.423  -2.615  -5.366  1.00 14.55 ?  12  LYS A N   1 
ATOM   19   C CA  . LYS A 1 4  ? -7.522  -3.261  -6.313  1.00 13.76 ?  12  LYS A CA  1 
ATOM   20   C C   . LYS A 1 4  ? -7.825  -2.846  -7.741  1.00 11.22 ?  12  LYS A C   1 
ATOM   21   O O   . LYS A 1 4  ? -8.955  -2.455  -8.071  1.00 11.03 ?  12  LYS A O   1 
ATOM   22   C CB  . LYS A 1 4  ? -7.622  -4.786  -6.194  1.00 19.72 ?  12  LYS A CB  1 
ATOM   23   C CG  . LYS A 1 4  ? -7.278  -5.318  -4.820  1.00 19.59 ?  12  LYS A CG  1 
ATOM   24   C CD  . LYS A 1 4  ? -5.796  -5.109  -4.510  1.00 25.14 ?  12  LYS A CD  1 
ATOM   25   C CE  . LYS A 1 4  ? -5.366  -5.770  -3.198  1.00 26.40 ?  12  LYS A CE  1 
ATOM   26   N NZ  . LYS A 1 4  ? -5.655  -4.915  -2.006  1.00 29.49 ?  12  LYS A NZ  1 
ATOM   27   N N   . GLU A 1 5  ? -6.819  -2.942  -8.598  1.00 11.90 ?  13  GLU A N   1 
ATOM   28   C CA  . GLU A 1 5  ? -6.990  -2.694  -10.012 1.00 12.77 ?  13  GLU A CA  1 
ATOM   29   C C   . GLU A 1 5  ? -8.132  -3.550  -10.546 1.00 12.13 ?  13  GLU A C   1 
ATOM   30   O O   . GLU A 1 5  ? -8.199  -4.747  -10.277 1.00 12.79 ?  13  GLU A O   1 
ATOM   31   C CB  . GLU A 1 5  ? -5.700  -3.003  -10.769 1.00 16.76 ?  13  GLU A CB  1 
ATOM   32   C CG  . GLU A 1 5  ? -5.762  -2.639  -12.216 1.00 18.98 ?  13  GLU A CG  1 
ATOM   33   C CD  . GLU A 1 5  ? -4.530  -3.075  -12.966 1.00 25.26 ?  13  GLU A CD  1 
ATOM   34   O OE1 . GLU A 1 5  ? -3.448  -3.117  -12.340 1.00 30.04 ?  13  GLU A OE1 1 
ATOM   35   O OE2 . GLU A 1 5  ? -4.656  -3.410  -14.165 1.00 29.63 -1 13  GLU A OE2 1 
ATOM   36   N N   . GLY A 1 6  ? -9.042  -2.933  -11.287 1.00 10.67 ?  14  GLY A N   1 
ATOM   37   C CA  . GLY A 1 6  ? -10.162 -3.655  -11.858 1.00 11.77 ?  14  GLY A CA  1 
ATOM   38   C C   . GLY A 1 6  ? -11.407 -3.652  -10.986 1.00 11.04 ?  14  GLY A C   1 
ATOM   39   O O   . GLY A 1 6  ? -12.474 -3.988  -11.457 1.00 10.80 ?  14  GLY A O   1 
ATOM   40   N N   . GLU A 1 7  ? -11.276 -3.258  -9.726  1.00 8.88  ?  15  GLU A N   1 
ATOM   41   C CA  . GLU A 1 7  ? -12.394 -3.325  -8.796  1.00 9.45  ?  15  GLU A CA  1 
ATOM   42   C C   . GLU A 1 7  ? -13.424 -2.247  -9.103  1.00 8.46  ?  15  GLU A C   1 
ATOM   43   O O   . GLU A 1 7  ? -13.072 -1.094  -9.364  1.00 7.74  ?  15  GLU A O   1 
ATOM   44   C CB  . GLU A 1 7  ? -11.899 -3.184  -7.353  1.00 9.56  ?  15  GLU A CB  1 
ATOM   45   C CG  . GLU A 1 7  ? -12.975 -3.392  -6.297  1.00 9.38  ?  15  GLU A CG  1 
ATOM   46   C CD  . GLU A 1 7  ? -12.417 -3.391  -4.882  1.00 12.43 ?  15  GLU A CD  1 
ATOM   47   O OE1 . GLU A 1 7  ? -11.171 -3.458  -4.730  1.00 13.60 ?  15  GLU A OE1 1 
ATOM   48   O OE2 . GLU A 1 7  ? -13.217 -3.333  -3.927  1.00 11.82 -1 15  GLU A OE2 1 
ATOM   49   N N   . ARG A 1 8  ? -14.687 -2.641  -9.117  1.00 7.68  ?  16  ARG A N   1 
ATOM   50   C CA  . ARG A 1 8  ? -15.768 -1.677  -9.219  1.00 7.90  ?  16  ARG A CA  1 
ATOM   51   C C   . ARG A 1 8  ? -16.088 -1.145  -7.835  1.00 7.83  ?  16  ARG A C   1 
ATOM   52   O O   . ARG A 1 8  ? -16.196 -1.915  -6.874  1.00 7.83  ?  16  ARG A O   1 
ATOM   53   C CB  . ARG A 1 8  ? -16.995 -2.319  -9.867  1.00 9.19  ?  16  ARG A CB  1 
ATOM   54   C CG  . ARG A 1 8  ? -17.005 -2.221  -11.411 1.00 16.11 ?  16  ARG A CG  1 
ATOM   55   C CD  . ARG A 1 8  ? -15.820 -2.901  -12.092 1.00 23.37 ?  16  ARG A CD  1 
ATOM   56   N NE  . ARG A 1 8  ? -15.930 -2.812  -13.550 1.00 26.41 ?  16  ARG A NE  1 
ATOM   57   C CZ  . ARG A 1 8  ? -14.940 -3.057  -14.404 1.00 25.42 ?  16  ARG A CZ  1 
ATOM   58   N NH1 . ARG A 1 8  ? -13.736 -3.401  -13.964 1.00 21.61 1  16  ARG A NH1 1 
ATOM   59   N NH2 . ARG A 1 8  ? -15.156 -2.950  -15.711 1.00 26.04 ?  16  ARG A NH2 1 
ATOM   60   N N   . VAL A 1 9  ? -16.228 0.181   -7.752  1.00 6.25  ?  17  VAL A N   1 
ATOM   61   C CA  . VAL A 1 9  ? -16.447 0.906   -6.504  1.00 6.10  ?  17  VAL A CA  1 
ATOM   62   C C   . VAL A 1 9  ? -17.549 1.928   -6.732  1.00 4.63  ?  17  VAL A C   1 
ATOM   63   O O   . VAL A 1 9  ? -17.993 2.129   -7.865  1.00 6.06  ?  17  VAL A O   1 
ATOM   64   C CB  . VAL A 1 9  ? -15.165 1.620   -6.015  1.00 5.94  ?  17  VAL A CB  1 
ATOM   65   C CG1 . VAL A 1 9  ? -14.047 0.604   -5.759  1.00 8.38  ?  17  VAL A CG1 1 
ATOM   66   C CG2 . VAL A 1 9  ? -14.691 2.676   -7.013  1.00 7.80  ?  17  VAL A CG2 1 
ATOM   67   N N   . LEU A 1 10 ? -17.991 2.559   -5.653  1.00 5.38  ?  18  LEU A N   1 
ATOM   68   C CA  . LEU A 1 10 ? -18.808 3.767   -5.730  1.00 5.51  ?  18  LEU A CA  1 
ATOM   69   C C   . LEU A 1 10 ? -17.909 4.969   -5.468  1.00 4.64  ?  18  LEU A C   1 
ATOM   70   O O   . LEU A 1 10 ? -17.035 4.917   -4.596  1.00 6.59  ?  18  LEU A O   1 
ATOM   71   C CB  . LEU A 1 10 ? -19.959 3.713   -4.729  1.00 5.77  ?  18  LEU A CB  1 
ATOM   72   C CG  . LEU A 1 10 ? -20.953 2.596   -5.004  1.00 5.42  ?  18  LEU A CG  1 
ATOM   73   C CD1 . LEU A 1 10 ? -21.921 2.426   -3.850  1.00 9.71  ?  18  LEU A CD1 1 
ATOM   74   C CD2 . LEU A 1 10 ? -21.709 2.850   -6.301  1.00 7.31  ?  18  LEU A CD2 1 
ATOM   75   N N   . ALA A 1 11 ? -18.093 6.034   -6.231  1.00 4.63  ?  19  ALA A N   1 
ATOM   76   C CA  . ALA A 1 11 ? -17.281 7.244   -6.108  1.00 5.05  ?  19  ALA A CA  1 
ATOM   77   C C   . ALA A 1 11 ? -18.171 8.475   -6.093  1.00 4.95  ?  19  ALA A C   1 
ATOM   78   O O   . ALA A 1 11 ? -19.083 8.623   -6.913  1.00 5.01  ?  19  ALA A O   1 
ATOM   79   C CB  . ALA A 1 11 ? -16.283 7.346   -7.254  1.00 6.76  ?  19  ALA A CB  1 
ATOM   80   N N   . TYR A 1 12 ? -17.907 9.372   -5.154  1.00 4.79  ?  20  TYR A N   1 
ATOM   81   C CA  . TYR A 1 12 ? -18.534 10.679  -5.174  1.00 4.96  ?  20  TYR A CA  1 
ATOM   82   C C   . TYR A 1 12 ? -18.020 11.499  -6.346  1.00 6.15  ?  20  TYR A C   1 
ATOM   83   O O   . TYR A 1 12 ? -16.829 11.513  -6.642  1.00 8.48  ?  20  TYR A O   1 
ATOM   84   C CB  . TYR A 1 12 ? -18.280 11.428  -3.870  1.00 6.20  ?  20  TYR A CB  1 
ATOM   85   C CG  . TYR A 1 12 ? -19.127 10.967  -2.717  1.00 5.97  ?  20  TYR A CG  1 
ATOM   86   C CD1 . TYR A 1 12 ? -20.488 11.185  -2.719  1.00 5.21  ?  20  TYR A CD1 1 
ATOM   87   C CD2 . TYR A 1 12 ? -18.567 10.315  -1.618  1.00 6.48  ?  20  TYR A CD2 1 
ATOM   88   C CE1 . TYR A 1 12 ? -21.291 10.779  -1.668  1.00 5.16  ?  20  TYR A CE1 1 
ATOM   89   C CE2 . TYR A 1 12 ? -19.361 9.911   -0.560  1.00 6.88  ?  20  TYR A CE2 1 
ATOM   90   C CZ  . TYR A 1 12 ? -20.715 10.158  -0.586  1.00 6.51  ?  20  TYR A CZ  1 
ATOM   91   O OH  . TYR A 1 12 ? -21.533 9.752   0.463   1.00 10.64 ?  20  TYR A OH  1 
ATOM   92   N N   . HIS A 1 13 ? -18.927 12.183  -7.018  1.00 5.86  ?  21  HIS A N   1 
ATOM   93   C CA  . HIS A 1 13 ? -18.533 13.224  -7.954  1.00 7.47  ?  21  HIS A CA  1 
ATOM   94   C C   . HIS A 1 13 ? -19.574 14.293  -7.743  1.00 8.33  ?  21  HIS A C   1 
ATOM   95   O O   . HIS A 1 13 ? -20.678 14.200  -8.260  1.00 8.21  ?  21  HIS A O   1 
ATOM   96   C CB  . HIS A 1 13 ? -18.500 12.729  -9.398  1.00 9.15  ?  21  HIS A CB  1 
ATOM   97   C CG  . HIS A 1 13 ? -17.592 13.524  -10.276 1.00 9.97  ?  21  HIS A CG  1 
ATOM   98   N ND1 . HIS A 1 13 ? -18.003 14.666  -10.924 1.00 17.00 ?  21  HIS A ND1 1 
ATOM   99   C CD2 . HIS A 1 13 ? -16.286 13.355  -10.599 1.00 16.39 ?  21  HIS A CD2 1 
ATOM   100  C CE1 . HIS A 1 13 ? -16.998 15.158  -11.624 1.00 16.79 ?  21  HIS A CE1 1 
ATOM   101  N NE2 . HIS A 1 13 ? -15.944 14.385  -11.443 1.00 18.85 ?  21  HIS A NE2 1 
ATOM   102  N N   . GLY A 1 14 ? -19.258 15.279  -6.917  1.00 9.73  ?  22  GLY A N   1 
ATOM   103  C CA  . GLY A 1 14 ? -20.331 16.044  -6.322  1.00 8.57  ?  22  GLY A CA  1 
ATOM   104  C C   . GLY A 1 14 ? -21.040 15.147  -5.326  1.00 6.65  ?  22  GLY A C   1 
ATOM   105  O O   . GLY A 1 14 ? -20.512 14.113  -4.932  1.00 7.49  ?  22  GLY A O   1 
ATOM   106  N N   . PRO A 1 15 ? -22.251 15.533  -4.914  1.00 5.99  ?  23  PRO A N   1 
ATOM   107  C CA  . PRO A 1 15 ? -22.900 14.880  -3.774  1.00 6.57  ?  23  PRO A CA  1 
ATOM   108  C C   . PRO A 1 15 ? -23.509 13.513  -4.055  1.00 7.97  ?  23  PRO A C   1 
ATOM   109  O O   . PRO A 1 15 ? -23.957 12.874  -3.106  1.00 12.34 ?  23  PRO A O   1 
ATOM   110  C CB  . PRO A 1 15 ? -23.980 15.891  -3.369  1.00 9.34  ?  23  PRO A CB  1 
ATOM   111  C CG  . PRO A 1 15 ? -24.261 16.629  -4.635  1.00 10.34 ?  23  PRO A CG  1 
ATOM   112  C CD  . PRO A 1 15 ? -22.962 16.747  -5.348  1.00 8.45  ?  23  PRO A CD  1 
ATOM   113  N N   . LEU A 1 16 ? -23.517 13.055  -5.298  1.00 6.37  ?  24  LEU A N   1 
ATOM   114  C CA  . LEU A 1 16 ? -24.088 11.746  -5.598  1.00 6.16  ?  24  LEU A CA  1 
ATOM   115  C C   . LEU A 1 16 ? -22.983 10.721  -5.787  1.00 4.22  ?  24  LEU A C   1 
ATOM   116  O O   . LEU A 1 16 ? -21.842 11.070  -6.105  1.00 5.25  ?  24  LEU A O   1 
ATOM   117  C CB  . LEU A 1 16 ? -24.982 11.795  -6.853  1.00 5.75  ?  24  LEU A CB  1 
ATOM   118  C CG  . LEU A 1 16 ? -26.155 12.775  -6.803  1.00 6.25  ?  24  LEU A CG  1 
ATOM   119  C CD1 . LEU A 1 16 ? -26.903 12.773  -8.123  1.00 8.64  ?  24  LEU A CD1 1 
ATOM   120  C CD2 . LEU A 1 16 ? -27.094 12.385  -5.667  1.00 9.42  ?  24  LEU A CD2 1 
ATOM   121  N N   . LEU A 1 17 ? -23.348 9.452   -5.637  1.00 4.94  ?  25  LEU A N   1 
ATOM   122  C CA  . LEU A 1 17 ? -22.427 8.346   -5.839  1.00 4.10  ?  25  LEU A CA  1 
ATOM   123  C C   . LEU A 1 17 ? -22.574 7.717   -7.219  1.00 4.55  ?  25  LEU A C   1 
ATOM   124  O O   . LEU A 1 17 ? -23.689 7.403   -7.640  1.00 5.69  ?  25  LEU A O   1 
ATOM   125  C CB  . LEU A 1 17 ? -22.663 7.279   -4.773  1.00 4.70  ?  25  LEU A CB  1 
ATOM   126  C CG  . LEU A 1 17 ? -22.158 7.660   -3.377  1.00 4.90  ?  25  LEU A CG  1 
ATOM   127  C CD1 . LEU A 1 17 ? -22.734 6.726   -2.331  1.00 6.19  ?  25  LEU A CD1 1 
ATOM   128  C CD2 . LEU A 1 17 ? -20.623 7.640   -3.349  1.00 7.00  ?  25  LEU A CD2 1 
ATOM   129  N N   . TYR A 1 18 ? -21.442 7.478   -7.886  1.00 4.38  ?  26  TYR A N   1 
ATOM   130  C CA  . TYR A 1 18 ? -21.435 6.896   -9.234  1.00 3.71  ?  26  TYR A CA  1 
ATOM   131  C C   . TYR A 1 18 ? -20.583 5.633   -9.245  1.00 4.10  ?  26  TYR A C   1 
ATOM   132  O O   . TYR A 1 18 ? -19.547 5.556   -8.563  1.00 4.35  ?  26  TYR A O   1 
ATOM   133  C CB  . TYR A 1 18 ? -20.884 7.897   -10.259 1.00 4.64  ?  26  TYR A CB  1 
ATOM   134  C CG  . TYR A 1 18 ? -21.673 9.177   -10.310 1.00 4.26  ?  26  TYR A CG  1 
ATOM   135  C CD1 . TYR A 1 18 ? -22.723 9.340   -11.200 1.00 5.32  ?  26  TYR A CD1 1 
ATOM   136  C CD2 . TYR A 1 18 ? -21.396 10.216  -9.425  1.00 4.71  ?  26  TYR A CD2 1 
ATOM   137  C CE1 . TYR A 1 18 ? -23.469 10.505  -11.221 1.00 5.20  ?  26  TYR A CE1 1 
ATOM   138  C CE2 . TYR A 1 18 ? -22.148 11.385  -9.434  1.00 5.44  ?  26  TYR A CE2 1 
ATOM   139  C CZ  . TYR A 1 18 ? -23.165 11.518  -10.335 1.00 4.61  ?  26  TYR A CZ  1 
ATOM   140  O OH  . TYR A 1 18 ? -23.884 12.683  -10.340 1.00 6.45  ?  26  TYR A OH  1 
ATOM   141  N N   . GLU A 1 19 ? -20.995 4.632   -10.007 1.00 4.18  ?  27  GLU A N   1 
ATOM   142  C CA  . GLU A 1 19 ? -20.135 3.476   -10.149 1.00 4.80  ?  27  GLU A CA  1 
ATOM   143  C C   . GLU A 1 19 ? -18.883 3.860   -10.933 1.00 5.32  ?  27  GLU A C   1 
ATOM   144  O O   . GLU A 1 19 ? -18.949 4.603   -11.921 1.00 5.45  ?  27  GLU A O   1 
ATOM   145  C CB  . GLU A 1 19 ? -20.866 2.315   -10.825 1.00 4.35  ?  27  GLU A CB  1 
ATOM   146  C CG  . GLU A 1 19 ? -20.132 1.003   -10.572 1.00 6.13  ?  27  GLU A CG  1 
ATOM   147  C CD  . GLU A 1 19 ? -20.880 -0.231  -11.063 1.00 6.02  ?  27  GLU A CD  1 
ATOM   148  O OE1 . GLU A 1 19 ? -21.758 -0.115  -11.940 1.00 6.24  ?  27  GLU A OE1 1 
ATOM   149  O OE2 . GLU A 1 19 ? -20.570 -1.331  -10.537 1.00 8.20  -1 27  GLU A OE2 1 
ATOM   150  N N   . ALA A 1 20 ? -17.746 3.348   -10.478 1.00 5.30  ?  28  ALA A N   1 
ATOM   151  C CA  . ALA A 1 20 ? -16.459 3.628   -11.093 1.00 4.53  ?  28  ALA A CA  1 
ATOM   152  C C   . ALA A 1 20 ? -15.626 2.374   -11.051 1.00 5.66  ?  28  ALA A C   1 
ATOM   153  O O   . ALA A 1 20 ? -15.942 1.444   -10.308 1.00 6.21  ?  28  ALA A O   1 
ATOM   154  C CB  . ALA A 1 20 ? -15.737 4.775   -10.364 1.00 6.95  ?  28  ALA A CB  1 
ATOM   155  N N   . LYS A 1 21 ? -14.552 2.346   -11.830 1.00 5.71  ?  29  LYS A N   1 
ATOM   156  C CA  . LYS A 1 21 ? -13.617 1.243   -11.742 1.00 7.13  ?  29  LYS A CA  1 
ATOM   157  C C   . LYS A 1 21 ? -12.211 1.764   -11.465 1.00 6.85  ?  29  LYS A C   1 
ATOM   158  O O   . LYS A 1 21 ? -11.774 2.790   -12.004 1.00 6.67  ?  29  LYS A O   1 
ATOM   159  C CB  . LYS A 1 21 ? -13.641 0.404   -13.009 1.00 10.95 ?  29  LYS A CB  1 
ATOM   160  C CG  . LYS A 1 21 ? -13.230 1.147   -14.234 1.00 16.61 ?  29  LYS A CG  1 
ATOM   161  C CD  . LYS A 1 21 ? -13.219 0.223   -15.438 1.00 23.11 ?  29  LYS A CD  1 
ATOM   162  C CE  . LYS A 1 21 ? -13.176 1.014   -16.733 1.00 25.29 ?  29  LYS A CE  1 
ATOM   163  N NZ  . LYS A 1 21 ? -14.412 0.823   -17.543 1.00 26.55 1  29  LYS A NZ  1 
ATOM   164  N N   . VAL A 1 22 ? -11.503 1.042   -10.612 1.00 6.93  ?  30  VAL A N   1 
ATOM   165  C CA  . VAL A 1 22 ? -10.123 1.376   -10.288 1.00 7.09  ?  30  VAL A CA  1 
ATOM   166  C C   . VAL A 1 22 ? -9.201  0.923   -11.418 1.00 7.47  ?  30  VAL A C   1 
ATOM   167  O O   . VAL A 1 22 ? -9.162  -0.259  -11.749 1.00 9.70  ?  30  VAL A O   1 
ATOM   168  C CB  . VAL A 1 22 ? -9.698  0.721   -8.966  1.00 8.52  ?  30  VAL A CB  1 
ATOM   169  C CG1 . VAL A 1 22 ? -8.219  1.012   -8.684  1.00 8.15  ?  30  VAL A CG1 1 
ATOM   170  C CG2 . VAL A 1 22 ? -10.575 1.201   -7.837  1.00 11.40 ?  30  VAL A CG2 1 
ATOM   171  N N   . GLN A 1 23 ? -8.496  1.873   -12.020 1.00 7.92  ?  31  GLN A N   1 
ATOM   172  C CA  . GLN A 1 23 ? -7.551  1.608   -13.106 1.00 8.93  ?  31  GLN A CA  1 
ATOM   173  C C   . GLN A 1 23 ? -6.164  1.303   -12.554 1.00 10.79 ?  31  GLN A C   1 
ATOM   174  O O   . GLN A 1 23 ? -5.459  0.447   -13.082 1.00 15.31 ?  31  GLN A O   1 
ATOM   175  C CB  . GLN A 1 23 ? -7.465  2.800   -14.057 1.00 8.81  ?  31  GLN A CB  1 
ATOM   176  C CG  . GLN A 1 23 ? -8.758  3.113   -14.794 1.00 10.32 ?  31  GLN A CG  1 
ATOM   177  C CD  . GLN A 1 23 ? -8.732  4.485   -15.427 1.00 9.95  ?  31  GLN A CD  1 
ATOM   178  O OE1 . GLN A 1 23 ? -8.408  5.478   -14.769 1.00 11.97 ?  31  GLN A OE1 1 
ATOM   179  N NE2 . GLN A 1 23 ? -9.068  4.557   -16.707 1.00 12.85 ?  31  GLN A NE2 1 
ATOM   180  N N   . LYS A 1 24 ? -5.775  2.022   -11.503 1.00 9.12  ?  32  LYS A N   1 
ATOM   181  C CA  . LYS A 1 24 ? -4.454  1.881   -10.887 1.00 10.85 ?  32  LYS A CA  1 
ATOM   182  C C   . LYS A 1 24 ? -4.546  2.230   -9.408  1.00 8.73  ?  32  LYS A C   1 
ATOM   183  O O   . LYS A 1 24 ? -5.306  3.117   -9.035  1.00 8.44  ?  32  LYS A O   1 
ATOM   184  C CB  . LYS A 1 24 ? -3.434  2.784   -11.598 1.00 16.57 ?  32  LYS A CB  1 
ATOM   185  C CG  . LYS A 1 24 ? -2.945  2.217   -12.935 1.00 27.18 ?  32  LYS A CG  1 
ATOM   186  C CD  . LYS A 1 24 ? -2.023  3.163   -13.705 1.00 29.16 ?  32  LYS A CD  1 
ATOM   187  C CE  . LYS A 1 24 ? -2.166  2.954   -15.217 1.00 33.07 ?  32  LYS A CE  1 
ATOM   188  N NZ  . LYS A 1 24 ? -0.957  2.358   -15.863 1.00 35.90 1  32  LYS A NZ  1 
ATOM   189  N N   . SER A 1 25 ? -3.773  1.534   -8.576  1.00 8.86  ?  33  SER A N   1 
ATOM   190  C CA  . SER A 1 25 ? -3.671  1.824   -7.148  1.00 7.87  ?  33  SER A CA  1 
ATOM   191  C C   . SER A 1 25 ? -2.207  2.084   -6.808  1.00 9.09  ?  33  SER A C   1 
ATOM   192  O O   . SER A 1 25 ? -1.322  1.349   -7.254  1.00 10.79 ?  33  SER A O   1 
ATOM   193  C CB  . SER A 1 25 ? -4.198  0.663   -6.297  1.00 8.84  ?  33  SER A CB  1 
ATOM   194  O OG  . SER A 1 25 ? -5.510  0.269   -6.691  1.00 11.95 ?  33  SER A OG  1 
ATOM   195  N N   . GLU A 1 26 ? -1.946  3.132   -6.034  1.00 7.67  ?  34  GLU A N   1 
ATOM   196  C CA  . GLU A 1 26 ? -0.580  3.438   -5.598  1.00 8.69  ?  34  GLU A CA  1 
ATOM   197  C C   . GLU A 1 26 ? -0.578  3.879   -4.156  1.00 8.28  ?  34  GLU A C   1 
ATOM   198  O O   . GLU A 1 26 ? -1.542  4.486   -3.692  1.00 8.63  ?  34  GLU A O   1 
ATOM   199  C CB  . GLU A 1 26 ? 0.050   4.536   -6.457  1.00 9.22  ?  34  GLU A CB  1 
ATOM   200  C CG  . GLU A 1 26 ? 0.278   4.164   -7.914  1.00 13.06 ?  34  GLU A CG  1 
ATOM   201  C CD  . GLU A 1 26 ? 0.777   5.342   -8.731  1.00 12.45 ?  34  GLU A CD  1 
ATOM   202  O OE1 . GLU A 1 26 ? 0.910   6.445   -8.159  1.00 13.16 ?  34  GLU A OE1 1 
ATOM   203  O OE2 . GLU A 1 26 ? 1.028   5.168   -9.940  1.00 16.48 -1 34  GLU A OE2 1 
ATOM   204  N N   . ASN A 1 27 ? 0.512   3.592   -3.442  1.00 10.44 ?  35  ASN A N   1 
ATOM   205  C CA  . ASN A 1 27 ? 0.664   4.083   -2.079  1.00 11.98 ?  35  ASN A CA  1 
ATOM   206  C C   . ASN A 1 27 ? 2.004   4.768   -1.906  1.00 11.90 ?  35  ASN A C   1 
ATOM   207  O O   . ASN A 1 27 ? 3.043   4.200   -2.242  1.00 11.56 ?  35  ASN A O   1 
ATOM   208  C CB  . ASN A 1 27 ? 0.498   2.934   -1.072  1.00 12.11 ?  35  ASN A CB  1 
ATOM   209  C CG  . ASN A 1 27 ? 0.436   3.413   0.364   1.00 13.04 ?  35  ASN A CG  1 
ATOM   210  O OD1 . ASN A 1 27 ? 1.325   4.124   0.842   1.00 14.45 ?  35  ASN A OD1 1 
ATOM   211  N ND2 . ASN A 1 27 ? -0.624  3.037   1.064   1.00 12.80 ?  35  ASN A ND2 1 
ATOM   212  N N   . LYS A 1 28 ? 1.959   6.001   -1.404  1.00 10.61 ?  36  LYS A N   1 
ATOM   213  C CA  . LYS A 1 28 ? 3.132   6.731   -0.931  1.00 11.76 ?  36  LYS A CA  1 
ATOM   214  C C   . LYS A 1 28 ? 2.733   7.464   0.324   1.00 13.97 ?  36  LYS A C   1 
ATOM   215  O O   . LYS A 1 28 ? 1.569   7.842   0.482   1.00 14.20 ?  36  LYS A O   1 
ATOM   216  C CB  . LYS A 1 28 ? 3.650   7.731   -1.965  1.00 19.38 ?  36  LYS A CB  1 
ATOM   217  C CG  . LYS A 1 28 ? 4.364   7.136   -3.141  1.00 21.77 ?  36  LYS A CG  1 
ATOM   218  C CD  . LYS A 1 28 ? 5.103   8.219   -3.917  1.00 22.92 ?  36  LYS A CD  1 
ATOM   219  C CE  . LYS A 1 28 ? 5.788   7.637   -5.138  1.00 27.51 ?  36  LYS A CE  1 
ATOM   220  N NZ  . LYS A 1 28 ? 6.528   8.689   -5.887  1.00 31.64 1  36  LYS A NZ  1 
ATOM   221  N N   . GLU A 1 29 ? 3.704   7.670   1.209   1.00 14.46 ?  37  GLU A N   1 
ATOM   222  C CA  . GLU A 1 29 ? 3.490   8.397   2.455   1.00 17.41 ?  37  GLU A CA  1 
ATOM   223  C C   . GLU A 1 29 ? 2.284   7.882   3.226   1.00 13.75 ?  37  GLU A C   1 
ATOM   224  O O   . GLU A 1 29 ? 1.496   8.672   3.744   1.00 19.51 ?  37  GLU A O   1 
ATOM   225  C CB  . GLU A 1 29 ? 3.340   9.896   2.178   1.00 21.90 ?  37  GLU A CB  1 
ATOM   226  C CG  . GLU A 1 29 ? 4.548   10.519  1.490   1.00 23.28 ?  37  GLU A CG  1 
ATOM   227  C CD  . GLU A 1 29 ? 5.826   10.403  2.312   1.00 27.30 ?  37  GLU A CD  1 
ATOM   228  O OE1 . GLU A 1 29 ? 5.743   10.211  3.543   1.00 28.89 ?  37  GLU A OE1 1 
ATOM   229  O OE2 . GLU A 1 29 ? 6.922   10.498  1.722   1.00 33.62 -1 37  GLU A OE2 1 
ATOM   230  N N   . ASP A 1 30 ? 2.143   6.559   3.276   1.00 12.00 ?  38  ASP A N   1 
ATOM   231  C CA  . ASP A 1 30 ? 1.112   5.909   4.075   1.00 14.31 ?  38  ASP A CA  1 
ATOM   232  C C   . ASP A 1 30 ? -0.296  6.332   3.632   1.00 18.21 ?  38  ASP A C   1 
ATOM   233  O O   . ASP A 1 30 ? -1.176  6.576   4.457   1.00 23.35 ?  38  ASP A O   1 
ATOM   234  C CB  . ASP A 1 30 ? 1.339   6.233   5.555   1.00 16.66 ?  38  ASP A CB  1 
ATOM   235  C CG  . ASP A 1 30 ? 0.599   5.307   6.479   1.00 20.49 ?  38  ASP A CG  1 
ATOM   236  O OD1 . ASP A 1 30 ? 0.305   4.158   6.094   1.00 23.36 ?  38  ASP A OD1 1 
ATOM   237  O OD2 . ASP A 1 30 ? 0.310   5.747   7.611   1.00 23.00 -1 38  ASP A OD2 1 
ATOM   238  N N   . GLU A 1 31 ? -0.493  6.405   2.320   1.00 13.10 ?  39  GLU A N   1 
ATOM   239  C CA  . GLU A 1 31 ? -1.746  6.868   1.740   1.00 15.81 ?  39  GLU A CA  1 
ATOM   240  C C   . GLU A 1 31 ? -1.969  6.204   0.391   1.00 12.52 ?  39  GLU A C   1 
ATOM   241  O O   . GLU A 1 31 ? -1.140  6.305   -0.504  1.00 13.35 ?  39  GLU A O   1 
ATOM   242  C CB  . GLU A 1 31 ? -1.722  8.397   1.585   1.00 15.68 ?  39  GLU A CB  1 
ATOM   243  C CG  . GLU A 1 31 ? -3.005  9.047   1.075   1.00 20.18 ?  39  GLU A CG  1 
ATOM   244  C CD  . GLU A 1 31 ? -3.028  10.554  1.331   1.00 24.22 ?  39  GLU A CD  1 
ATOM   245  O OE1 . GLU A 1 31 ? -2.893  10.963  2.511   1.00 24.54 ?  39  GLU A OE1 1 
ATOM   246  O OE2 . GLU A 1 31 ? -3.157  11.320  0.356   1.00 18.87 -1 39  GLU A OE2 1 
ATOM   247  N N   . TRP A 1 32 ? -3.102  5.531   0.248   1.00 14.43 ?  40  TRP A N   1 
ATOM   248  C CA  . TRP A 1 32 ? -3.491  4.984   -1.044  1.00 14.27 ?  40  TRP A CA  1 
ATOM   249  C C   . TRP A 1 32 ? -4.125  6.057   -1.934  1.00 9.55  ?  40  TRP A C   1 
ATOM   250  O O   . TRP A 1 32 ? -4.937  6.865   -1.470  1.00 14.65 ?  40  TRP A O   1 
ATOM   251  C CB  . TRP A 1 32 ? -4.470  3.820   -0.862  1.00 11.97 ?  40  TRP A CB  1 
ATOM   252  C CG  . TRP A 1 32 ? -3.805  2.539   -0.437  1.00 11.79 ?  40  TRP A CG  1 
ATOM   253  C CD1 . TRP A 1 32 ? -3.771  2.003   0.824   1.00 19.63 ?  40  TRP A CD1 1 
ATOM   254  C CD2 . TRP A 1 32 ? -3.064  1.644   -1.274  1.00 11.98 ?  40  TRP A CD2 1 
ATOM   255  N NE1 . TRP A 1 32 ? -3.054  0.832   0.817   1.00 16.70 ?  40  TRP A NE1 1 
ATOM   256  C CE2 . TRP A 1 32 ? -2.603  0.585   -0.452  1.00 15.02 ?  40  TRP A CE2 1 
ATOM   257  C CE3 . TRP A 1 32 ? -2.736  1.637   -2.629  1.00 12.26 ?  40  TRP A CE3 1 
ATOM   258  C CZ2 . TRP A 1 32 ? -1.842  -0.476  -0.950  1.00 15.34 ?  40  TRP A CZ2 1 
ATOM   259  C CZ3 . TRP A 1 32 ? -1.986  0.585   -3.129  1.00 10.72 ?  40  TRP A CZ3 1 
ATOM   260  C CH2 . TRP A 1 32 ? -1.535  -0.459  -2.281  1.00 12.63 ?  40  TRP A CH2 1 
ATOM   261  N N   . ARG A 1 33 ? -3.761  6.066   -3.214  1.00 8.27  ?  41  ARG A N   1 
ATOM   262  C CA  . ARG A 1 33 ? -4.533  6.827   -4.201  1.00 8.59  ?  41  ARG A CA  1 
ATOM   263  C C   . ARG A 1 33 ? -4.930  5.902   -5.333  1.00 7.31  ?  41  ARG A C   1 
ATOM   264  O O   . ARG A 1 33 ? -4.260  4.898   -5.601  1.00 7.63  ?  41  ARG A O   1 
ATOM   265  C CB  . ARG A 1 33 ? -3.760  8.043   -4.734  1.00 8.40  ?  41  ARG A CB  1 
ATOM   266  C CG  . ARG A 1 33 ? -2.505  7.722   -5.532  1.00 10.70 ?  41  ARG A CG  1 
ATOM   267  C CD  . ARG A 1 33 ? -1.906  8.999   -6.107  1.00 11.02 ?  41  ARG A CD  1 
ATOM   268  N NE  . ARG A 1 33 ? -0.877  8.731   -7.114  1.00 11.83 ?  41  ARG A NE  1 
ATOM   269  C CZ  . ARG A 1 33 ? -0.442  9.628   -7.991  1.00 13.43 ?  41  ARG A CZ  1 
ATOM   270  N NH1 . ARG A 1 33 ? -0.951  10.856  -7.992  1.00 13.31 1  41  ARG A NH1 1 
ATOM   271  N NH2 . ARG A 1 33 ? 0.507   9.299   -8.865  1.00 15.81 ?  41  ARG A NH2 1 
ATOM   272  N N   . TYR A 1 34 ? -6.037  6.236   -5.984  1.00 7.38  ?  42  TYR A N   1 
ATOM   273  C CA  . TYR A 1 34 ? -6.670  5.369   -6.958  1.00 6.87  ?  42  TYR A CA  1 
ATOM   274  C C   . TYR A 1 34 ? -7.015  6.175   -8.193  1.00 6.58  ?  42  TYR A C   1 
ATOM   275  O O   . TYR A 1 34 ? -7.681  7.210   -8.085  1.00 7.42  ?  42  TYR A O   1 
ATOM   276  C CB  . TYR A 1 34 ? -7.935  4.746   -6.373  1.00 8.68  ?  42  TYR A CB  1 
ATOM   277  C CG  . TYR A 1 34 ? -7.714  4.021   -5.067  1.00 8.04  ?  42  TYR A CG  1 
ATOM   278  C CD1 . TYR A 1 34 ? -7.193  2.736   -5.052  1.00 6.23  ?  42  TYR A CD1 1 
ATOM   279  C CD2 . TYR A 1 34 ? -8.007  4.617   -3.854  1.00 7.16  ?  42  TYR A CD2 1 
ATOM   280  C CE1 . TYR A 1 34 ? -6.979  2.065   -3.852  1.00 8.62  ?  42  TYR A CE1 1 
ATOM   281  C CE2 . TYR A 1 34 ? -7.807  3.954   -2.664  1.00 9.33  ?  42  TYR A CE2 1 
ATOM   282  C CZ  . TYR A 1 34 ? -7.303  2.675   -2.670  1.00 9.08  ?  42  TYR A CZ  1 
ATOM   283  O OH  . TYR A 1 34 ? -7.092  2.014   -1.475  1.00 12.25 ?  42  TYR A OH  1 
ATOM   284  N N   . HIS A 1 35 ? -6.586  5.704   -9.356  1.00 7.23  ?  43  HIS A N   1 
ATOM   285  C CA  . HIS A 1 35 ? -6.947  6.367   -10.599 1.00 7.29  ?  43  HIS A CA  1 
ATOM   286  C C   . HIS A 1 35 ? -8.198  5.662   -11.066 1.00 7.66  ?  43  HIS A C   1 
ATOM   287  O O   . HIS A 1 35 ? -8.168  4.463   -11.326 1.00 8.52  ?  43  HIS A O   1 
ATOM   288  C CB  . HIS A 1 35 ? -5.829  6.294   -11.653 1.00 9.29  ?  43  HIS A CB  1 
ATOM   289  C CG  . HIS A 1 35 ? -5.897  7.380   -12.681 1.00 9.99  ?  43  HIS A CG  1 
ATOM   290  N ND1 . HIS A 1 35 ? -6.578  7.243   -13.875 1.00 10.26 ?  43  HIS A ND1 1 
ATOM   291  C CD2 . HIS A 1 35 ? -5.366  8.632   -12.697 1.00 8.86  ?  43  HIS A CD2 1 
ATOM   292  C CE1 . HIS A 1 35 ? -6.460  8.357   -14.578 1.00 12.64 ?  43  HIS A CE1 1 
ATOM   293  N NE2 . HIS A 1 35 ? -5.729  9.212   -13.890 1.00 11.00 ?  43  HIS A NE2 1 
ATOM   294  N N   . VAL A 1 36 ? -9.302  6.401   -11.127 1.00 6.07  ?  44  VAL A N   1 
ATOM   295  C CA  . VAL A 1 36 ? -10.594 5.791   -11.409 1.00 7.31  ?  44  VAL A CA  1 
ATOM   296  C C   . VAL A 1 36 ? -11.200 6.309   -12.699 1.00 7.27  ?  44  VAL A C   1 
ATOM   297  O O   . VAL A 1 36 ? -10.947 7.438   -13.115 1.00 6.63  ?  44  VAL A O   1 
ATOM   298  C CB  . VAL A 1 36 ? -11.591 6.021   -10.244 1.00 7.11  ?  44  VAL A CB  1 
ATOM   299  C CG1 . VAL A 1 36 ? -11.051 5.388   -8.945  1.00 8.49  ?  44  VAL A CG1 1 
ATOM   300  C CG2 . VAL A 1 36 ? -11.928 7.518   -10.056 1.00 7.75  ?  44  VAL A CG2 1 
ATOM   301  N N   . HIS A 1 37 ? -11.996 5.442   -13.327 1.00 5.70  ?  45  HIS A N   1 
ATOM   302  C CA  . HIS A 1 37 ? -12.825 5.800   -14.464 1.00 6.48  ?  45  HIS A CA  1 
ATOM   303  C C   . HIS A 1 37 ? -14.292 5.698   -14.030 1.00 6.00  ?  45  HIS A C   1 
ATOM   304  O O   . HIS A 1 37 ? -14.680 4.682   -13.466 1.00 5.70  ?  45  HIS A O   1 
ATOM   305  C CB  . HIS A 1 37 ? -12.549 4.874   -15.660 1.00 8.61  ?  45  HIS A CB  1 
ATOM   306  C CG  . HIS A 1 37 ? -13.538 5.046   -16.775 1.00 7.22  ?  45  HIS A CG  1 
ATOM   307  N ND1 . HIS A 1 37 ? -13.578 6.183   -17.544 1.00 8.62  ?  45  HIS A ND1 1 
ATOM   308  C CD2 . HIS A 1 37 ? -14.548 4.256   -17.212 1.00 8.58  ?  45  HIS A CD2 1 
ATOM   309  C CE1 . HIS A 1 37 ? -14.566 6.090   -18.419 1.00 9.50  ?  45  HIS A CE1 1 
ATOM   310  N NE2 . HIS A 1 37 ? -15.168 4.925   -18.243 1.00 8.66  ?  45  HIS A NE2 1 
ATOM   311  N N   . TYR A 1 38 ? -15.077 6.747   -14.274 1.00 5.28  ?  46  TYR A N   1 
ATOM   312  C CA  . TYR A 1 38 ? -16.488 6.750   -13.920 1.00 5.64  ?  46  TYR A CA  1 
ATOM   313  C C   . TYR A 1 38 ? -17.256 6.058   -15.030 1.00 5.43  ?  46  TYR A C   1 
ATOM   314  O O   . TYR A 1 38 ? -17.140 6.458   -16.191 1.00 6.67  ?  46  TYR A O   1 
ATOM   315  C CB  . TYR A 1 38 ? -16.990 8.183   -13.694 1.00 6.00  ?  46  TYR A CB  1 
ATOM   316  C CG  . TYR A 1 38 ? -16.254 8.883   -12.562 1.00 7.61  ?  46  TYR A CG  1 
ATOM   317  C CD1 . TYR A 1 38 ? -16.762 8.868   -11.264 1.00 7.70  ?  46  TYR A CD1 1 
ATOM   318  C CD2 . TYR A 1 38 ? -15.040 9.536   -12.786 1.00 6.83  ?  46  TYR A CD2 1 
ATOM   319  C CE1 . TYR A 1 38 ? -16.081 9.498   -10.220 1.00 9.23  ?  46  TYR A CE1 1 
ATOM   320  C CE2 . TYR A 1 38 ? -14.364 10.180  -11.753 1.00 9.43  ?  46  TYR A CE2 1 
ATOM   321  C CZ  . TYR A 1 38 ? -14.879 10.133  -10.478 1.00 10.23 ?  46  TYR A CZ  1 
ATOM   322  O OH  . TYR A 1 38 ? -14.191 10.768  -9.457  1.00 12.80 ?  46  TYR A OH  1 
ATOM   323  N N   . LEU A 1 39 ? -18.005 5.009   -14.691 1.00 4.92  ?  47  LEU A N   1 
ATOM   324  C CA  . LEU A 1 39 ? -18.584 4.170   -15.749 1.00 6.42  ?  47  LEU A CA  1 
ATOM   325  C C   . LEU A 1 39 ? -19.615 4.959   -16.552 1.00 7.12  ?  47  LEU A C   1 
ATOM   326  O O   . LEU A 1 39 ? -20.533 5.569   -15.987 1.00 6.10  ?  47  LEU A O   1 
ATOM   327  C CB  . LEU A 1 39 ? -19.232 2.909   -15.181 1.00 6.12  ?  47  LEU A CB  1 
ATOM   328  C CG  . LEU A 1 39 ? -18.316 2.014   -14.354 1.00 6.17  ?  47  LEU A CG  1 
ATOM   329  C CD1 . LEU A 1 39 ? -18.980 0.676   -14.095 1.00 8.47  ?  47  LEU A CD1 1 
ATOM   330  C CD2 . LEU A 1 39 ? -16.958 1.835   -15.035 1.00 10.33 ?  47  LEU A CD2 1 
ATOM   331  N N   . GLY A 1 40 ? -19.466 4.924   -17.878 1.00 7.15  ?  48  GLY A N   1 
ATOM   332  C CA  . GLY A 1 40 ? -20.350 5.643   -18.777 1.00 6.49  ?  48  GLY A CA  1 
ATOM   333  C C   . GLY A 1 40 ? -19.968 7.098   -19.010 1.00 7.80  ?  48  GLY A C   1 
ATOM   334  O O   . GLY A 1 40 ? -20.612 7.773   -19.818 1.00 9.75  ?  48  GLY A O   1 
ATOM   335  N N   . TRP A 1 41 ? -18.932 7.580   -18.318 1.00 7.28  ?  49  TRP A N   1 
ATOM   336  C CA  . TRP A 1 41 ? -18.490 8.969   -18.465 1.00 9.02  ?  49  TRP A CA  1 
ATOM   337  C C   . TRP A 1 41 ? -17.302 9.078   -19.403 1.00 8.84  ?  49  TRP A C   1 
ATOM   338  O O   . TRP A 1 41 ? -16.636 8.089   -19.679 1.00 9.50  ?  49  TRP A O   1 
ATOM   339  C CB  . TRP A 1 41 ? -18.099 9.567   -17.112 1.00 8.33  ?  49  TRP A CB  1 
ATOM   340  C CG  . TRP A 1 41 ? -19.232 9.954   -16.238 1.00 10.33 ?  49  TRP A CG  1 
ATOM   341  C CD1 . TRP A 1 41 ? -20.532 9.534   -16.332 1.00 16.13 ?  49  TRP A CD1 1 
ATOM   342  C CD2 . TRP A 1 41 ? -19.181 10.865  -15.133 1.00 9.59  ?  49  TRP A CD2 1 
ATOM   343  N NE1 . TRP A 1 41 ? -21.287 10.126  -15.349 1.00 12.43 ?  49  TRP A NE1 1 
ATOM   344  C CE2 . TRP A 1 41 ? -20.484 10.948  -14.601 1.00 15.30 ?  49  TRP A CE2 1 
ATOM   345  C CE3 . TRP A 1 41 ? -18.168 11.637  -14.563 1.00 12.82 ?  49  TRP A CE3 1 
ATOM   346  C CZ2 . TRP A 1 41 ? -20.793 11.748  -13.503 1.00 15.84 ?  49  TRP A CZ2 1 
ATOM   347  C CZ3 . TRP A 1 41 ? -18.479 12.432  -13.472 1.00 15.02 ?  49  TRP A CZ3 1 
ATOM   348  C CH2 . TRP A 1 41 ? -19.788 12.488  -12.961 1.00 13.76 ?  49  TRP A CH2 1 
ATOM   349  N N   . SER A 1 42 ? -17.043 10.293  -19.876 1.00 10.27 ?  50  SER A N   1 
ATOM   350  C CA  . SER A 1 42 ? -15.861 10.578  -20.679 1.00 12.14 ?  50  SER A CA  1 
ATOM   351  C C   . SER A 1 42 ? -14.583 10.198  -19.938 1.00 11.86 ?  50  SER A C   1 
ATOM   352  O O   . SER A 1 42 ? -14.495 10.365  -18.721 1.00 10.70 ?  50  SER A O   1 
ATOM   353  C CB  . SER A 1 42 ? -15.814 12.068  -21.039 1.00 12.88 ?  50  SER A CB  1 
ATOM   354  O OG  . SER A 1 42 ? -14.587 12.413  -21.653 1.00 14.82 ?  50  SER A OG  1 
ATOM   355  N N   . LYS A 1 43 ? -13.586 9.722   -20.676 1.00 11.05 ?  51  LYS A N   1 
ATOM   356  C CA  . LYS A 1 43 ? -12.263 9.459   -20.117 1.00 12.15 ?  51  LYS A CA  1 
ATOM   357  C C   . LYS A 1 43 ? -11.608 10.741  -19.597 1.00 10.97 ?  51  LYS A C   1 
ATOM   358  O O   . LYS A 1 43 ? -10.719 10.674  -18.751 1.00 11.40 ?  51  LYS A O   1 
ATOM   359  C CB  . LYS A 1 43 ? -11.356 8.797   -21.156 1.00 16.62 ?  51  LYS A CB  1 
ATOM   360  C CG  . LYS A 1 43 ? -11.869 7.481   -21.718 1.00 22.24 ?  51  LYS A CG  1 
ATOM   361  C CD  . LYS A 1 43 ? -12.122 6.438   -20.624 1.00 26.30 ?  51  LYS A CD  1 
ATOM   362  C CE  . LYS A 1 43 ? -10.834 5.858   -20.048 1.00 22.12 ?  51  LYS A CE  1 
ATOM   363  N NZ  . LYS A 1 43 ? -11.087 4.780   -19.066 1.00 25.38 1  51  LYS A NZ  1 
ATOM   364  N N   . SER A 1 44 ? -12.053 11.898  -20.086 1.00 11.44 ?  52  SER A N   1 
ATOM   365  C CA  . SER A 1 44 ? -11.623 13.197  -19.559 1.00 14.34 ?  52  SER A CA  1 
ATOM   366  C C   . SER A 1 44 ? -11.775 13.304  -18.047 1.00 10.73 ?  52  SER A C   1 
ATOM   367  O O   . SER A 1 44 ? -11.010 14.019  -17.398 1.00 10.12 ?  52  SER A O   1 
ATOM   368  C CB  . SER A 1 44 ? -12.404 14.340  -20.214 1.00 16.43 ?  52  SER A CB  1 
ATOM   369  O OG  . SER A 1 44 ? -12.022 14.513  -21.568 1.00 16.18 ?  52  SER A OG  1 
ATOM   370  N N   . TRP A 1 45 ? -12.758 12.604  -17.480 1.00 9.31  ?  53  TRP A N   1 
ATOM   371  C CA  . TRP A 1 45 ? -12.982 12.696  -16.046 1.00 8.52  ?  53  TRP A CA  1 
ATOM   372  C C   . TRP A 1 45 ? -12.151 11.698  -15.224 1.00 8.83  ?  53  TRP A C   1 
ATOM   373  O O   . TRP A 1 45 ? -12.178 11.770  -14.001 1.00 8.98  ?  53  TRP A O   1 
ATOM   374  C CB  . TRP A 1 45 ? -14.472 12.517  -15.718 1.00 10.00 ?  53  TRP A CB  1 
ATOM   375  C CG  . TRP A 1 45 ? -15.340 13.710  -16.050 1.00 13.06 ?  53  TRP A CG  1 
ATOM   376  C CD1 . TRP A 1 45 ? -16.259 13.794  -17.055 1.00 21.16 ?  53  TRP A CD1 1 
ATOM   377  C CD2 . TRP A 1 45 ? -15.376 14.967  -15.362 1.00 18.19 ?  53  TRP A CD2 1 
ATOM   378  N NE1 . TRP A 1 45 ? -16.867 15.027  -17.036 1.00 20.97 ?  53  TRP A NE1 1 
ATOM   379  C CE2 . TRP A 1 45 ? -16.336 15.770  -16.017 1.00 17.11 ?  53  TRP A CE2 1 
ATOM   380  C CE3 . TRP A 1 45 ? -14.686 15.499  -14.273 1.00 17.35 ?  53  TRP A CE3 1 
ATOM   381  C CZ2 . TRP A 1 45 ? -16.633 17.071  -15.604 1.00 20.90 ?  53  TRP A CZ2 1 
ATOM   382  C CZ3 . TRP A 1 45 ? -14.983 16.800  -13.870 1.00 21.58 ?  53  TRP A CZ3 1 
ATOM   383  C CH2 . TRP A 1 45 ? -15.945 17.561  -14.535 1.00 21.21 ?  53  TRP A CH2 1 
ATOM   384  N N   . ASP A 1 46 ? -11.413 10.797  -15.874 1.00 8.11  ?  54  ASP A N   1 
ATOM   385  C CA  . ASP A 1 46 ? -10.544 9.867   -15.145 1.00 8.35  ?  54  ASP A CA  1 
ATOM   386  C C   . ASP A 1 46 ? -9.575  10.652  -14.268 1.00 9.12  ?  54  ASP A C   1 
ATOM   387  O O   . ASP A 1 46 ? -8.998  11.647  -14.727 1.00 11.71 ?  54  ASP A O   1 
ATOM   388  C CB  . ASP A 1 46 ? -9.746  8.983   -16.095 1.00 8.59  ?  54  ASP A CB  1 
ATOM   389  C CG  . ASP A 1 46 ? -10.609 8.038   -16.905 1.00 9.17  ?  54  ASP A CG  1 
ATOM   390  O OD1 . ASP A 1 46 ? -11.857 8.069   -16.811 1.00 9.78  ?  54  ASP A OD1 1 
ATOM   391  O OD2 . ASP A 1 46 ? -10.015 7.263   -17.673 1.00 12.19 -1 54  ASP A OD2 1 
ATOM   392  N N   . GLU A 1 47 ? -9.405  10.232  -13.022 1.00 7.13  ?  55  GLU A N   1 
ATOM   393  C CA  . GLU A 1 47 ? -8.633  11.051  -12.088 1.00 8.47  ?  55  GLU A CA  1 
ATOM   394  C C   . GLU A 1 47 ? -8.148  10.247  -10.899 1.00 7.97  ?  55  GLU A C   1 
ATOM   395  O O   . GLU A 1 47 ? -8.685  9.182   -10.588 1.00 7.97  ?  55  GLU A O   1 
ATOM   396  C CB  . GLU A 1 47 ? -9.466  12.230  -11.594 1.00 13.10 ?  55  GLU A CB  1 
ATOM   397  C CG  . GLU A 1 47 ? -10.670 11.794  -10.770 1.00 10.36 ?  55  GLU A CG  1 
ATOM   398  C CD  . GLU A 1 47 ? -11.497 12.966  -10.269 1.00 16.54 ?  55  GLU A CD  1 
ATOM   399  O OE1 . GLU A 1 47 ? -12.658 12.736  -9.879  1.00 12.14 ?  55  GLU A OE1 1 
ATOM   400  O OE2 . GLU A 1 47 ? -11.000 14.113  -10.291 1.00 19.50 -1 55  GLU A OE2 1 
ATOM   401  N N   . TRP A 1 48 ? -7.120  10.770  -10.238 1.00 8.39  ?  56  TRP A N   1 
ATOM   402  C CA  . TRP A 1 48 ? -6.660  10.230  -8.973  1.00 6.55  ?  56  TRP A CA  1 
ATOM   403  C C   . TRP A 1 48 ? -7.548  10.697  -7.844  1.00 7.37  ?  56  TRP A C   1 
ATOM   404  O O   . TRP A 1 48 ? -7.825  11.894  -7.717  1.00 10.13 ?  56  TRP A O   1 
ATOM   405  C CB  . TRP A 1 48 ? -5.232  10.682  -8.648  1.00 8.31  ?  56  TRP A CB  1 
ATOM   406  C CG  . TRP A 1 48 ? -4.157  10.112  -9.493  1.00 8.34  ?  56  TRP A CG  1 
ATOM   407  C CD1 . TRP A 1 48 ? -3.434  10.768  -10.451 1.00 13.25 ?  56  TRP A CD1 1 
ATOM   408  C CD2 . TRP A 1 48 ? -3.643  8.778   -9.448  1.00 8.02  ?  56  TRP A CD2 1 
ATOM   409  N NE1 . TRP A 1 48 ? -2.518  9.921   -11.009 1.00 12.30 ?  56  TRP A NE1 1 
ATOM   410  C CE2 . TRP A 1 48 ? -2.624  8.691   -10.412 1.00 11.60 ?  56  TRP A CE2 1 
ATOM   411  C CE3 . TRP A 1 48 ? -3.949  7.646   -8.680  1.00 8.06  ?  56  TRP A CE3 1 
ATOM   412  C CZ2 . TRP A 1 48 ? -1.908  7.512   -10.638 1.00 11.83 ?  56  TRP A CZ2 1 
ATOM   413  C CZ3 . TRP A 1 48 ? -3.240  6.474   -8.903  1.00 9.85  ?  56  TRP A CZ3 1 
ATOM   414  C CH2 . TRP A 1 48 ? -2.228  6.418   -9.876  1.00 8.35  ?  56  TRP A CH2 1 
ATOM   415  N N   . VAL A 1 49 ? -7.989  9.761   -7.012  1.00 6.41  ?  57  VAL A N   1 
ATOM   416  C CA  . VAL A 1 49 ? -8.716  10.114  -5.807  1.00 7.97  ?  57  VAL A CA  1 
ATOM   417  C C   . VAL A 1 49 ? -8.192  9.360   -4.598  1.00 7.85  ?  57  VAL A C   1 
ATOM   418  O O   . VAL A 1 49 ? -7.594  8.279   -4.718  1.00 6.93  ?  57  VAL A O   1 
ATOM   419  C CB  . VAL A 1 49 ? -10.227 9.825   -5.960  1.00 7.57  ?  57  VAL A CB  1 
ATOM   420  C CG1 . VAL A 1 49 ? -10.817 10.594  -7.151  1.00 9.40  ?  57  VAL A CG1 1 
ATOM   421  C CG2 . VAL A 1 49 ? -10.462 8.339   -6.106  1.00 7.23  ?  57  VAL A CG2 1 
ATOM   422  N N   . THR A 1 50 ? -8.455  9.905   -3.420  1.00 7.85  ?  58  THR A N   1 
ATOM   423  C CA  . THR A 1 50 ? -8.104  9.210   -2.199  1.00 7.54  ?  58  THR A CA  1 
ATOM   424  C C   . THR A 1 50 ? -9.329  8.526   -1.589  1.00 6.74  ?  58  THR A C   1 
ATOM   425  O O   . THR A 1 50 ? -10.446 8.608   -2.130  1.00 6.40  ?  58  THR A O   1 
ATOM   426  C CB  . THR A 1 50 ? -7.431  10.172  -1.205  1.00 10.97 ?  58  THR A CB  1 
ATOM   427  O OG1 . THR A 1 50 ? -8.123  11.419  -1.228  1.00 12.46 ?  58  THR A OG1 1 
ATOM   428  C CG2 . THR A 1 50 ? -5.991  10.408  -1.651  1.00 15.48 ?  58  THR A CG2 1 
ATOM   429  N N   . ASN A 1 51 ? -9.108  7.808   -0.494  1.00 6.04  ?  59  ASN A N   1 
ATOM   430  C CA  . ASN A 1 51 ? -10.106 6.916   0.068   1.00 7.61  ?  59  ASN A CA  1 
ATOM   431  C C   . ASN A 1 51 ? -11.428 7.590   0.422   1.00 7.01  ?  59  ASN A C   1 
ATOM   432  O O   . ASN A 1 51 ? -12.508 6.990   0.314   1.00 8.35  ?  59  ASN A O   1 
ATOM   433  C CB  . ASN A 1 51 ? -9.509  6.241   1.306   1.00 11.54 ?  59  ASN A CB  1 
ATOM   434  C CG  . ASN A 1 51 ? -10.445 5.266   1.940   1.00 16.80 ?  59  ASN A CG  1 
ATOM   435  O OD1 . ASN A 1 51 ? -10.713 4.213   1.377   1.00 19.41 ?  59  ASN A OD1 1 
ATOM   436  N ND2 . ASN A 1 51 ? -10.941 5.594   3.132   1.00 19.88 ?  59  ASN A ND2 1 
ATOM   437  N N   . ASP A 1 52 ? -11.341 8.840   0.849   1.00 6.27  ?  60  ASP A N   1 
ATOM   438  C CA  . ASP A 1 52 ? -12.516 9.599   1.249   1.00 7.45  ?  60  ASP A CA  1 
ATOM   439  C C   . ASP A 1 52 ? -13.525 9.810   0.114   1.00 6.79  ?  60  ASP A C   1 
ATOM   440  O O   . ASP A 1 52 ? -14.688 10.116  0.378   1.00 8.23  ?  60  ASP A O   1 
ATOM   441  C CB  . ASP A 1 52 ? -12.070 10.948  1.778   1.00 7.97  ?  60  ASP A CB  1 
ATOM   442  C CG  . ASP A 1 52 ? -11.160 11.640  0.816   1.00 8.10  ?  60  ASP A CG  1 
ATOM   443  O OD1 . ASP A 1 52 ? -10.016 11.162  0.603   1.00 7.50  ?  60  ASP A OD1 1 
ATOM   444  O OD2 . ASP A 1 52 ? -11.580 12.653  0.233   1.00 11.38 -1 60  ASP A OD2 1 
ATOM   445  N N   . ARG A 1 53 ? -13.083 9.646   -1.136  1.00 5.51  ?  61  ARG A N   1 
ATOM   446  C CA  . ARG A 1 53 ? -13.970 9.800   -2.288  1.00 6.33  ?  61  ARG A CA  1 
ATOM   447  C C   . ARG A 1 53 ? -14.695 8.522   -2.692  1.00 5.63  ?  61  ARG A C   1 
ATOM   448  O O   . ARG A 1 53 ? -15.576 8.574   -3.556  1.00 6.25  ?  61  ARG A O   1 
ATOM   449  C CB  . ARG A 1 53 ? -13.176 10.321  -3.486  1.00 6.18  ?  61  ARG A CB  1 
ATOM   450  C CG  . ARG A 1 53 ? -12.724 11.778  -3.347  1.00 10.41 ?  61  ARG A CG  1 
ATOM   451  C CD  . ARG A 1 53 ? -13.861 12.773  -3.755  1.00 10.73 ?  61  ARG A CD  1 
ATOM   452  N NE  . ARG A 1 53 ? -14.279 12.644  -5.150  1.00 15.00 ?  61  ARG A NE  1 
ATOM   453  C CZ  . ARG A 1 53 ? -13.631 13.174  -6.190  1.00 12.25 ?  61  ARG A CZ  1 
ATOM   454  N NH1 . ARG A 1 53 ? -12.527 13.873  -6.010  1.00 17.87 1  61  ARG A NH1 1 
ATOM   455  N NH2 . ARG A 1 53 ? -14.093 12.998  -7.419  1.00 17.85 ?  61  ARG A NH2 1 
ATOM   456  N N   . LEU A 1 54 ? -14.313 7.394   -2.094  1.00 5.84  ?  62  LEU A N   1 
ATOM   457  C CA  . LEU A 1 54 ? -14.745 6.075   -2.544  1.00 6.42  ?  62  LEU A CA  1 
ATOM   458  C C   . LEU A 1 54 ? -15.478 5.290   -1.461  1.00 6.53  ?  62  LEU A C   1 
ATOM   459  O O   . LEU A 1 54 ? -15.249 5.469   -0.249  1.00 7.94  ?  62  LEU A O   1 
ATOM   460  C CB  . LEU A 1 54 ? -13.548 5.249   -3.018  1.00 6.71  ?  62  LEU A CB  1 
ATOM   461  C CG  . LEU A 1 54 ? -12.705 5.844   -4.145  1.00 6.99  ?  62  LEU A CG  1 
ATOM   462  C CD1 . LEU A 1 54 ? -11.572 4.887   -4.510  1.00 9.03  ?  62  LEU A CD1 1 
ATOM   463  C CD2 . LEU A 1 54 ? -13.566 6.182   -5.360  1.00 6.46  ?  62  LEU A CD2 1 
ATOM   464  N N   . LEU A 1 55 ? -16.315 4.369   -1.912  1.00 6.55  ?  63  LEU A N   1 
ATOM   465  C CA  . LEU A 1 55 ? -16.985 3.404   -1.052  1.00 6.08  ?  63  LEU A CA  1 
ATOM   466  C C   . LEU A 1 55 ? -16.931 2.035   -1.716  1.00 6.57  ?  63  LEU A C   1 
ATOM   467  O O   . LEU A 1 55 ? -17.120 1.915   -2.929  1.00 6.75  ?  63  LEU A O   1 
ATOM   468  C CB  . LEU A 1 55 ? -18.442 3.814   -0.794  1.00 6.60  ?  63  LEU A CB  1 
ATOM   469  C CG  . LEU A 1 55 ? -18.683 5.037   0.101   1.00 7.25  ?  63  LEU A CG  1 
ATOM   470  C CD1 . LEU A 1 55 ? -20.146 5.416   0.057   1.00 8.92  ?  63  LEU A CD1 1 
ATOM   471  C CD2 . LEU A 1 55 ? -18.256 4.722   1.537   1.00 10.84 ?  63  LEU A CD2 1 
ATOM   472  N N   . LYS A 1 56 ? -16.704 0.995   -0.925  1.00 7.52  ?  64  LYS A N   1 
ATOM   473  C CA  . LYS A 1 56 ? -16.753 -0.374  -1.429  1.00 7.03  ?  64  LYS A CA  1 
ATOM   474  C C   . LYS A 1 56 ? -18.137 -0.649  -2.023  1.00 5.83  ?  64  LYS A C   1 
ATOM   475  O O   . LYS A 1 56 ? -19.133 -0.139  -1.524  1.00 6.01  ?  64  LYS A O   1 
ATOM   476  C CB  . LYS A 1 56 ? -16.443 -1.363  -0.305  1.00 9.39  ?  64  LYS A CB  1 
ATOM   477  C CG  . LYS A 1 56 ? -16.194 -2.773  -0.781  1.00 13.91 ?  64  LYS A CG  1 
ATOM   478  C CD  . LYS A 1 56 ? -15.678 -3.663  0.325   1.00 21.23 ?  64  LYS A CD  1 
ATOM   479  C CE  . LYS A 1 56 ? -15.475 -5.083  -0.183  1.00 22.65 ?  64  LYS A CE  1 
ATOM   480  N NZ  . LYS A 1 56 ? -14.818 -5.922  0.858   1.00 30.04 1  64  LYS A NZ  1 
ATOM   481  N N   . LEU A 1 57 ? -18.187 -1.441  -3.095  1.00 6.35  ?  65  LEU A N   1 
ATOM   482  C CA  . LEU A 1 57 ? -19.459 -1.794  -3.713  1.00 6.89  ?  65  LEU A CA  1 
ATOM   483  C C   . LEU A 1 57 ? -20.145 -2.877  -2.890  1.00 11.38 ?  65  LEU A C   1 
ATOM   484  O O   . LEU A 1 57 ? -20.168 -4.047  -3.267  1.00 15.35 ?  65  LEU A O   1 
ATOM   485  C CB  . LEU A 1 57 ? -19.258 -2.267  -5.150  1.00 9.10  ?  65  LEU A CB  1 
ATOM   486  C CG  . LEU A 1 57 ? -20.499 -2.368  -6.038  1.00 8.90  ?  65  LEU A CG  1 
ATOM   487  C CD1 . LEU A 1 57 ? -21.120 -0.999  -6.297  1.00 8.93  ?  65  LEU A CD1 1 
ATOM   488  C CD2 . LEU A 1 57 ? -20.122 -3.018  -7.366  1.00 10.56 ?  65  LEU A CD2 1 
ATOM   489  N N   . THR A 1 58 ? -20.698 -2.469  -1.762  1.00 8.41  ?  66  THR A N   1 
ATOM   490  C CA  . THR A 1 58 ? -21.442 -3.367  -0.884  1.00 8.24  ?  66  THR A CA  1 
ATOM   491  C C   . THR A 1 58 ? -22.908 -2.995  -0.928  1.00 9.12  ?  66  THR A C   1 
ATOM   492  O O   . THR A 1 58 ? -23.257 -1.876  -1.329  1.00 7.60  ?  66  THR A O   1 
ATOM   493  C CB  . THR A 1 58 ? -20.971 -3.269  0.559   1.00 9.66  ?  66  THR A CB  1 
ATOM   494  O OG1 . THR A 1 58 ? -21.214 -1.933  1.014   1.00 9.43  ?  66  THR A OG1 1 
ATOM   495  C CG2 . THR A 1 58 ? -19.479 -3.576  0.666   1.00 11.19 ?  66  THR A CG2 1 
ATOM   496  N N   . ASP A 1 59 ? -23.778 -3.885  -0.462  1.00 9.13  ?  67  ASP A N   1 
ATOM   497  C CA  . ASP A 1 59 ? -25.193 -3.549  -0.456  1.00 10.06 ?  67  ASP A CA  1 
ATOM   498  C C   . ASP A 1 59 ? -25.470 -2.318  0.404   1.00 8.80  ?  67  ASP A C   1 
ATOM   499  O O   . ASP A 1 59 ? -26.275 -1.470  0.019   1.00 10.34 ?  67  ASP A O   1 
ATOM   500  C CB  . ASP A 1 59 ? -26.045 -4.732  0.019   1.00 9.86  ?  67  ASP A CB  1 
ATOM   501  C CG  . ASP A 1 59 ? -26.060 -5.880  -0.979  1.00 18.58 ?  67  ASP A CG  1 
ATOM   502  O OD1 . ASP A 1 59 ? -25.766 -5.651  -2.167  1.00 20.09 ?  67  ASP A OD1 1 
ATOM   503  O OD2 . ASP A 1 59 ? -26.375 -7.016  -0.568  1.00 24.80 -1 67  ASP A OD2 1 
ATOM   504  N N   . GLU A 1 60 ? -24.791 -2.180  1.542   1.00 8.66  ?  68  GLU A N   1 
ATOM   505  C CA  . GLU A 1 60 ? -25.053 -1.016  2.386   1.00 10.68 ?  68  GLU A CA  1 
ATOM   506  C C   . GLU A 1 60 ? -24.681 0.289   1.677   1.00 8.23  ?  68  GLU A C   1 
ATOM   507  O O   . GLU A 1 60 ? -25.413 1.266   1.760   1.00 9.66  ?  68  GLU A O   1 
ATOM   508  C CB  . GLU A 1 60 ? -24.304 -1.126  3.706   1.00 13.51 ?  68  GLU A CB  1 
ATOM   509  C CG  . GLU A 1 60 ? -24.617 0.008   4.680   1.00 16.55 ?  68  GLU A CG  1 
ATOM   510  C CD  . GLU A 1 60 ? -24.688 -0.476  6.117   1.00 13.60 ?  68  GLU A CD  1 
ATOM   511  O OE1 . GLU A 1 60 ? -24.799 -1.699  6.320   1.00 22.31 ?  68  GLU A OE1 1 
ATOM   512  O OE2 . GLU A 1 60 ? -24.675 0.358   7.031   1.00 17.91 -1 68  GLU A OE2 1 
ATOM   513  N N   . ASN A 1 61 ? -23.558 0.293   0.968   1.00 7.95  ?  69  ASN A N   1 
ATOM   514  C CA  . ASN A 1 61 ? -23.140 1.512   0.294   1.00 8.21  ?  69  ASN A CA  1 
ATOM   515  C C   . ASN A 1 61 ? -23.977 1.775   -0.948  1.00 6.94  ?  69  ASN A C   1 
ATOM   516  O O   . ASN A 1 61 ? -24.203 2.927   -1.307  1.00 6.93  ?  69  ASN A O   1 
ATOM   517  C CB  . ASN A 1 61 ? -21.656 1.442   -0.052  1.00 6.40  ?  69  ASN A CB  1 
ATOM   518  C CG  . ASN A 1 61 ? -20.779 1.507   1.175   1.00 7.21  ?  69  ASN A CG  1 
ATOM   519  O OD1 . ASN A 1 61 ? -21.160 2.109   2.187   1.00 9.14  ?  69  ASN A OD1 1 
ATOM   520  N ND2 . ASN A 1 61 ? -19.604 0.895   1.098   1.00 6.92  ?  69  ASN A ND2 1 
ATOM   521  N N   . ILE A 1 62 ? -24.465 0.718   -1.587  1.00 7.01  ?  70  ILE A N   1 
ATOM   522  C CA  . ILE A 1 62 ? -25.372 0.888   -2.704  1.00 7.82  ?  70  ILE A CA  1 
ATOM   523  C C   . ILE A 1 62 ? -26.690 1.477   -2.192  1.00 9.52  ?  70  ILE A C   1 
ATOM   524  O O   . ILE A 1 62 ? -27.307 2.326   -2.853  1.00 9.08  ?  70  ILE A O   1 
ATOM   525  C CB  . ILE A 1 62 ? -25.601 -0.444  -3.453  1.00 7.33  ?  70  ILE A CB  1 
ATOM   526  C CG1 . ILE A 1 62 ? -24.306 -0.860  -4.152  1.00 10.14 ?  70  ILE A CG1 1 
ATOM   527  C CG2 . ILE A 1 62 ? -26.724 -0.289  -4.442  1.00 12.37 ?  70  ILE A CG2 1 
ATOM   528  C CD1 . ILE A 1 62 ? -24.331 -2.254  -4.730  1.00 13.93 ?  70  ILE A CD1 1 
ATOM   529  N N   . ARG A 1 63 ? -27.106 1.058   -1.000  1.00 8.94  ?  71  ARG A N   1 
ATOM   530  C CA  . ARG A 1 63 ? -28.294 1.647   -0.377  1.00 11.46 ?  71  ARG A CA  1 
ATOM   531  C C   . ARG A 1 63 ? -28.076 3.145   -0.090  1.00 8.86  ?  71  ARG A C   1 
ATOM   532  O O   . ARG A 1 63 ? -29.013 3.935   -0.198  1.00 9.93  ?  71  ARG A O   1 
ATOM   533  C CB  . ARG A 1 63 ? -28.654 0.916   0.926   1.00 14.86 ?  71  ARG A CB  1 
ATOM   534  C CG  . ARG A 1 63 ? -29.183 -0.498  0.770   1.00 19.86 ?  71  ARG A CG  1 
ATOM   535  C CD  . ARG A 1 63 ? -30.466 -0.548  -0.015  1.00 19.29 ?  71  ARG A CD  1 
ATOM   536  N NE  . ARG A 1 63 ? -30.920 -1.933  -0.125  1.00 24.86 ?  71  ARG A NE  1 
ATOM   537  C CZ  . ARG A 1 63 ? -32.054 -2.403  0.392   1.00 26.15 ?  71  ARG A CZ  1 
ATOM   538  N NH1 . ARG A 1 63 ? -32.892 -1.596  1.032   1.00 24.99 1  71  ARG A NH1 1 
ATOM   539  N NH2 . ARG A 1 63 ? -32.357 -3.687  0.245   1.00 29.27 ?  71  ARG A NH2 1 
ATOM   540  N N   . LYS A 1 64 ? -26.851 3.528   0.271   1.00 8.48  ?  72  LYS A N   1 
ATOM   541  C CA  . LYS A 1 64 ? -26.518 4.945   0.439   1.00 8.40  ?  72  LYS A CA  1 
ATOM   542  C C   . LYS A 1 64 ? -26.657 5.720   -0.873  1.00 7.88  ?  72  LYS A C   1 
ATOM   543  O O   . LYS A 1 64 ? -27.221 6.818   -0.903  1.00 7.73  ?  72  LYS A O   1 
ATOM   544  C CB  . LYS A 1 64 ? -25.103 5.094   0.983   1.00 9.02  ?  72  LYS A CB  1 
ATOM   545  C CG  . LYS A 1 64 ? -24.635 6.522   1.188   1.00 13.13 ?  72  LYS A CG  1 
ATOM   546  C CD  . LYS A 1 64 ? -25.407 7.197   2.307   1.00 12.43 ?  72  LYS A CD  1 
ATOM   547  C CE  . LYS A 1 64 ? -24.853 8.585   2.624   1.00 17.84 ?  72  LYS A CE  1 
ATOM   548  N NZ  . LYS A 1 64 ? -25.726 9.254   3.639   1.00 21.84 1  72  LYS A NZ  1 
ATOM   549  N N   . GLN A 1 65 ? -26.171 5.125   -1.963  1.00 5.73  ?  73  GLN A N   1 
ATOM   550  C CA  . GLN A 1 65 ? -26.359 5.722   -3.284  1.00 6.40  ?  73  GLN A CA  1 
ATOM   551  C C   . GLN A 1 65 ? -27.845 5.982   -3.554  1.00 7.18  ?  73  GLN A C   1 
ATOM   552  O O   . GLN A 1 65 ? -28.222 7.068   -3.967  1.00 6.68  ?  73  GLN A O   1 
ATOM   553  C CB  . GLN A 1 65 ? -25.770 4.826   -4.361  1.00 5.51  ?  73  GLN A CB  1 
ATOM   554  C CG  . GLN A 1 65 ? -26.058 5.304   -5.778  1.00 5.72  ?  73  GLN A CG  1 
ATOM   555  C CD  . GLN A 1 65 ? -25.630 4.266   -6.791  1.00 5.53  ?  73  GLN A CD  1 
ATOM   556  O OE1 . GLN A 1 65 ? -26.097 3.119   -6.746  1.00 6.59  ?  73  GLN A OE1 1 
ATOM   557  N NE2 . GLN A 1 65 ? -24.729 4.644   -7.707  1.00 4.99  ?  73  GLN A NE2 1 
ATOM   558  N N   . GLN A 1 66 ? -28.682 4.971   -3.296  1.00 7.08  ?  74  GLN A N   1 
ATOM   559  C CA  . GLN A 1 66 ? -30.135 5.090   -3.444  1.00 7.16  ?  74  GLN A CA  1 
ATOM   560  C C   . GLN A 1 66 ? -30.720 6.219   -2.585  1.00 7.72  ?  74  GLN A C   1 
ATOM   561  O O   . GLN A 1 66 ? -31.532 7.007   -3.073  1.00 7.48  ?  74  GLN A O   1 
ATOM   562  C CB  . GLN A 1 66 ? -30.807 3.748   -3.104  1.00 7.44  ?  74  GLN A CB  1 
ATOM   563  C CG  . GLN A 1 66 ? -32.319 3.799   -2.829  1.00 13.19 ?  74  GLN A CG  1 
ATOM   564  C CD  . GLN A 1 66 ? -32.934 2.412   -2.665  1.00 12.38 ?  74  GLN A CD  1 
ATOM   565  O OE1 . GLN A 1 66 ? -32.232 1.422   -2.535  1.00 13.20 ?  74  GLN A OE1 1 
ATOM   566  N NE2 . GLN A 1 66 ? -34.264 2.346   -2.677  1.00 13.05 ?  74  GLN A NE2 1 
ATOM   567  N N   . GLU A 1 67 ? -30.341 6.269   -1.313  1.00 8.20  ?  75  GLU A N   1 
ATOM   568  C CA  . GLU A 1 67 ? -30.850 7.308   -0.426  1.00 8.67  ?  75  GLU A CA  1 
ATOM   569  C C   . GLU A 1 67 ? -30.517 8.688   -0.961  1.00 7.90  ?  75  GLU A C   1 
ATOM   570  O O   . GLU A 1 67 ? -31.343 9.595   -0.903  1.00 10.40 ?  75  GLU A O   1 
ATOM   571  C CB  . GLU A 1 67 ? -30.276 7.151   0.985   1.00 10.70 ?  75  GLU A CB  1 
ATOM   572  C CG  . GLU A 1 67 ? -30.811 8.164   2.009   1.00 15.67 ?  75  GLU A CG  1 
ATOM   573  C CD  . GLU A 1 67 ? -30.055 8.124   3.341   1.00 22.82 ?  75  GLU A CD  1 
ATOM   574  O OE1 . GLU A 1 67 ? -29.172 7.260   3.525   1.00 26.50 ?  75  GLU A OE1 1 
ATOM   575  O OE2 . GLU A 1 67 ? -30.349 8.963   4.219   1.00 34.06 -1 75  GLU A OE2 1 
ATOM   576  N N   . LEU A 1 68 ? -29.293 8.866   -1.450  1.00 7.71  ?  76  LEU A N   1 
ATOM   577  C CA  . LEU A 1 68 ? -28.914 10.163  -1.991  1.00 7.97  ?  76  LEU A CA  1 
ATOM   578  C C   . LEU A 1 68 ? -29.719 10.518  -3.232  1.00 8.58  ?  76  LEU A C   1 
ATOM   579  O O   . LEU A 1 68 ? -30.094 11.673  -3.424  1.00 9.88  ?  76  LEU A O   1 
ATOM   580  C CB  . LEU A 1 68 ? -27.420 10.209  -2.315  1.00 8.59  ?  76  LEU A CB  1 
ATOM   581  C CG  . LEU A 1 68 ? -26.529 10.163  -1.077  1.00 7.94  ?  76  LEU A CG  1 
ATOM   582  C CD1 . LEU A 1 68 ? -25.060 9.880   -1.428  1.00 9.03  ?  76  LEU A CD1 1 
ATOM   583  C CD2 . LEU A 1 68 ? -26.674 11.469  -0.287  1.00 10.74 ?  76  LEU A CD2 1 
ATOM   584  N N   . GLU A 1 69 ? -29.983 9.526   -4.072  1.00 6.60  ?  77  GLU A N   1 
ATOM   585  C CA  . GLU A 1 69 ? -30.810 9.764   -5.251  1.00 6.97  ?  77  GLU A CA  1 
ATOM   586  C C   . GLU A 1 69 ? -32.238 10.166  -4.877  1.00 9.56  ?  77  GLU A C   1 
ATOM   587  O O   . GLU A 1 69 ? -32.844 11.019  -5.524  1.00 9.55  ?  77  GLU A O   1 
ATOM   588  C CB  . GLU A 1 69 ? -30.831 8.525   -6.149  1.00 6.07  ?  77  GLU A CB  1 
ATOM   589  C CG  . GLU A 1 69 ? -29.514 8.294   -6.868  1.00 5.39  ?  77  GLU A CG  1 
ATOM   590  C CD  . GLU A 1 69 ? -29.549 7.076   -7.755  1.00 6.32  ?  77  GLU A CD  1 
ATOM   591  O OE1 . GLU A 1 69 ? -29.709 5.952   -7.214  1.00 9.22  ?  77  GLU A OE1 1 
ATOM   592  O OE2 . GLU A 1 69 ? -29.409 7.222   -8.987  1.00 6.38  -1 77  GLU A OE2 1 
ATOM   593  N N   . LYS A 1 70 ? -32.776 9.562   -3.824  1.00 9.54  ?  78  LYS A N   1 
ATOM   594  C CA  . LYS A 1 70 ? -34.152 9.852   -3.441  1.00 13.63 ?  78  LYS A CA  1 
ATOM   595  C C   . LYS A 1 70 ? -34.310 11.187  -2.731  1.00 15.99 ?  78  LYS A C   1 
ATOM   596  O O   . LYS A 1 70 ? -35.406 11.758  -2.724  1.00 20.46 ?  78  LYS A O   1 
ATOM   597  C CB  . LYS A 1 70 ? -34.693 8.728   -2.570  1.00 14.64 ?  78  LYS A CB  1 
ATOM   598  C CG  . LYS A 1 70 ? -34.917 7.462   -3.344  1.00 16.26 ?  78  LYS A CG  1 
ATOM   599  C CD  . LYS A 1 70 ? -35.472 6.354   -2.479  1.00 21.42 ?  78  LYS A CD  1 
ATOM   600  C CE  . LYS A 1 70 ? -36.850 6.701   -1.912  1.00 24.25 ?  78  LYS A CE  1 
ATOM   601  N NZ  . LYS A 1 70 ? -37.939 6.754   -2.942  1.00 26.51 1  78  LYS A NZ  1 
ATOM   602  N N   . SER A 1 71 ? -33.239 11.699  -2.141  1.00 15.39 ?  79  SER A N   1 
ATOM   603  C CA  . SER A 1 71 ? -33.340 12.960  -1.416  1.00 18.65 ?  79  SER A CA  1 
ATOM   604  C C   . SER A 1 71 ? -32.952 14.131  -2.309  1.00 18.90 ?  79  SER A C   1 
ATOM   605  O O   . SER A 1 71 ? -32.976 15.285  -1.877  1.00 22.03 ?  79  SER A O   1 
ATOM   606  C CB  . SER A 1 71 ? -32.473 12.933  -0.161  1.00 22.55 ?  79  SER A CB  1 
ATOM   607  O OG  . SER A 1 71 ? -31.103 12.870  -0.496  1.00 23.90 ?  79  SER A OG  1 
ATOM   608  N N   . GLN A 1 72 ? -32.596 13.826  -3.553  1.00 20.62 ?  80  GLN A N   1 
ATOM   609  C CA  . GLN A 1 72 ? -32.272 14.854  -4.537  1.00 21.84 ?  80  GLN A CA  1 
ATOM   610  C C   . GLN A 1 72 ? -33.430 15.827  -4.722  1.00 24.87 ?  80  GLN A C   1 
ATOM   611  O O   . GLN A 1 72 ? -34.585 15.411  -4.782  1.00 25.53 ?  80  GLN A O   1 
ATOM   612  C CB  . GLN A 1 72 ? -31.917 14.214  -5.879  1.00 22.23 ?  80  GLN A CB  1 
ATOM   613  C CG  . GLN A 1 72 ? -30.440 14.025  -6.096  1.00 18.70 ?  80  GLN A CG  1 
ATOM   614  C CD  . GLN A 1 72 ? -29.699 15.341  -6.222  1.00 24.06 ?  80  GLN A CD  1 
ATOM   615  O OE1 . GLN A 1 72 ? -30.002 16.159  -7.091  1.00 27.90 ?  80  GLN A OE1 1 
ATOM   616  N NE2 . GLN A 1 72 ? -28.729 15.560  -5.337  1.00 25.42 ?  80  GLN A NE2 1 
ATOM   617  N N   . SER B 1 2  ? 2.219   -4.870  5.845   1.00 24.22 ?  10  SER B N   1 
ATOM   618  C CA  . SER B 1 2  ? 3.319   -4.131  5.225   1.00 19.54 ?  10  SER B CA  1 
ATOM   619  C C   . SER B 1 2  ? 4.083   -3.346  6.277   1.00 21.80 ?  10  SER B C   1 
ATOM   620  O O   . SER B 1 2  ? 3.539   -3.017  7.335   1.00 23.81 ?  10  SER B O   1 
ATOM   621  C CB  . SER B 1 2  ? 2.806   -3.179  4.148   1.00 21.16 ?  10  SER B CB  1 
ATOM   622  O OG  . SER B 1 2  ? 1.940   -2.196  4.700   1.00 21.99 ?  10  SER B OG  1 
ATOM   623  N N   . PHE B 1 3  ? 5.326   -3.002  5.957   1.00 11.76 ?  11  PHE B N   1 
ATOM   624  C CA  . PHE B 1 3  ? 6.197   -2.335  6.906   1.00 10.51 ?  11  PHE B CA  1 
ATOM   625  C C   . PHE B 1 3  ? 5.995   -0.829  6.837   1.00 12.30 ?  11  PHE B C   1 
ATOM   626  O O   . PHE B 1 3  ? 5.706   -0.285  5.775   1.00 12.15 ?  11  PHE B O   1 
ATOM   627  C CB  . PHE B 1 3  ? 7.669   -2.705  6.641   1.00 12.16 ?  11  PHE B CB  1 
ATOM   628  C CG  . PHE B 1 3  ? 7.960   -4.187  6.757   1.00 10.14 ?  11  PHE B CG  1 
ATOM   629  C CD1 . PHE B 1 3  ? 8.064   -4.978  5.627   1.00 11.99 ?  11  PHE B CD1 1 
ATOM   630  C CD2 . PHE B 1 3  ? 8.124   -4.778  7.993   1.00 13.49 ?  11  PHE B CD2 1 
ATOM   631  C CE1 . PHE B 1 3  ? 8.325   -6.330  5.729   1.00 13.24 ?  11  PHE B CE1 1 
ATOM   632  C CE2 . PHE B 1 3  ? 8.406   -6.136  8.108   1.00 13.92 ?  11  PHE B CE2 1 
ATOM   633  C CZ  . PHE B 1 3  ? 8.503   -6.917  6.973   1.00 9.90  ?  11  PHE B CZ  1 
ATOM   634  N N   . LYS B 1 4  ? 6.148   -0.158  7.973   1.00 13.19 ?  12  LYS B N   1 
ATOM   635  C CA  . LYS B 1 4  ? 5.870   1.274   8.057   1.00 14.33 ?  12  LYS B CA  1 
ATOM   636  C C   . LYS B 1 4  ? 7.149   2.074   8.182   1.00 11.99 ?  12  LYS B C   1 
ATOM   637  O O   . LYS B 1 4  ? 8.170   1.553   8.647   1.00 11.26 ?  12  LYS B O   1 
ATOM   638  C CB  . LYS B 1 4  ? 4.956   1.582   9.241   1.00 19.60 ?  12  LYS B CB  1 
ATOM   639  C CG  . LYS B 1 4  ? 3.761   0.669   9.331   1.00 21.34 ?  12  LYS B CG  1 
ATOM   640  C CD  . LYS B 1 4  ? 3.057   0.780   10.665  1.00 25.20 ?  12  LYS B CD  1 
ATOM   641  C CE  . LYS B 1 4  ? 1.606   0.330   10.533  1.00 27.62 ?  12  LYS B CE  1 
ATOM   642  N NZ  . LYS B 1 4  ? 1.048   0.556   9.159   1.00 31.79 ?  12  LYS B NZ  1 
ATOM   643  N N   . GLU B 1 5  ? 7.093   3.341   7.782   1.00 13.83 ?  13  GLU B N   1 
ATOM   644  C CA  . GLU B 1 5  ? 8.230   4.224   7.930   1.00 13.92 ?  13  GLU B CA  1 
ATOM   645  C C   . GLU B 1 5  ? 8.661   4.299   9.384   1.00 12.97 ?  13  GLU B C   1 
ATOM   646  O O   . GLU B 1 5  ? 7.827   4.444   10.288  1.00 13.12 ?  13  GLU B O   1 
ATOM   647  C CB  . GLU B 1 5  ? 7.922   5.626   7.405   1.00 18.54 ?  13  GLU B CB  1 
ATOM   648  C CG  . GLU B 1 5  ? 9.069   6.598   7.632   1.00 22.82 ?  13  GLU B CG  1 
ATOM   649  C CD  . GLU B 1 5  ? 8.874   7.899   6.904   1.00 26.94 ?  13  GLU B CD  1 
ATOM   650  O OE1 . GLU B 1 5  ? 8.378   7.860   5.755   1.00 32.64 ?  13  GLU B OE1 1 
ATOM   651  O OE2 . GLU B 1 5  ? 9.207   8.960   7.478   1.00 28.99 -1 13  GLU B OE2 1 
ATOM   652  N N   . GLY B 1 6  ? 9.965   4.168   9.603   1.00 10.97 ?  14  GLY B N   1 
ATOM   653  C CA  . GLY B 1 6  ? 10.530  4.239   10.937  1.00 11.22 ?  14  GLY B CA  1 
ATOM   654  C C   . GLY B 1 6  ? 10.612  2.879   11.603  1.00 10.49 ?  14  GLY B C   1 
ATOM   655  O O   . GLY B 1 6  ? 11.240  2.751   12.645  1.00 12.03 ?  14  GLY B O   1 
ATOM   656  N N   . GLU B 1 7  ? 9.999   1.860   11.000  1.00 9.57  ?  15  GLU B N   1 
ATOM   657  C CA  . GLU B 1 7  ? 9.942   0.549   11.627  1.00 10.15 ?  15  GLU B CA  1 
ATOM   658  C C   . GLU B 1 7  ? 11.310  -0.135  11.562  1.00 9.72  ?  15  GLU B C   1 
ATOM   659  O O   . GLU B 1 7  ? 11.969  -0.124  10.514  1.00 8.33  ?  15  GLU B O   1 
ATOM   660  C CB  . GLU B 1 7  ? 8.878   -0.333  10.962  1.00 11.21 ?  15  GLU B CB  1 
ATOM   661  C CG  . GLU B 1 7  ? 8.632   -1.665  11.674  1.00 11.59 ?  15  GLU B CG  1 
ATOM   662  C CD  . GLU B 1 7  ? 7.505   -2.491  11.030  1.00 11.73 ?  15  GLU B CD  1 
ATOM   663  O OE1 . GLU B 1 7  ? 6.718   -1.942  10.227  1.00 14.62 ?  15  GLU B OE1 1 
ATOM   664  O OE2 . GLU B 1 7  ? 7.396   -3.692  11.340  1.00 12.24 -1 15  GLU B OE2 1 
ATOM   665  N N   . ARG B 1 8  ? 11.738  -0.694  12.691  1.00 9.49  ?  16  ARG B N   1 
ATOM   666  C CA  . ARG B 1 8  ? 12.932  -1.528  12.719  1.00 8.11  ?  16  ARG B CA  1 
ATOM   667  C C   . ARG B 1 8  ? 12.571  -2.928  12.263  1.00 8.84  ?  16  ARG B C   1 
ATOM   668  O O   . ARG B 1 8  ? 11.571  -3.498  12.708  1.00 9.12  ?  16  ARG B O   1 
ATOM   669  C CB  . ARG B 1 8  ? 13.549  -1.570  14.120  1.00 10.25 ?  16  ARG B CB  1 
ATOM   670  C CG  . ARG B 1 8  ? 13.974  -0.211  14.662  1.00 20.22 ?  16  ARG B CG  1 
ATOM   671  C CD  . ARG B 1 8  ? 14.001  -0.242  16.195  1.00 22.61 ?  16  ARG B CD  1 
ATOM   672  N NE  . ARG B 1 8  ? 12.766  -0.806  16.744  1.00 23.21 ?  16  ARG B NE  1 
ATOM   673  C CZ  . ARG B 1 8  ? 12.698  -1.487  17.884  1.00 24.82 ?  16  ARG B CZ  1 
ATOM   674  N NH1 . ARG B 1 8  ? 13.798  -1.687  18.600  1.00 25.41 1  16  ARG B NH1 1 
ATOM   675  N NH2 . ARG B 1 8  ? 11.536  -1.971  18.305  1.00 27.03 ?  16  ARG B NH2 1 
ATOM   676  N N   . VAL B 1 9  ? 13.400  -3.473  11.376  1.00 6.46  ?  17  VAL B N   1 
ATOM   677  C CA  . VAL B 1 9  ? 13.166  -4.775  10.784  1.00 7.23  ?  17  VAL B CA  1 
ATOM   678  C C   . VAL B 1 9  ? 14.468  -5.570  10.774  1.00 5.32  ?  17  VAL B C   1 
ATOM   679  O O   . VAL B 1 9  ? 15.538  -5.034  11.086  1.00 6.00  ?  17  VAL B O   1 
ATOM   680  C CB  . VAL B 1 9  ? 12.649  -4.646  9.336   1.00 6.87  ?  17  VAL B CB  1 
ATOM   681  C CG1 . VAL B 1 9  ? 11.316  -3.897  9.297   1.00 8.17  ?  17  VAL B CG1 1 
ATOM   682  C CG2 . VAL B 1 9  ? 13.685  -3.939  8.445   1.00 7.75  ?  17  VAL B CG2 1 
ATOM   683  N N   . LEU B 1 10 ? 14.380  -6.848  10.412  1.00 6.80  ?  18  LEU B N   1 
ATOM   684  C CA  . LEU B 1 10 ? 15.562  -7.611  10.021  1.00 5.64  ?  18  LEU B CA  1 
ATOM   685  C C   . LEU B 1 10 ? 15.613  -7.651  8.510   1.00 5.95  ?  18  LEU B C   1 
ATOM   686  O O   . LEU B 1 10 ? 14.560  -7.765  7.862   1.00 6.45  ?  18  LEU B O   1 
ATOM   687  C CB  . LEU B 1 10 ? 15.521  -9.023  10.595  1.00 5.90  ?  18  LEU B CB  1 
ATOM   688  C CG  . LEU B 1 10 ? 15.581  -9.060  12.122  1.00 5.85  ?  18  LEU B CG  1 
ATOM   689  C CD1 . LEU B 1 10 ? 15.309  -10.474 12.655  1.00 12.51 ?  18  LEU B CD1 1 
ATOM   690  C CD2 . LEU B 1 10 ? 16.947  -8.548  12.662  1.00 7.89  ?  18  LEU B CD2 1 
ATOM   691  N N   . ALA B 1 11 ? 16.810  -7.546  7.945   1.00 4.58  ?  19  ALA B N   1 
ATOM   692  C CA  . ALA B 1 11 ? 16.998  -7.520  6.502   1.00 5.54  ?  19  ALA B CA  1 
ATOM   693  C C   . ALA B 1 11 ? 18.171  -8.393  6.096   1.00 4.74  ?  19  ALA B C   1 
ATOM   694  O O   . ALA B 1 11 ? 19.258  -8.306  6.674   1.00 5.47  ?  19  ALA B O   1 
ATOM   695  C CB  . ALA B 1 11 ? 17.220  -6.085  6.013   1.00 6.47  ?  19  ALA B CB  1 
ATOM   696  N N   . TYR B 1 12 ? 17.961  -9.221  5.081   1.00 5.23  ?  20  TYR B N   1 
ATOM   697  C CA  . TYR B 1 12 ? 19.070  -9.940  4.482   1.00 5.09  ?  20  TYR B CA  1 
ATOM   698  C C   . TYR B 1 12 ? 19.993  -8.996  3.738   1.00 6.30  ?  20  TYR B C   1 
ATOM   699  O O   . TYR B 1 12 ? 19.551  -8.107  3.009   1.00 7.51  ?  20  TYR B O   1 
ATOM   700  C CB  . TYR B 1 12 ? 18.567  -11.020 3.526   1.00 6.01  ?  20  TYR B CB  1 
ATOM   701  C CG  . TYR B 1 12 ? 18.002  -12.240 4.200   1.00 5.03  ?  20  TYR B CG  1 
ATOM   702  C CD1 . TYR B 1 12 ? 18.837  -13.114 4.884   1.00 6.32  ?  20  TYR B CD1 1 
ATOM   703  C CD2 . TYR B 1 12 ? 16.636  -12.524 4.160   1.00 7.27  ?  20  TYR B CD2 1 
ATOM   704  C CE1 . TYR B 1 12 ? 18.336  -14.248 5.506   1.00 6.40  ?  20  TYR B CE1 1 
ATOM   705  C CE2 . TYR B 1 12 ? 16.136  -13.660 4.787   1.00 7.71  ?  20  TYR B CE2 1 
ATOM   706  C CZ  . TYR B 1 12 ? 16.993  -14.517 5.454   1.00 8.56  ?  20  TYR B CZ  1 
ATOM   707  O OH  . TYR B 1 12 ? 16.523  -15.659 6.094   1.00 12.39 ?  20  TYR B OH  1 
ATOM   708  N N   . HIS B 1 13 ? 21.284  -9.204  3.909   1.00 6.36  ?  21  HIS B N   1 
ATOM   709  C CA  . HIS B 1 13 ? 22.236  -8.575  3.017   1.00 7.12  ?  21  HIS B CA  1 
ATOM   710  C C   . HIS B 1 13 ? 23.278  -9.637  2.807   1.00 9.17  ?  21  HIS B C   1 
ATOM   711  O O   . HIS B 1 13 ? 24.124  -9.830  3.650   1.00 9.41  ?  21  HIS B O   1 
ATOM   712  C CB  . HIS B 1 13 ? 22.822  -7.297  3.620   1.00 8.65  ?  21  HIS B CB  1 
ATOM   713  C CG  . HIS B 1 13 ? 23.480  -6.412  2.614   1.00 9.09  ?  21  HIS B CG  1 
ATOM   714  N ND1 . HIS B 1 13 ? 22.856  -5.321  2.043   1.00 13.71 ?  21  HIS B ND1 1 
ATOM   715  C CD2 . HIS B 1 13 ? 24.708  -6.485  2.046   1.00 7.82  ?  21  HIS B CD2 1 
ATOM   716  C CE1 . HIS B 1 13 ? 23.686  -4.745  1.189   1.00 9.54  ?  21  HIS B CE1 1 
ATOM   717  N NE2 . HIS B 1 13 ? 24.811  -5.435  1.170   1.00 14.85 ?  21  HIS B NE2 1 
ATOM   718  N N   . GLY B 1 14 ? 23.159  -10.405 1.735   1.00 9.56  ?  22  GLY B N   1 
ATOM   719  C CA  . GLY B 1 14 ? 23.801  -11.707 1.724   1.00 8.57  ?  22  GLY B CA  1 
ATOM   720  C C   . GLY B 1 14 ? 23.052  -12.619 2.677   1.00 7.27  ?  22  GLY B C   1 
ATOM   721  O O   . GLY B 1 14 ? 21.927  -12.330 3.076   1.00 8.40  ?  22  GLY B O   1 
ATOM   722  N N   . PRO B 1 15 ? 23.673  -13.736 3.063   1.00 6.52  ?  23  PRO B N   1 
ATOM   723  C CA  . PRO B 1 15 ? 22.897  -14.764 3.757   1.00 6.80  ?  23  PRO B CA  1 
ATOM   724  C C   . PRO B 1 15 ? 22.592  -14.472 5.223   1.00 7.79  ?  23  PRO B C   1 
ATOM   725  O O   . PRO B 1 15 ? 21.772  -15.169 5.792   1.00 13.14 ?  23  PRO B O   1 
ATOM   726  C CB  . PRO B 1 15 ? 23.773  -16.016 3.617   1.00 9.95  ?  23  PRO B CB  1 
ATOM   727  C CG  . PRO B 1 15 ? 25.147  -15.487 3.439   1.00 11.19 ?  23  PRO B CG  1 
ATOM   728  C CD  . PRO B 1 15 ? 25.009  -14.202 2.674   1.00 7.73  ?  23  PRO B CD  1 
ATOM   729  N N   . LEU B 1 16 ? 23.176  -13.435 5.808   1.00 6.42  ?  24  LEU B N   1 
ATOM   730  C CA  . LEU B 1 16 ? 22.907  -13.125 7.209   1.00 6.93  ?  24  LEU B CA  1 
ATOM   731  C C   . LEU B 1 16 ? 21.843  -12.044 7.331   1.00 6.00  ?  24  LEU B C   1 
ATOM   732  O O   . LEU B 1 16 ? 21.640  -11.257 6.413   1.00 5.35  ?  24  LEU B O   1 
ATOM   733  C CB  . LEU B 1 16 ? 24.186  -12.685 7.927   1.00 6.72  ?  24  LEU B CB  1 
ATOM   734  C CG  . LEU B 1 16 ? 25.323  -13.716 7.899   1.00 6.10  ?  24  LEU B CG  1 
ATOM   735  C CD1 . LEU B 1 16 ? 26.553  -13.162 8.593   1.00 8.47  ?  24  LEU B CD1 1 
ATOM   736  C CD2 . LEU B 1 16 ? 24.866  -15.015 8.571   1.00 9.54  ?  24  LEU B CD2 1 
ATOM   737  N N   . LEU B 1 17 ? 21.192  -12.012 8.486   1.00 4.98  ?  25  LEU B N   1 
ATOM   738  C CA  . LEU B 1 17 ? 20.181  -11.020 8.794   1.00 4.07  ?  25  LEU B CA  1 
ATOM   739  C C   . LEU B 1 17 ? 20.742  -9.885  9.630   1.00 4.82  ?  25  LEU B C   1 
ATOM   740  O O   . LEU B 1 17 ? 21.426  -10.123 10.635  1.00 5.47  ?  25  LEU B O   1 
ATOM   741  C CB  . LEU B 1 17 ? 19.032  -11.678 9.538   1.00 5.45  ?  25  LEU B CB  1 
ATOM   742  C CG  . LEU B 1 17 ? 18.077  -12.502 8.674   1.00 5.55  ?  25  LEU B CG  1 
ATOM   743  C CD1 . LEU B 1 17 ? 17.190  -13.398 9.553   1.00 6.92  ?  25  LEU B CD1 1 
ATOM   744  C CD2 . LEU B 1 17 ? 17.214  -11.601 7.768   1.00 6.44  ?  25  LEU B CD2 1 
ATOM   745  N N   . TYR B 1 18 ? 20.452  -8.648  9.224   1.00 4.60  ?  26  TYR B N   1 
ATOM   746  C CA  . TYR B 1 18 ? 20.930  -7.447  9.906   1.00 4.78  ?  26  TYR B CA  1 
ATOM   747  C C   . TYR B 1 18 ? 19.773  -6.570  10.329  1.00 4.06  ?  26  TYR B C   1 
ATOM   748  O O   . TYR B 1 18 ? 18.764  -6.465  9.613   1.00 5.35  ?  26  TYR B O   1 
ATOM   749  C CB  . TYR B 1 18 ? 21.854  -6.641  8.985   1.00 4.52  ?  26  TYR B CB  1 
ATOM   750  C CG  . TYR B 1 18 ? 23.055  -7.413  8.498   1.00 4.67  ?  26  TYR B CG  1 
ATOM   751  C CD1 . TYR B 1 18 ? 24.272  -7.367  9.190   1.00 6.15  ?  26  TYR B CD1 1 
ATOM   752  C CD2 . TYR B 1 18 ? 22.968  -8.220  7.361   1.00 5.42  ?  26  TYR B CD2 1 
ATOM   753  C CE1 . TYR B 1 18 ? 25.363  -8.110  8.777   1.00 5.01  ?  26  TYR B CE1 1 
ATOM   754  C CE2 . TYR B 1 18 ? 24.065  -8.949  6.927   1.00 6.03  ?  26  TYR B CE2 1 
ATOM   755  C CZ  . TYR B 1 18 ? 25.251  -8.893  7.634   1.00 4.53  ?  26  TYR B CZ  1 
ATOM   756  O OH  . TYR B 1 18 ? 26.314  -9.625  7.180   1.00 6.80  ?  26  TYR B OH  1 
ATOM   757  N N   . GLU B 1 19 ? 19.907  -5.904  11.467  1.00 3.91  ?  27  GLU B N   1 
ATOM   758  C CA  . GLU B 1 19 ? 18.879  -4.941  11.831  1.00 5.35  ?  27  GLU B CA  1 
ATOM   759  C C   . GLU B 1 19 ? 18.937  -3.743  10.872  1.00 5.16  ?  27  GLU B C   1 
ATOM   760  O O   . GLU B 1 19 ? 20.015  -3.274  10.481  1.00 5.27  ?  27  GLU B O   1 
ATOM   761  C CB  . GLU B 1 19 ? 19.019  -4.482  13.288  1.00 4.65  ?  27  GLU B CB  1 
ATOM   762  C CG  . GLU B 1 19 ? 17.733  -3.814  13.773  1.00 5.72  ?  27  GLU B CG  1 
ATOM   763  C CD  . GLU B 1 19 ? 17.730  -3.508  15.262  1.00 6.97  ?  27  GLU B CD  1 
ATOM   764  O OE1 . GLU B 1 19 ? 18.815  -3.461  15.876  1.00 6.72  ?  27  GLU B OE1 1 
ATOM   765  O OE2 . GLU B 1 19 ? 16.600  -3.331  15.808  1.00 8.66  -1 27  GLU B OE2 1 
ATOM   766  N N   . ALA B 1 20 ? 17.758  -3.276  10.475  1.00 5.12  ?  28  ALA B N   1 
ATOM   767  C CA  . ALA B 1 20 ? 17.610  -2.171  9.539   1.00 5.71  ?  28  ALA B CA  1 
ATOM   768  C C   . ALA B 1 20 ? 16.407  -1.345  9.956   1.00 6.10  ?  28  ALA B C   1 
ATOM   769  O O   . ALA B 1 20 ? 15.599  -1.795  10.767  1.00 6.65  ?  28  ALA B O   1 
ATOM   770  C CB  . ALA B 1 20 ? 17.457  -2.698  8.090   1.00 6.33  ?  28  ALA B CB  1 
ATOM   771  N N   . LYS B 1 21 ? 16.296  -0.154  9.376   1.00 7.37  ?  29  LYS B N   1 
ATOM   772  C CA  . LYS B 1 21 ? 15.155  0.715   9.576   1.00 9.71  ?  29  LYS B CA  1 
ATOM   773  C C   . LYS B 1 21 ? 14.541  1.066   8.229   1.00 6.94  ?  29  LYS B C   1 
ATOM   774  O O   . LYS B 1 21 ? 15.256  1.426   7.290   1.00 7.77  ?  29  LYS B O   1 
ATOM   775  C CB  . LYS B 1 21 ? 15.577  1.982   10.308  1.00 12.32 ?  29  LYS B CB  1 
ATOM   776  C CG  . LYS B 1 21 ? 14.457  2.960   10.593  1.00 19.14 ?  29  LYS B CG  1 
ATOM   777  C CD  . LYS B 1 21 ? 15.053  4.322   10.925  1.00 23.77 ?  29  LYS B CD  1 
ATOM   778  C CE  . LYS B 1 21 ? 14.320  4.962   12.078  1.00 28.11 ?  29  LYS B CE  1 
ATOM   779  N NZ  . LYS B 1 21 ? 14.252  4.017   13.230  1.00 27.83 1  29  LYS B NZ  1 
ATOM   780  N N   . VAL B 1 22 ? 13.216  0.981   8.145   1.00 7.69  ?  30  VAL B N   1 
ATOM   781  C CA  . VAL B 1 22 ? 12.522  1.434   6.953   1.00 8.23  ?  30  VAL B CA  1 
ATOM   782  C C   . VAL B 1 22 ? 12.443  2.966   6.913   1.00 7.38  ?  30  VAL B C   1 
ATOM   783  O O   . VAL B 1 22 ? 11.895  3.593   7.824   1.00 10.73 ?  30  VAL B O   1 
ATOM   784  C CB  . VAL B 1 22 ? 11.115  0.835   6.880   1.00 8.66  ?  30  VAL B CB  1 
ATOM   785  C CG1 . VAL B 1 22 ? 10.366  1.384   5.649   1.00 7.68  ?  30  VAL B CG1 1 
ATOM   786  C CG2 . VAL B 1 22 ? 11.190  -0.688  6.815   1.00 9.97  ?  30  VAL B CG2 1 
ATOM   787  N N   . GLN B 1 23 ? 13.013  3.558   5.869   1.00 8.52  ?  31  GLN B N   1 
ATOM   788  C CA  . GLN B 1 23 ? 13.013  5.012   5.681   1.00 12.57 ?  31  GLN B CA  1 
ATOM   789  C C   . GLN B 1 23 ? 11.784  5.475   4.888   1.00 13.41 ?  31  GLN B C   1 
ATOM   790  O O   . GLN B 1 23 ? 11.217  6.539   5.167   1.00 16.28 ?  31  GLN B O   1 
ATOM   791  C CB  . GLN B 1 23 ? 14.289  5.446   4.957   1.00 11.49 ?  31  GLN B CB  1 
ATOM   792  C CG  . GLN B 1 23 ? 15.585  5.154   5.704   1.00 12.87 ?  31  GLN B CG  1 
ATOM   793  C CD  . GLN B 1 23 ? 16.800  5.291   4.814   1.00 15.96 ?  31  GLN B CD  1 
ATOM   794  O OE1 . GLN B 1 23 ? 16.868  4.708   3.731   1.00 16.57 ?  31  GLN B OE1 1 
ATOM   795  N NE2 . GLN B 1 23 ? 17.779  6.057   5.271   1.00 19.32 ?  31  GLN B NE2 1 
ATOM   796  N N   . LYS B 1 24 ? 11.379  4.662   3.912   1.00 9.84  ?  32  LYS B N   1 
ATOM   797  C CA  . LYS B 1 24 ? 10.262  4.957   3.014   1.00 9.48  ?  32  LYS B CA  1 
ATOM   798  C C   . LYS B 1 24 ? 9.567   3.659   2.654   1.00 9.49  ?  32  LYS B C   1 
ATOM   799  O O   . LYS B 1 24 ? 10.233  2.650   2.430   1.00 8.64  ?  32  LYS B O   1 
ATOM   800  C CB  . LYS B 1 24 ? 10.744  5.625   1.728   1.00 15.88 ?  32  LYS B CB  1 
ATOM   801  C CG  . LYS B 1 24 ? 11.241  7.044   1.850   1.00 21.95 ?  32  LYS B CG  1 
ATOM   802  C CD  . LYS B 1 24 ? 11.511  7.605   0.459   1.00 29.09 ?  32  LYS B CD  1 
ATOM   803  C CE  . LYS B 1 24 ? 11.762  9.105   0.494   1.00 33.38 ?  32  LYS B CE  1 
ATOM   804  N NZ  . LYS B 1 24 ? 10.641  9.843   -0.155  1.00 38.26 1  32  LYS B NZ  1 
ATOM   805  N N   . SER B 1 25 ? 8.240   3.700   2.543   1.00 10.14 ?  33  SER B N   1 
ATOM   806  C CA  . SER B 1 25 ? 7.458   2.581   2.022   1.00 8.49  ?  33  SER B CA  1 
ATOM   807  C C   . SER B 1 25 ? 6.624   3.068   0.849   1.00 10.33 ?  33  SER B C   1 
ATOM   808  O O   . SER B 1 25 ? 5.970   4.115   0.939   1.00 12.21 ?  33  SER B O   1 
ATOM   809  C CB  . SER B 1 25 ? 6.536   1.990   3.088   1.00 10.64 ?  33  SER B CB  1 
ATOM   810  O OG  . SER B 1 25 ? 7.266   1.611   4.248   1.00 10.91 ?  33  SER B OG  1 
ATOM   811  N N   . GLU B 1 26 ? 6.619   2.305   -0.237  1.00 8.44  ?  34  GLU B N   1 
ATOM   812  C CA  . GLU B 1 26 ? 5.835   2.674   -1.418  1.00 8.55  ?  34  GLU B CA  1 
ATOM   813  C C   . GLU B 1 26 ? 5.224   1.447   -2.066  1.00 9.08  ?  34  GLU B C   1 
ATOM   814  O O   . GLU B 1 26 ? 5.817   0.367   -2.040  1.00 10.35 ?  34  GLU B O   1 
ATOM   815  C CB  . GLU B 1 26 ? 6.694   3.410   -2.445  1.00 9.27  ?  34  GLU B CB  1 
ATOM   816  C CG  . GLU B 1 26 ? 7.238   4.762   -2.002  1.00 14.86 ?  34  GLU B CG  1 
ATOM   817  C CD  . GLU B 1 26 ? 8.138   5.379   -3.054  1.00 13.59 ?  34  GLU B CD  1 
ATOM   818  O OE1 . GLU B 1 26 ? 8.294   4.775   -4.134  1.00 15.68 ?  34  GLU B OE1 1 
ATOM   819  O OE2 . GLU B 1 26 ? 8.700   6.459   -2.799  1.00 18.66 -1 34  GLU B OE2 1 
ATOM   820  N N   . ASN B 1 27 ? 4.041   1.614   -2.651  1.00 10.42 ?  35  ASN B N   1 
ATOM   821  C CA  . ASN B 1 27 ? 3.413   0.525   -3.389  1.00 11.16 ?  35  ASN B CA  1 
ATOM   822  C C   . ASN B 1 27 ? 2.990   1.000   -4.764  1.00 12.53 ?  35  ASN B C   1 
ATOM   823  O O   . ASN B 1 27 ? 2.280   1.993   -4.883  1.00 12.38 ?  35  ASN B O   1 
ATOM   824  C CB  . ASN B 1 27 ? 2.221   -0.037  -2.603  1.00 12.34 ?  35  ASN B CB  1 
ATOM   825  C CG  . ASN B 1 27 ? 1.626   -1.292  -3.235  1.00 17.26 ?  35  ASN B CG  1 
ATOM   826  O OD1 . ASN B 1 27 ? 1.249   -1.301  -4.407  1.00 16.59 ?  35  ASN B OD1 1 
ATOM   827  N ND2 . ASN B 1 27 ? 1.563   -2.373  -2.454  1.00 16.09 ?  35  ASN B ND2 1 
ATOM   828  N N   . LYS B 1 28 ? 3.472   0.314   -5.794  1.00 12.21 ?  36  LYS B N   1 
ATOM   829  C CA  . LYS B 1 28 ? 2.945   0.444   -7.153  1.00 14.31 ?  36  LYS B CA  1 
ATOM   830  C C   . LYS B 1 28 ? 2.794   -0.953  -7.725  1.00 18.27 ?  36  LYS B C   1 
ATOM   831  O O   . LYS B 1 28 ? 3.544   -1.870  -7.355  1.00 17.97 ?  36  LYS B O   1 
ATOM   832  C CB  . LYS B 1 28 ? 3.852   1.292   -8.048  1.00 19.98 ?  36  LYS B CB  1 
ATOM   833  C CG  . LYS B 1 28 ? 3.952   2.756   -7.654  1.00 23.05 ?  36  LYS B CG  1 
ATOM   834  C CD  . LYS B 1 28 ? 4.695   3.582   -8.703  1.00 23.13 ?  36  LYS B CD  1 
ATOM   835  C CE  . LYS B 1 28 ? 4.585   5.076   -8.397  1.00 26.93 ?  36  LYS B CE  1 
ATOM   836  N NZ  . LYS B 1 28 ? 5.291   5.924   -9.405  1.00 30.63 1  36  LYS B NZ  1 
ATOM   837  N N   . GLU B 1 29 ? 1.823   -1.115  -8.622  1.00 19.37 ?  37  GLU B N   1 
ATOM   838  C CA  . GLU B 1 29 ? 1.587   -2.393  -9.300  1.00 21.11 ?  37  GLU B CA  1 
ATOM   839  C C   . GLU B 1 29 ? 1.431   -3.571  -8.333  1.00 19.24 ?  37  GLU B C   1 
ATOM   840  O O   . GLU B 1 29 ? 1.948   -4.665  -8.588  1.00 26.35 ?  37  GLU B O   1 
ATOM   841  C CB  . GLU B 1 29 ? 2.720   -2.674  -10.287 1.00 25.98 ?  37  GLU B CB  1 
ATOM   842  C CG  . GLU B 1 29 ? 2.807   -1.670  -11.419 1.00 25.42 ?  37  GLU B CG  1 
ATOM   843  C CD  . GLU B 1 29 ? 1.478   -1.474  -12.135 1.00 30.18 ?  37  GLU B CD  1 
ATOM   844  O OE1 . GLU B 1 29 ? 0.738   -2.465  -12.321 1.00 31.37 ?  37  GLU B OE1 1 
ATOM   845  O OE2 . GLU B 1 29 ? 1.172   -0.324  -12.519 1.00 35.96 -1 37  GLU B OE2 1 
ATOM   846  N N   . ASP B 1 30 ? 0.711   -3.334  -7.239  1.00 17.24 ?  38  ASP B N   1 
ATOM   847  C CA  . ASP B 1 30 ? 0.428   -4.340  -6.221  1.00 19.04 ?  38  ASP B CA  1 
ATOM   848  C C   . ASP B 1 30 ? 1.724   -4.946  -5.692  1.00 21.58 ?  38  ASP B C   1 
ATOM   849  O O   . ASP B 1 30 ? 1.822   -6.158  -5.500  1.00 25.53 ?  38  ASP B O   1 
ATOM   850  C CB  . ASP B 1 30 ? -0.493  -5.434  -6.780  1.00 20.44 ?  38  ASP B CB  1 
ATOM   851  C CG  . ASP B 1 30 ? -1.267  -6.176  -5.690  1.00 26.06 ?  38  ASP B CG  1 
ATOM   852  O OD1 . ASP B 1 30 ? -1.399  -5.656  -4.562  1.00 28.06 ?  38  ASP B OD1 1 
ATOM   853  O OD2 . ASP B 1 30 ? -1.758  -7.293  -5.967  1.00 28.37 -1 38  ASP B OD2 1 
ATOM   854  N N   . GLU B 1 31 ? 2.722   -4.094  -5.477  1.00 22.15 ?  39  GLU B N   1 
ATOM   855  C CA  . GLU B 1 31 ? 3.999   -4.520  -4.904  1.00 20.76 ?  39  GLU B CA  1 
ATOM   856  C C   . GLU B 1 31 ? 4.600   -3.435  -4.012  1.00 17.84 ?  39  GLU B C   1 
ATOM   857  O O   . GLU B 1 31 ? 4.725   -2.268  -4.403  1.00 16.58 ?  39  GLU B O   1 
ATOM   858  C CB  . GLU B 1 31 ? 4.980   -4.895  -6.009  1.00 20.56 ?  39  GLU B CB  1 
ATOM   859  C CG  . GLU B 1 31 ? 6.378   -5.283  -5.527  1.00 20.83 ?  39  GLU B CG  1 
ATOM   860  C CD  . GLU B 1 31 ? 7.193   -5.926  -6.623  1.00 22.53 ?  39  GLU B CD  1 
ATOM   861  O OE1 . GLU B 1 31 ? 6.663   -6.859  -7.265  1.00 31.78 ?  39  GLU B OE1 1 
ATOM   862  O OE2 . GLU B 1 31 ? 8.340   -5.491  -6.872  1.00 26.07 -1 39  GLU B OE2 1 
ATOM   863  N N   . TRP B 1 32 ? 4.991   -3.841  -2.814  1.00 13.38 ?  40  TRP B N   1 
ATOM   864  C CA  . TRP B 1 32 ? 5.661   -2.946  -1.888  1.00 14.04 ?  40  TRP B CA  1 
ATOM   865  C C   . TRP B 1 32 ? 7.155   -2.877  -2.134  1.00 10.93 ?  40  TRP B C   1 
ATOM   866  O O   . TRP B 1 32 ? 7.809   -3.879  -2.450  1.00 12.26 ?  40  TRP B O   1 
ATOM   867  C CB  . TRP B 1 32 ? 5.404   -3.380  -0.453  1.00 12.71 ?  40  TRP B CB  1 
ATOM   868  C CG  . TRP B 1 32 ? 4.037   -3.078  0.011   1.00 14.09 ?  40  TRP B CG  1 
ATOM   869  C CD1 . TRP B 1 32 ? 2.983   -3.942  0.079   1.00 17.65 ?  40  TRP B CD1 1 
ATOM   870  C CD2 . TRP B 1 32 ? 3.552   -1.810  0.464   1.00 12.54 ?  40  TRP B CD2 1 
ATOM   871  N NE1 . TRP B 1 32 ? 1.873   -3.288  0.561   1.00 17.12 ?  40  TRP B NE1 1 
ATOM   872  C CE2 . TRP B 1 32 ? 2.193   -1.977  0.799   1.00 17.35 ?  40  TRP B CE2 1 
ATOM   873  C CE3 . TRP B 1 32 ? 4.137   -0.547  0.618   1.00 11.16 ?  40  TRP B CE3 1 
ATOM   874  C CZ2 . TRP B 1 32 ? 1.409   -0.929  1.290   1.00 16.94 ?  40  TRP B CZ2 1 
ATOM   875  C CZ3 . TRP B 1 32 ? 3.362   0.495   1.099   1.00 15.63 ?  40  TRP B CZ3 1 
ATOM   876  C CH2 . TRP B 1 32 ? 2.008   0.298   1.429   1.00 16.27 ?  40  TRP B CH2 1 
ATOM   877  N N   . ARG B 1 33 ? 7.713   -1.688  -1.986  1.00 9.43  ?  41  ARG B N   1 
ATOM   878  C CA  . ARG B 1 33 ? 9.160   -1.571  -1.866  1.00 7.89  ?  41  ARG B CA  1 
ATOM   879  C C   . ARG B 1 33 ? 9.468   -0.677  -0.683  1.00 7.98  ?  41  ARG B C   1 
ATOM   880  O O   . ARG B 1 33 ? 8.700   0.218   -0.316  1.00 7.98  ?  41  ARG B O   1 
ATOM   881  C CB  . ARG B 1 33 ? 9.808   -1.035  -3.145  1.00 8.83  ?  41  ARG B CB  1 
ATOM   882  C CG  . ARG B 1 33 ? 9.433   0.397   -3.514  1.00 11.23 ?  41  ARG B CG  1 
ATOM   883  C CD  . ARG B 1 33 ? 10.254  0.873   -4.704  1.00 12.15 ?  41  ARG B CD  1 
ATOM   884  N NE  . ARG B 1 33 ? 10.077  2.302   -4.942  1.00 13.69 ?  41  ARG B NE  1 
ATOM   885  C CZ  . ARG B 1 33 ? 10.905  3.063   -5.648  1.00 16.52 ?  41  ARG B CZ  1 
ATOM   886  N NH1 . ARG B 1 33 ? 12.002  2.540   -6.186  1.00 19.49 1  41  ARG B NH1 1 
ATOM   887  N NH2 . ARG B 1 33 ? 10.637  4.358   -5.803  1.00 18.68 ?  41  ARG B NH2 1 
ATOM   888  N N   . TYR B 1 34 ? 10.611  -0.942  -0.077  1.00 7.45  ?  42  TYR B N   1 
ATOM   889  C CA  . TYR B 1 34 ? 11.033  -0.288  1.148   1.00 8.17  ?  42  TYR B CA  1 
ATOM   890  C C   . TYR B 1 34 ? 12.454  0.235   0.997   1.00 7.03  ?  42  TYR B C   1 
ATOM   891  O O   . TYR B 1 34 ? 13.357  -0.498  0.582   1.00 7.29  ?  42  TYR B O   1 
ATOM   892  C CB  . TYR B 1 34 ? 10.953  -1.265  2.313   1.00 7.27  ?  42  TYR B CB  1 
ATOM   893  C CG  . TYR B 1 34 ? 9.587   -1.899  2.469   1.00 8.00  ?  42  TYR B CG  1 
ATOM   894  C CD1 . TYR B 1 34 ? 8.560   -1.210  3.105   1.00 7.42  ?  42  TYR B CD1 1 
ATOM   895  C CD2 . TYR B 1 34 ? 9.317   -3.173  1.987   1.00 7.41  ?  42  TYR B CD2 1 
ATOM   896  C CE1 . TYR B 1 34 ? 7.310   -1.770  3.250   1.00 8.86  ?  42  TYR B CE1 1 
ATOM   897  C CE2 . TYR B 1 34 ? 8.064   -3.747  2.131   1.00 9.32  ?  42  TYR B CE2 1 
ATOM   898  C CZ  . TYR B 1 34 ? 7.076   -3.042  2.772   1.00 9.91  ?  42  TYR B CZ  1 
ATOM   899  O OH  . TYR B 1 34 ? 5.834   -3.603  2.930   1.00 11.98 ?  42  TYR B OH  1 
ATOM   900  N N   . HIS B 1 35 ? 12.655  1.514   1.286   1.00 6.65  ?  43  HIS B N   1 
ATOM   901  C CA  . HIS B 1 35 ? 14.005  2.057   1.282   1.00 8.63  ?  43  HIS B CA  1 
ATOM   902  C C   . HIS B 1 35 ? 14.540  1.894   2.683   1.00 7.98  ?  43  HIS B C   1 
ATOM   903  O O   . HIS B 1 35 ? 14.005  2.472   3.618   1.00 9.63  ?  43  HIS B O   1 
ATOM   904  C CB  . HIS B 1 35 ? 14.039  3.531   0.843   1.00 9.41  ?  43  HIS B CB  1 
ATOM   905  C CG  . HIS B 1 35 ? 15.373  3.955   0.307   1.00 11.07 ?  43  HIS B CG  1 
ATOM   906  N ND1 . HIS B 1 35 ? 16.323  4.568   1.093   1.00 15.98 ?  43  HIS B ND1 1 
ATOM   907  C CD2 . HIS B 1 35 ? 15.925  3.831   -0.924  1.00 12.89 ?  43  HIS B CD2 1 
ATOM   908  C CE1 . HIS B 1 35 ? 17.397  4.821   0.366   1.00 14.39 ?  43  HIS B CE1 1 
ATOM   909  N NE2 . HIS B 1 35 ? 17.187  4.378   -0.862  1.00 17.23 ?  43  HIS B NE2 1 
ATOM   910  N N   . VAL B 1 36 ? 15.578  1.075   2.828   1.00 7.32  ?  44  VAL B N   1 
ATOM   911  C CA  . VAL B 1 36 ? 16.057  0.728   4.161   1.00 7.47  ?  44  VAL B CA  1 
ATOM   912  C C   . VAL B 1 36 ? 17.465  1.227   4.420   1.00 6.69  ?  44  VAL B C   1 
ATOM   913  O O   . VAL B 1 36 ? 18.282  1.365   3.504   1.00 7.16  ?  44  VAL B O   1 
ATOM   914  C CB  . VAL B 1 36 ? 16.009  -0.810  4.399   1.00 6.57  ?  44  VAL B CB  1 
ATOM   915  C CG1 . VAL B 1 36 ? 14.573  -1.299  4.279   1.00 10.04 ?  44  VAL B CG1 1 
ATOM   916  C CG2 . VAL B 1 36 ? 16.893  -1.552  3.428   1.00 7.84  ?  44  VAL B CG2 1 
ATOM   917  N N   . HIS B 1 37 ? 17.710  1.514   5.693   1.00 6.29  ?  45  HIS B N   1 
ATOM   918  C CA  . HIS B 1 37 ? 19.043  1.821   6.204   1.00 6.73  ?  45  HIS B CA  1 
ATOM   919  C C   . HIS B 1 37 ? 19.496  0.698   7.130   1.00 5.79  ?  45  HIS B C   1 
ATOM   920  O O   . HIS B 1 37 ? 18.763  0.331   8.043   1.00 6.16  ?  45  HIS B O   1 
ATOM   921  C CB  . HIS B 1 37 ? 19.039  3.152   6.974   1.00 6.85  ?  45  HIS B CB  1 
ATOM   922  C CG  . HIS B 1 37 ? 20.334  3.425   7.674   1.00 7.21  ?  45  HIS B CG  1 
ATOM   923  N ND1 . HIS B 1 37 ? 21.497  3.664   6.981   1.00 8.30  ?  45  HIS B ND1 1 
ATOM   924  C CD2 . HIS B 1 37 ? 20.659  3.449   8.987   1.00 9.24  ?  45  HIS B CD2 1 
ATOM   925  C CE1 . HIS B 1 37 ? 22.489  3.829   7.840   1.00 8.12  ?  45  HIS B CE1 1 
ATOM   926  N NE2 . HIS B 1 37 ? 22.007  3.710   9.062   1.00 8.90  ?  45  HIS B NE2 1 
ATOM   927  N N   . TYR B 1 38 ? 20.685  0.150   6.889   1.00 5.75  ?  46  TYR B N   1 
ATOM   928  C CA  . TYR B 1 38 ? 21.199  -0.934  7.724   1.00 5.43  ?  46  TYR B CA  1 
ATOM   929  C C   . TYR B 1 38 ? 21.869  -0.322  8.954   1.00 5.21  ?  46  TYR B C   1 
ATOM   930  O O   . TYR B 1 38 ? 22.772  0.510   8.821   1.00 6.20  ?  46  TYR B O   1 
ATOM   931  C CB  . TYR B 1 38 ? 22.166  -1.816  6.923   1.00 6.57  ?  46  TYR B CB  1 
ATOM   932  C CG  . TYR B 1 38 ? 21.479  -2.493  5.747   1.00 6.55  ?  46  TYR B CG  1 
ATOM   933  C CD1 . TYR B 1 38 ? 20.860  -3.739  5.886   1.00 8.20  ?  46  TYR B CD1 1 
ATOM   934  C CD2 . TYR B 1 38 ? 21.428  -1.877  4.502   1.00 6.40  ?  46  TYR B CD2 1 
ATOM   935  C CE1 . TYR B 1 38 ? 20.234  -4.344  4.816   1.00 7.62  ?  46  TYR B CE1 1 
ATOM   936  C CE2 . TYR B 1 38 ? 20.808  -2.483  3.415   1.00 7.10  ?  46  TYR B CE2 1 
ATOM   937  C CZ  . TYR B 1 38 ? 20.193  -3.702  3.596   1.00 7.28  ?  46  TYR B CZ  1 
ATOM   938  O OH  . TYR B 1 38 ? 19.560  -4.316  2.540   1.00 10.31 ?  46  TYR B OH  1 
ATOM   939  N N   . LEU B 1 39 ? 21.423  -0.714  10.144  1.00 5.23  ?  47  LEU B N   1 
ATOM   940  C CA  . LEU B 1 39 ? 21.866  -0.003  11.356  1.00 6.39  ?  47  LEU B CA  1 
ATOM   941  C C   . LEU B 1 39 ? 23.350  -0.199  11.592  1.00 7.30  ?  47  LEU B C   1 
ATOM   942  O O   . LEU B 1 39 ? 23.861  -1.328  11.591  1.00 5.87  ?  47  LEU B O   1 
ATOM   943  C CB  . LEU B 1 39 ? 21.074  -0.459  12.579  1.00 6.50  ?  47  LEU B CB  1 
ATOM   944  C CG  . LEU B 1 39 ? 19.550  -0.268  12.510  1.00 7.11  ?  47  LEU B CG  1 
ATOM   945  C CD1 . LEU B 1 39 ? 18.969  -0.370  13.908  1.00 8.64  ?  47  LEU B CD1 1 
ATOM   946  C CD2 . LEU B 1 39 ? 19.174  1.071   11.870  1.00 9.26  ?  47  LEU B CD2 1 
ATOM   947  N N   . GLY B 1 40 ? 24.049  0.921   11.775  1.00 7.09  ?  48  GLY B N   1 
ATOM   948  C CA  . GLY B 1 40 ? 25.490  0.905   11.953  1.00 6.89  ?  48  GLY B CA  1 
ATOM   949  C C   . GLY B 1 40 ? 26.294  0.830   10.661  1.00 8.13  ?  48  GLY B C   1 
ATOM   950  O O   . GLY B 1 40 ? 27.515  0.880   10.694  1.00 10.41 ?  48  GLY B O   1 
ATOM   951  N N   . TRP B 1 41 ? 25.622  0.694   9.519   1.00 7.01  ?  49  TRP B N   1 
ATOM   952  C CA  . TRP B 1 41 ? 26.306  0.701   8.233   1.00 8.13  ?  49  TRP B CA  1 
ATOM   953  C C   . TRP B 1 41 ? 26.317  2.124   7.672   1.00 6.58  ?  49  TRP B C   1 
ATOM   954  O O   . TRP B 1 41 ? 25.515  2.971   8.092   1.00 8.13  ?  49  TRP B O   1 
ATOM   955  C CB  . TRP B 1 41 ? 25.626  -0.206  7.194   1.00 8.77  ?  49  TRP B CB  1 
ATOM   956  C CG  . TRP B 1 41 ? 25.439  -1.695  7.482   1.00 10.34 ?  49  TRP B CG  1 
ATOM   957  C CD1 . TRP B 1 41 ? 25.040  -2.282  8.663   1.00 9.66  ?  49  TRP B CD1 1 
ATOM   958  C CD2 . TRP B 1 41 ? 25.562  -2.758  6.527   1.00 10.23 ?  49  TRP B CD2 1 
ATOM   959  N NE1 . TRP B 1 41 ? 24.939  -3.650  8.491   1.00 11.93 ?  49  TRP B NE1 1 
ATOM   960  C CE2 . TRP B 1 41 ? 25.246  -3.962  7.189   1.00 11.80 ?  49  TRP B CE2 1 
ATOM   961  C CE3 . TRP B 1 41 ? 25.869  -2.801  5.159   1.00 11.97 ?  49  TRP B CE3 1 
ATOM   962  C CZ2 . TRP B 1 41 ? 25.283  -5.202  6.546   1.00 12.36 ?  49  TRP B CZ2 1 
ATOM   963  C CZ3 . TRP B 1 41 ? 25.924  -4.035  4.525   1.00 14.50 ?  49  TRP B CZ3 1 
ATOM   964  C CH2 . TRP B 1 41 ? 25.622  -5.221  5.216   1.00 12.14 ?  49  TRP B CH2 1 
ATOM   965  N N   . SER B 1 42 ? 27.200  2.379   6.710   1.00 8.15  ?  50  SER B N   1 
ATOM   966  C CA  . SER B 1 42 ? 27.167  3.644   5.990   1.00 9.58  ?  50  SER B CA  1 
ATOM   967  C C   . SER B 1 42 ? 25.863  3.819   5.215   1.00 9.34  ?  50  SER B C   1 
ATOM   968  O O   . SER B 1 42 ? 25.274  2.850   4.727   1.00 9.60  ?  50  SER B O   1 
ATOM   969  C CB  . SER B 1 42 ? 28.350  3.741   5.031   1.00 10.16 ?  50  SER B CB  1 
ATOM   970  O OG  . SER B 1 42 ? 28.284  4.934   4.265   1.00 15.11 ?  50  SER B OG  1 
ATOM   971  N N   . LYS B 1 43 ? 25.426  5.065   5.093   1.00 8.86  ?  51  LYS B N   1 
ATOM   972  C CA  . LYS B 1 43 ? 24.264  5.390   4.264   1.00 8.65  ?  51  LYS B CA  1 
ATOM   973  C C   . LYS B 1 43 ? 24.447  5.013   2.790   1.00 8.54  ?  51  LYS B C   1 
ATOM   974  O O   . LYS B 1 43 ? 23.469  4.856   2.061   1.00 10.19 ?  51  LYS B O   1 
ATOM   975  C CB  . LYS B 1 43 ? 23.953  6.877   4.389   1.00 15.16 ?  51  LYS B CB  1 
ATOM   976  C CG  . LYS B 1 43 ? 23.269  7.229   5.706   1.00 22.66 ?  51  LYS B CG  1 
ATOM   977  C CD  . LYS B 1 43 ? 23.268  8.727   5.972   1.00 26.85 ?  51  LYS B CD  1 
ATOM   978  C CE  . LYS B 1 43 ? 22.901  9.509   4.722   1.00 30.09 ?  51  LYS B CE  1 
ATOM   979  N NZ  . LYS B 1 43 ? 21.474  9.320   4.325   1.00 37.63 1  51  LYS B NZ  1 
ATOM   980  N N   . SER B 1 44 ? 25.683  4.838   2.345   1.00 10.31 ?  52  SER B N   1 
ATOM   981  C CA  . SER B 1 44 ? 25.920  4.416   0.969   1.00 10.64 ?  52  SER B CA  1 
ATOM   982  C C   . SER B 1 44 ? 25.261  3.067   0.659   1.00 10.98 ?  52  SER B C   1 
ATOM   983  O O   . SER B 1 44 ? 24.991  2.757   -0.505  1.00 13.33 ?  52  SER B O   1 
ATOM   984  C CB  . SER B 1 44 ? 27.423  4.343   0.676   1.00 14.39 ?  52  SER B CB  1 
ATOM   985  O OG  . SER B 1 44 ? 28.050  3.383   1.506   1.00 13.47 ?  52  SER B OG  1 
ATOM   986  N N   . TRP B 1 45 ? 25.006  2.268   1.700   1.00 8.70  ?  53  TRP B N   1 
ATOM   987  C CA  . TRP B 1 45 ? 24.370  0.959   1.515   1.00 7.95  ?  53  TRP B CA  1 
ATOM   988  C C   . TRP B 1 45 ? 22.838  1.013   1.564   1.00 9.39  ?  53  TRP B C   1 
ATOM   989  O O   . TRP B 1 45 ? 22.180  -0.004  1.333   1.00 8.96  ?  53  TRP B O   1 
ATOM   990  C CB  . TRP B 1 45 ? 24.904  -0.027  2.562   1.00 10.21 ?  53  TRP B CB  1 
ATOM   991  C CG  . TRP B 1 45 ? 26.385  -0.213  2.440   1.00 9.21  ?  53  TRP B CG  1 
ATOM   992  C CD1 . TRP B 1 45 ? 27.363  0.400   3.178   1.00 11.18 ?  53  TRP B CD1 1 
ATOM   993  C CD2 . TRP B 1 45 ? 27.061  -1.049  1.498   1.00 15.51 ?  53  TRP B CD2 1 
ATOM   994  N NE1 . TRP B 1 45 ? 28.597  -0.008  2.757   1.00 13.74 ?  53  TRP B NE1 1 
ATOM   995  C CE2 . TRP B 1 45 ? 28.445  -0.902  1.729   1.00 15.16 ?  53  TRP B CE2 1 
ATOM   996  C CE3 . TRP B 1 45 ? 26.633  -1.918  0.486   1.00 17.67 ?  53  TRP B CE3 1 
ATOM   997  C CZ2 . TRP B 1 45 ? 29.408  -1.592  0.982   1.00 19.36 ?  53  TRP B CZ2 1 
ATOM   998  C CZ3 . TRP B 1 45 ? 27.589  -2.598  -0.255  1.00 22.04 ?  53  TRP B CZ3 1 
ATOM   999  C CH2 . TRP B 1 45 ? 28.961  -2.434  0.001   1.00 20.87 ?  53  TRP B CH2 1 
ATOM   1000 N N   . ASP B 1 46 ? 22.264  2.183   1.842   1.00 8.97  ?  54  ASP B N   1 
ATOM   1001 C CA  . ASP B 1 46 ? 20.806  2.309   1.844   1.00 8.09  ?  54  ASP B CA  1 
ATOM   1002 C C   . ASP B 1 46 ? 20.274  1.906   0.470   1.00 9.68  ?  54  ASP B C   1 
ATOM   1003 O O   . ASP B 1 46 ? 20.912  2.187   -0.553  1.00 12.27 ?  54  ASP B O   1 
ATOM   1004 C CB  . ASP B 1 46 ? 20.353  3.728   2.157   1.00 8.46  ?  54  ASP B CB  1 
ATOM   1005 C CG  . ASP B 1 46 ? 20.770  4.205   3.539   1.00 8.50  ?  54  ASP B CG  1 
ATOM   1006 O OD1 . ASP B 1 46 ? 21.300  3.416   4.353   1.00 9.63  ?  54  ASP B OD1 1 
ATOM   1007 O OD2 . ASP B 1 46 ? 20.531  5.393   3.827   1.00 13.38 -1 54  ASP B OD2 1 
ATOM   1008 N N   . GLU B 1 47 ? 19.128  1.242   0.436   1.00 8.88  ?  55  GLU B N   1 
ATOM   1009 C CA  . GLU B 1 47 ? 18.621  0.757   -0.844  1.00 9.48  ?  55  GLU B CA  1 
ATOM   1010 C C   . GLU B 1 47 ? 17.155  0.389   -0.767  1.00 8.28  ?  55  GLU B C   1 
ATOM   1011 O O   . GLU B 1 47 ? 16.604  0.180   0.312   1.00 8.28  ?  55  GLU B O   1 
ATOM   1012 C CB  . GLU B 1 47 ? 19.418  -0.452  -1.317  1.00 11.08 ?  55  GLU B CB  1 
ATOM   1013 C CG  . GLU B 1 47 ? 19.350  -1.601  -0.323  1.00 9.72  ?  55  GLU B CG  1 
ATOM   1014 C CD  . GLU B 1 47 ? 20.043  -2.858  -0.804  1.00 9.95  ?  55  GLU B CD  1 
ATOM   1015 O OE1 . GLU B 1 47 ? 20.240  -3.756  0.031   1.00 10.55 ?  55  GLU B OE1 1 
ATOM   1016 O OE2 . GLU B 1 47 ? 20.391  -2.953  -2.000  1.00 15.41 -1 55  GLU B OE2 1 
ATOM   1017 N N   . TRP B 1 48 ? 16.549  0.298   -1.940  1.00 8.83  ?  56  TRP B N   1 
ATOM   1018 C CA  . TRP B 1 48 ? 15.193  -0.196  -2.075  1.00 7.02  ?  56  TRP B CA  1 
ATOM   1019 C C   . TRP B 1 48 ? 15.179  -1.715  -2.077  1.00 7.88  ?  56  TRP B C   1 
ATOM   1020 O O   . TRP B 1 48 ? 15.928  -2.338  -2.826  1.00 9.44  ?  56  TRP B O   1 
ATOM   1021 C CB  . TRP B 1 48 ? 14.556  0.284   -3.379  1.00 8.08  ?  56  TRP B CB  1 
ATOM   1022 C CG  . TRP B 1 48 ? 14.213  1.735   -3.426  1.00 10.30 ?  56  TRP B CG  1 
ATOM   1023 C CD1 . TRP B 1 48 ? 14.889  2.715   -4.102  1.00 16.02 ?  56  TRP B CD1 1 
ATOM   1024 C CD2 . TRP B 1 48 ? 13.105  2.376   -2.786  1.00 8.73  ?  56  TRP B CD2 1 
ATOM   1025 N NE1 . TRP B 1 48 ? 14.267  3.923   -3.918  1.00 15.00 ?  56  TRP B NE1 1 
ATOM   1026 C CE2 . TRP B 1 48 ? 13.172  3.749   -3.110  1.00 12.31 ?  56  TRP B CE2 1 
ATOM   1027 C CE3 . TRP B 1 48 ? 12.069  1.927   -1.962  1.00 8.62  ?  56  TRP B CE3 1 
ATOM   1028 C CZ2 . TRP B 1 48 ? 12.240  4.673   -2.643  1.00 14.00 ?  56  TRP B CZ2 1 
ATOM   1029 C CZ3 . TRP B 1 48 ? 11.134  2.847   -1.501  1.00 10.89 ?  56  TRP B CZ3 1 
ATOM   1030 C CH2 . TRP B 1 48 ? 11.229  4.206   -1.843  1.00 11.21 ?  56  TRP B CH2 1 
ATOM   1031 N N   . VAL B 1 49 ? 14.321  -2.311  -1.255  1.00 6.28  ?  57  VAL B N   1 
ATOM   1032 C CA  . VAL B 1 49 ? 14.174  -3.764  -1.240  1.00 8.07  ?  57  VAL B CA  1 
ATOM   1033 C C   . VAL B 1 49 ? 12.710  -4.152  -1.225  1.00 7.32  ?  57  VAL B C   1 
ATOM   1034 O O   . VAL B 1 49 ? 11.853  -3.358  -0.836  1.00 7.88  ?  57  VAL B O   1 
ATOM   1035 C CB  . VAL B 1 49 ? 14.885  -4.412  -0.019  1.00 8.10  ?  57  VAL B CB  1 
ATOM   1036 C CG1 . VAL B 1 49 ? 16.376  -4.056  -0.031  1.00 9.50  ?  57  VAL B CG1 1 
ATOM   1037 C CG2 . VAL B 1 49 ? 14.218  -3.989  1.285   1.00 7.50  ?  57  VAL B CG2 1 
ATOM   1038 N N   . THR B 1 50 ? 12.430  -5.385  -1.616  1.00 7.73  ?  58  THR B N   1 
ATOM   1039 C CA  . THR B 1 50 ? 11.079  -5.894  -1.582  1.00 7.49  ?  58  THR B CA  1 
ATOM   1040 C C   . THR B 1 50 ? 10.873  -6.800  -0.360  1.00 6.44  ?  58  THR B C   1 
ATOM   1041 O O   . THR B 1 50 ? 11.802  -7.074  0.401   1.00 6.67  ?  58  THR B O   1 
ATOM   1042 C CB  . THR B 1 50 ? 10.754  -6.638  -2.889  1.00 9.74  ?  58  THR B CB  1 
ATOM   1043 O OG1 . THR B 1 50 ? 11.853  -7.485  -3.237  1.00 11.17 ?  58  THR B OG1 1 
ATOM   1044 C CG2 . THR B 1 50 ? 10.551  -5.637  -4.008  1.00 12.75 ?  58  THR B CG2 1 
ATOM   1045 N N   . ASN B 1 51 ? 9.633   -7.230  -0.146  1.00 6.93  ?  59  ASN B N   1 
ATOM   1046 C CA  . ASN B 1 51 ? 9.241   -7.910  1.076   1.00 7.49  ?  59  ASN B CA  1 
ATOM   1047 C C   . ASN B 1 51 ? 10.054  -9.160  1.408   1.00 7.05  ?  59  ASN B C   1 
ATOM   1048 O O   . ASN B 1 51 ? 10.272  -9.483  2.581   1.00 7.70  ?  59  ASN B O   1 
ATOM   1049 C CB  . ASN B 1 51 ? 7.756   -8.279  0.974   1.00 10.03 ?  59  ASN B CB  1 
ATOM   1050 C CG  . ASN B 1 51 ? 7.248   -8.990  2.192   1.00 12.33 ?  59  ASN B CG  1 
ATOM   1051 O OD1 . ASN B 1 51 ? 7.103   -8.392  3.253   1.00 16.32 ?  59  ASN B OD1 1 
ATOM   1052 N ND2 . ASN B 1 51 ? 6.950   -10.283 2.046   1.00 14.91 ?  59  ASN B ND2 1 
ATOM   1053 N N   . ASP B 1 52 ? 10.481  -9.854  0.363   1.00 5.74  ?  60  ASP B N   1 
ATOM   1054 C CA  . ASP B 1 52 ? 11.227  -11.092 0.511   1.00 7.41  ?  60  ASP B CA  1 
ATOM   1055 C C   . ASP B 1 52 ? 12.594  -10.886 1.173   1.00 6.20  ?  60  ASP B C   1 
ATOM   1056 O O   . ASP B 1 52 ? 13.191  -11.851 1.658   1.00 7.98  ?  60  ASP B O   1 
ATOM   1057 C CB  . ASP B 1 52 ? 11.414  -11.720 -0.858  1.00 7.56  ?  60  ASP B CB  1 
ATOM   1058 C CG  . ASP B 1 52 ? 11.984  -10.741 -1.838  1.00 7.50  ?  60  ASP B CG  1 
ATOM   1059 O OD1 . ASP B 1 52 ? 11.271  -9.767  -2.184  1.00 7.21  ?  60  ASP B OD1 1 
ATOM   1060 O OD2 . ASP B 1 52 ? 13.158  -10.909 -2.230  1.00 9.35  -1 60  ASP B OD2 1 
ATOM   1061 N N   . ARG B 1 53 ? 13.088  -9.646  1.195   1.00 5.61  ?  61  ARG B N   1 
ATOM   1062 C CA  . ARG B 1 53 ? 14.369  -9.346  1.844   1.00 6.17  ?  61  ARG B CA  1 
ATOM   1063 C C   . ARG B 1 53 ? 14.249  -9.042  3.343   1.00 6.39  ?  61  ARG B C   1 
ATOM   1064 O O   . ARG B 1 53 ? 15.274  -8.910  4.029   1.00 6.23  ?  61  ARG B O   1 
ATOM   1065 C CB  . ARG B 1 53 ? 15.037  -8.159  1.143   1.00 6.48  ?  61  ARG B CB  1 
ATOM   1066 C CG  . ARG B 1 53 ? 15.580  -8.474  -0.272  1.00 10.75 ?  61  ARG B CG  1 
ATOM   1067 C CD  . ARG B 1 53 ? 17.016  -9.111  -0.203  1.00 9.76  ?  61  ARG B CD  1 
ATOM   1068 N NE  . ARG B 1 53 ? 18.011  -8.225  0.415   1.00 13.04 ?  61  ARG B NE  1 
ATOM   1069 C CZ  . ARG B 1 53 ? 18.631  -7.231  -0.222  1.00 10.32 ?  61  ARG B CZ  1 
ATOM   1070 N NH1 . ARG B 1 53 ? 18.374  -6.984  -1.489  1.00 16.29 1  61  ARG B NH1 1 
ATOM   1071 N NH2 . ARG B 1 53 ? 19.525  -6.485  0.416   1.00 14.98 ?  61  ARG B NH2 1 
ATOM   1072 N N   . LEU B 1 54 ? 13.017  -8.912  3.840   1.00 6.01  ?  62  LEU B N   1 
ATOM   1073 C CA  . LEU B 1 54 ? 12.755  -8.395  5.181   1.00 7.14  ?  62  LEU B CA  1 
ATOM   1074 C C   . LEU B 1 54 ? 11.985  -9.373  6.055   1.00 7.08  ?  62  LEU B C   1 
ATOM   1075 O O   . LEU B 1 54 ? 11.216  -10.211 5.555   1.00 8.32  ?  62  LEU B O   1 
ATOM   1076 C CB  . LEU B 1 54 ? 11.960  -7.084  5.098   1.00 6.63  ?  62  LEU B CB  1 
ATOM   1077 C CG  . LEU B 1 54 ? 12.568  -5.944  4.277   1.00 6.95  ?  62  LEU B CG  1 
ATOM   1078 C CD1 . LEU B 1 54 ? 11.654  -4.732  4.299   1.00 9.53  ?  62  LEU B CD1 1 
ATOM   1079 C CD2 . LEU B 1 54 ? 13.982  -5.591  4.763   1.00 7.17  ?  62  LEU B CD2 1 
ATOM   1080 N N   . LEU B 1 55 ? 12.171  -9.219  7.362   1.00 7.08  ?  63  LEU B N   1 
ATOM   1081 C CA  . LEU B 1 55 ? 11.431  -9.947  8.387   1.00 6.90  ?  63  LEU B CA  1 
ATOM   1082 C C   . LEU B 1 55 ? 11.027  -8.982  9.488   1.00 8.35  ?  63  LEU B C   1 
ATOM   1083 O O   . LEU B 1 55 ? 11.816  -8.112  9.861   1.00 7.27  ?  63  LEU B O   1 
ATOM   1084 C CB  . LEU B 1 55 ? 12.276  -11.075 8.969   1.00 7.32  ?  63  LEU B CB  1 
ATOM   1085 C CG  . LEU B 1 55 ? 12.477  -12.281 8.059   1.00 8.50  ?  63  LEU B CG  1 
ATOM   1086 C CD1 . LEU B 1 55 ? 13.459  -13.262 8.653   1.00 10.78 ?  63  LEU B CD1 1 
ATOM   1087 C CD2 . LEU B 1 55 ? 11.125  -12.971 7.814   1.00 12.18 ?  63  LEU B CD2 1 
ATOM   1088 N N   . LYS B 1 56 ? 9.804   -9.129  9.998   1.00 8.11  ?  64  LYS B N   1 
ATOM   1089 C CA  . LYS B 1 56 ? 9.366   -8.394  11.181  1.00 8.61  ?  64  LYS B CA  1 
ATOM   1090 C C   . LYS B 1 56 ? 10.377  -8.593  12.321  1.00 7.68  ?  64  LYS B C   1 
ATOM   1091 O O   . LYS B 1 56 ? 10.911  -9.694  12.490  1.00 7.66  ?  64  LYS B O   1 
ATOM   1092 C CB  . LYS B 1 56 ? 7.985   -8.872  11.646  1.00 11.51 ?  64  LYS B CB  1 
ATOM   1093 C CG  . LYS B 1 56 ? 7.125   -7.816  12.305  1.00 17.40 ?  64  LYS B CG  1 
ATOM   1094 C CD  . LYS B 1 56 ? 6.652   -6.821  11.235  1.00 16.45 ?  64  LYS B CD  1 
ATOM   1095 C CE  . LYS B 1 56 ? 5.334   -6.136  11.573  1.00 26.80 ?  64  LYS B CE  1 
ATOM   1096 N NZ  . LYS B 1 56 ? 5.077   -5.031  10.599  1.00 23.84 1  64  LYS B NZ  1 
ATOM   1097 N N   . LEU B 1 57 ? 10.628  -7.538  13.092  1.00 7.69  ?  65  LEU B N   1 
ATOM   1098 C CA  . LEU B 1 57 ? 11.525  -7.620  14.238  1.00 8.94  ?  65  LEU B CA  1 
ATOM   1099 C C   . LEU B 1 57 ? 10.787  -8.242  15.412  1.00 11.38 ?  65  LEU B C   1 
ATOM   1100 O O   . LEU B 1 57 ? 10.299  -7.539  16.304  1.00 15.96 ?  65  LEU B O   1 
ATOM   1101 C CB  . LEU B 1 57 ? 12.062  -6.249  14.624  1.00 10.85 ?  65  LEU B CB  1 
ATOM   1102 C CG  . LEU B 1 57 ? 13.166  -6.288  15.676  1.00 9.86  ?  65  LEU B CG  1 
ATOM   1103 C CD1 . LEU B 1 57 ? 14.429  -6.939  15.104  1.00 10.63 ?  65  LEU B CD1 1 
ATOM   1104 C CD2 . LEU B 1 57 ? 13.463  -4.882  16.181  1.00 12.45 ?  65  LEU B CD2 1 
ATOM   1105 N N   . THR B 1 58 ? 10.678  -9.558  15.372  1.00 9.71  ?  66  THR B N   1 
ATOM   1106 C CA  . THR B 1 58 ? 10.043  -10.331 16.429  1.00 10.38 ?  66  THR B CA  1 
ATOM   1107 C C   . THR B 1 58 ? 11.079  -11.272 17.018  1.00 11.98 ?  66  THR B C   1 
ATOM   1108 O O   . THR B 1 58 ? 12.074  -11.581 16.362  1.00 10.31 ?  66  THR B O   1 
ATOM   1109 C CB  . THR B 1 58 ? 8.873   -11.152 15.900  1.00 11.71 ?  66  THR B CB  1 
ATOM   1110 O OG1 . THR B 1 58 ? 9.370   -12.108 14.959  1.00 11.52 ?  66  THR B OG1 1 
ATOM   1111 C CG2 . THR B 1 58 ? 7.825   -10.252 15.224  1.00 12.89 ?  66  THR B CG2 1 
ATOM   1112 N N   . ASP B 1 59 ? 10.854  -11.762 18.230  1.00 10.45 ?  67  ASP B N   1 
ATOM   1113 C CA  . ASP B 1 59 ? 11.800  -12.725 18.789  1.00 9.01  ?  67  ASP B CA  1 
ATOM   1114 C C   . ASP B 1 59 ? 11.917  -13.987 17.920  1.00 9.26  ?  67  ASP B C   1 
ATOM   1115 O O   . ASP B 1 59 ? 12.998  -14.557 17.787  1.00 9.88  ?  67  ASP B O   1 
ATOM   1116 C CB  . ASP B 1 59 ? 11.412  -13.097 20.221  1.00 11.07 ?  67  ASP B CB  1 
ATOM   1117 C CG  . ASP B 1 59 ? 11.659  -11.955 21.211  1.00 12.33 ?  67  ASP B CG  1 
ATOM   1118 O OD1 . ASP B 1 59 ? 12.213  -10.912 20.814  1.00 14.67 ?  67  ASP B OD1 1 
ATOM   1119 O OD2 . ASP B 1 59 ? 11.308  -12.105 22.393  1.00 13.49 -1 67  ASP B OD2 1 
ATOM   1120 N N   . GLU B 1 60 ? 10.821  -14.404 17.288  1.00 10.57 ?  68  GLU B N   1 
ATOM   1121 C CA  . GLU B 1 60 ? 10.880  -15.554 16.398  1.00 9.67  ?  68  GLU B CA  1 
ATOM   1122 C C   . GLU B 1 60 ? 11.848  -15.322 15.229  1.00 9.52  ?  68  GLU B C   1 
ATOM   1123 O O   . GLU B 1 60 ? 12.631  -16.202 14.863  1.00 10.63 ?  68  GLU B O   1 
ATOM   1124 C CB  . GLU B 1 60 ? 9.484   -15.891 15.858  1.00 15.96 ?  68  GLU B CB  1 
ATOM   1125 C CG  . GLU B 1 60 ? 9.451   -17.141 14.983  1.00 17.09 ?  68  GLU B CG  1 
ATOM   1126 C CD  . GLU B 1 60 ? 8.131   -17.321 14.241  1.00 27.55 ?  68  GLU B CD  1 
ATOM   1127 O OE1 . GLU B 1 60 ? 7.499   -16.311 13.865  1.00 29.03 ?  68  GLU B OE1 1 
ATOM   1128 O OE2 . GLU B 1 60 ? 7.723   -18.482 14.030  1.00 32.48 -1 68  GLU B OE2 1 
ATOM   1129 N N   . ASN B 1 61 ? 11.802  -14.135 14.643  1.00 9.59  ?  69  ASN B N   1 
ATOM   1130 C CA  . ASN B 1 61 ? 12.695  -13.866 13.520  1.00 8.84  ?  69  ASN B CA  1 
ATOM   1131 C C   . ASN B 1 61 ? 14.111  -13.543 13.979  1.00 8.30  ?  69  ASN B C   1 
ATOM   1132 O O   . ASN B 1 61 ? 15.068  -13.831 13.268  1.00 7.37  ?  69  ASN B O   1 
ATOM   1133 C CB  . ASN B 1 61 ? 12.119  -12.737 12.654  1.00 8.12  ?  69  ASN B CB  1 
ATOM   1134 C CG  . ASN B 1 61 ? 10.874  -13.172 11.898  1.00 8.99  ?  69  ASN B CG  1 
ATOM   1135 O OD1 . ASN B 1 61 ? 10.743  -14.347 11.534  1.00 11.06 ?  69  ASN B OD1 1 
ATOM   1136 N ND2 . ASN B 1 61 ? 9.959   -12.245 11.684  1.00 9.10  ?  69  ASN B ND2 1 
ATOM   1137 N N   . ILE B 1 62 ? 14.253  -12.983 15.169  1.00 8.31  ?  70  ILE B N   1 
ATOM   1138 C CA  . ILE B 1 62 ? 15.596  -12.799 15.703  1.00 8.53  ?  70  ILE B CA  1 
ATOM   1139 C C   . ILE B 1 62 ? 16.255  -14.175 15.954  1.00 9.80  ?  70  ILE B C   1 
ATOM   1140 O O   . ILE B 1 62 ? 17.462  -14.348 15.762  1.00 8.15  ?  70  ILE B O   1 
ATOM   1141 C CB  . ILE B 1 62 ? 15.583  -11.930 16.984  1.00 7.55  ?  70  ILE B CB  1 
ATOM   1142 C CG1 . ILE B 1 62 ? 15.094  -10.521 16.632  1.00 8.81  ?  70  ILE B CG1 1 
ATOM   1143 C CG2 . ILE B 1 62 ? 16.981  -11.838 17.603  1.00 10.93 ?  70  ILE B CG2 1 
ATOM   1144 C CD1 . ILE B 1 62 ? 14.838  -9.614  17.833  1.00 10.71 ?  70  ILE B CD1 1 
ATOM   1145 N N   . ARG B 1 63 ? 15.462  -15.179 16.332  1.00 9.43  ?  71  ARG B N   1 
ATOM   1146 C CA  . ARG B 1 63 ? 16.024  -16.519 16.489  1.00 9.27  ?  71  ARG B CA  1 
ATOM   1147 C C   . ARG B 1 63 ? 16.557  -17.035 15.148  1.00 8.28  ?  71  ARG B C   1 
ATOM   1148 O O   . ARG B 1 63 ? 17.566  -17.735 15.102  1.00 8.67  ?  71  ARG B O   1 
ATOM   1149 C CB  . ARG B 1 63 ? 14.977  -17.475 17.066  1.00 11.00 ?  71  ARG B CB  1 
ATOM   1150 C CG  . ARG B 1 63 ? 15.519  -18.825 17.496  1.00 19.90 ?  71  ARG B CG  1 
ATOM   1151 C CD  . ARG B 1 63 ? 16.239  -18.737 18.840  1.00 24.27 ?  71  ARG B CD  1 
ATOM   1152 N NE  . ARG B 1 63 ? 15.432  -18.062 19.859  1.00 29.71 ?  71  ARG B NE  1 
ATOM   1153 C CZ  . ARG B 1 63 ? 15.514  -18.295 21.166  1.00 30.84 ?  71  ARG B CZ  1 
ATOM   1154 N NH1 . ARG B 1 63 ? 16.370  -19.193 21.635  1.00 34.76 1  71  ARG B NH1 1 
ATOM   1155 N NH2 . ARG B 1 63 ? 14.742  -17.615 22.007  1.00 28.65 ?  71  ARG B NH2 1 
ATOM   1156 N N   . LYS B 1 64 ? 15.891  -16.673 14.051  1.00 7.77  ?  72  LYS B N   1 
ATOM   1157 C CA  . LYS B 1 64 ? 16.385  -17.046 12.726  1.00 8.67  ?  72  LYS B CA  1 
ATOM   1158 C C   . LYS B 1 64 ? 17.743  -16.401 12.472  1.00 7.19  ?  72  LYS B C   1 
ATOM   1159 O O   . LYS B 1 64 ? 18.671  -17.060 12.004  1.00 7.99  ?  72  LYS B O   1 
ATOM   1160 C CB  . LYS B 1 64 ? 15.389  -16.647 11.632  1.00 11.04 ?  72  LYS B CB  1 
ATOM   1161 C CG  . LYS B 1 64 ? 15.853  -16.976 10.215  1.00 14.21 ?  72  LYS B CG  1 
ATOM   1162 C CD  . LYS B 1 64 ? 16.041  -18.460 10.008  1.00 21.75 ?  72  LYS B CD  1 
ATOM   1163 C CE  . LYS B 1 64 ? 16.327  -18.802 8.550   1.00 20.89 ?  72  LYS B CE  1 
ATOM   1164 N NZ  . LYS B 1 64 ? 16.670  -20.243 8.427   1.00 24.77 1  72  LYS B NZ  1 
ATOM   1165 N N   . GLN B 1 65 ? 17.867  -15.125 12.846  1.00 7.04  ?  73  GLN B N   1 
ATOM   1166 C CA  . GLN B 1 65 ? 19.146  -14.433 12.732  1.00 6.80  ?  73  GLN B CA  1 
ATOM   1167 C C   . GLN B 1 65 ? 20.243  -15.182 13.486  1.00 6.91  ?  73  GLN B C   1 
ATOM   1168 O O   . GLN B 1 65 ? 21.354  -15.391 12.980  1.00 6.64  ?  73  GLN B O   1 
ATOM   1169 C CB  . GLN B 1 65 ? 19.027  -13.005 13.270  1.00 6.54  ?  73  GLN B CB  1 
ATOM   1170 C CG  . GLN B 1 65 ? 20.347  -12.235 13.348  1.00 6.35  ?  73  GLN B CG  1 
ATOM   1171 C CD  . GLN B 1 65 ? 20.178  -10.898 14.062  1.00 5.56  ?  73  GLN B CD  1 
ATOM   1172 O OE1 . GLN B 1 65 ? 19.740  -10.835 15.216  1.00 7.00  ?  73  GLN B OE1 1 
ATOM   1173 N NE2 . GLN B 1 65 ? 20.475  -9.815  13.364  1.00 5.62  ?  73  GLN B NE2 1 
ATOM   1174 N N   . GLN B 1 66 ? 19.905  -15.609 14.696  1.00 7.67  ?  74  GLN B N   1 
ATOM   1175 C CA  . GLN B 1 66 ? 20.863  -16.304 15.548  1.00 7.34  ?  74  GLN B CA  1 
ATOM   1176 C C   . GLN B 1 66 ? 21.272  -17.645 14.985  1.00 6.92  ?  74  GLN B C   1 
ATOM   1177 O O   . GLN B 1 66 ? 22.445  -17.984 15.026  1.00 7.62  ?  74  GLN B O   1 
ATOM   1178 C CB  . GLN B 1 66 ? 20.284  -16.473 16.941  1.00 7.07  ?  74  GLN B CB  1 
ATOM   1179 C CG  . GLN B 1 66 ? 19.932  -15.107 17.498  1.00 8.90  ?  74  GLN B CG  1 
ATOM   1180 C CD  . GLN B 1 66 ? 19.156  -15.153 18.777  1.00 11.67 ?  74  GLN B CD  1 
ATOM   1181 O OE1 . GLN B 1 66 ? 18.535  -16.161 19.116  1.00 13.61 ?  74  GLN B OE1 1 
ATOM   1182 N NE2 . GLN B 1 66 ? 19.174  -14.055 19.499  1.00 7.75  ?  74  GLN B NE2 1 
ATOM   1183 N N   . GLU B 1 67 ? 20.314  -18.389 14.438  1.00 7.84  ?  75  GLU B N   1 
ATOM   1184 C CA  . GLU B 1 67 ? 20.633  -19.685 13.849  1.00 8.60  ?  75  GLU B CA  1 
ATOM   1185 C C   . GLU B 1 67 ? 21.603  -19.517 12.692  1.00 7.75  ?  75  GLU B C   1 
ATOM   1186 O O   . GLU B 1 67 ? 22.529  -20.294 12.538  1.00 9.62  ?  75  GLU B O   1 
ATOM   1187 C CB  . GLU B 1 67 ? 19.370  -20.405 13.382  1.00 9.70  ?  75  GLU B CB  1 
ATOM   1188 C CG  . GLU B 1 67 ? 19.595  -21.812 12.831  1.00 21.08 ?  75  GLU B CG  1 
ATOM   1189 C CD  . GLU B 1 67 ? 19.807  -21.846 11.319  1.00 24.62 ?  75  GLU B CD  1 
ATOM   1190 O OE1 . GLU B 1 67 ? 19.410  -20.883 10.624  1.00 29.41 ?  75  GLU B OE1 1 
ATOM   1191 O OE2 . GLU B 1 67 ? 20.358  -22.853 10.821  1.00 33.19 -1 75  GLU B OE2 1 
ATOM   1192 N N   . LEU B 1 68 ? 21.392  -18.494 11.874  1.00 7.92  ?  76  LEU B N   1 
ATOM   1193 C CA  . LEU B 1 68 ? 22.306  -18.251 10.766  1.00 8.10  ?  76  LEU B CA  1 
ATOM   1194 C C   . LEU B 1 68 ? 23.698  -17.857 11.241  1.00 9.11  ?  76  LEU B C   1 
ATOM   1195 O O   . LEU B 1 68 ? 24.684  -18.221 10.623  1.00 10.39 ?  76  LEU B O   1 
ATOM   1196 C CB  . LEU B 1 68 ? 21.749  -17.173 9.838   1.00 9.03  ?  76  LEU B CB  1 
ATOM   1197 C CG  . LEU B 1 68 ? 20.470  -17.545 9.092   1.00 8.22  ?  76  LEU B CG  1 
ATOM   1198 C CD1 . LEU B 1 68 ? 19.818  -16.310 8.463   1.00 11.68 ?  76  LEU B CD1 1 
ATOM   1199 C CD2 . LEU B 1 68 ? 20.767  -18.614 8.037   1.00 13.26 ?  76  LEU B CD2 1 
ATOM   1200 N N   . GLU B 1 69 ? 23.769  -17.092 12.326  1.00 6.64  ?  77  GLU B N   1 
ATOM   1201 C CA  . GLU B 1 69 ? 25.064  -16.722 12.889  1.00 7.37  ?  77  GLU B CA  1 
ATOM   1202 C C   . GLU B 1 69 ? 25.796  -17.934 13.449  1.00 8.92  ?  77  GLU B C   1 
ATOM   1203 O O   . GLU B 1 69 ? 27.010  -18.030 13.324  1.00 8.49  ?  77  GLU B O   1 
ATOM   1204 C CB  . GLU B 1 69 ? 24.905  -15.663 13.986  1.00 6.40  ?  77  GLU B CB  1 
ATOM   1205 C CG  . GLU B 1 69 ? 24.506  -14.303 13.448  1.00 6.12  ?  77  GLU B CG  1 
ATOM   1206 C CD  . GLU B 1 69 ? 24.381  -13.276 14.542  1.00 6.30  ?  77  GLU B CD  1 
ATOM   1207 O OE1 . GLU B 1 69 ? 23.462  -13.433 15.384  1.00 8.67  ?  77  GLU B OE1 1 
ATOM   1208 O OE2 . GLU B 1 69 ? 25.172  -12.303 14.572  1.00 6.31  -1 77  GLU B OE2 1 
ATOM   1209 N N   . LYS B 1 70 ? 25.060  -18.858 14.064  1.00 8.54  ?  78  LYS B N   1 
ATOM   1210 C CA  . LYS B 1 70 ? 25.686  -20.022 14.689  1.00 10.72 ?  78  LYS B CA  1 
ATOM   1211 C C   . LYS B 1 70 ? 26.110  -21.084 13.683  1.00 14.58 ?  78  LYS B C   1 
ATOM   1212 O O   . LYS B 1 70 ? 27.032  -21.858 13.953  1.00 18.67 ?  78  LYS B O   1 
ATOM   1213 C CB  . LYS B 1 70 ? 24.737  -20.623 15.730  1.00 11.24 ?  78  LYS B CB  1 
ATOM   1214 C CG  . LYS B 1 70 ? 24.623  -19.772 17.006  1.00 11.32 ?  78  LYS B CG  1 
ATOM   1215 C CD  . LYS B 1 70 ? 23.592  -20.315 17.984  1.00 20.59 ?  78  LYS B CD  1 
ATOM   1216 C CE  . LYS B 1 70 ? 24.023  -21.637 18.581  1.00 19.55 ?  78  LYS B CE  1 
ATOM   1217 N NZ  . LYS B 1 70 ? 23.064  -22.074 19.648  1.00 25.87 1  78  LYS B NZ  1 
ATOM   1218 N N   . SER B 1 71 ? 25.463  -21.124 12.522  1.00 11.68 ?  79  SER B N   1 
ATOM   1219 C CA  . SER B 1 71 ? 25.821  -22.125 11.511  1.00 18.51 ?  79  SER B CA  1 
ATOM   1220 C C   . SER B 1 71 ? 26.870  -21.543 10.581  1.00 19.45 ?  79  SER B C   1 
ATOM   1221 O O   . SER B 1 71 ? 27.248  -22.165 9.578   1.00 21.72 ?  79  SER B O   1 
ATOM   1222 C CB  . SER B 1 71 ? 24.590  -22.590 10.734  1.00 21.24 ?  79  SER B CB  1 
ATOM   1223 O OG  . SER B 1 71 ? 23.997  -21.520 10.031  1.00 22.16 ?  79  SER B OG  1 
ATOM   1224 N N   . GLN B 1 72 ? 27.291  -20.330 10.946  1.00 23.86 ?  80  GLN B N   1 
ATOM   1225 C CA  . GLN B 1 72 ? 28.421  -19.566 10.402  1.00 28.88 ?  80  GLN B CA  1 
ATOM   1226 C C   . GLN B 1 72 ? 28.024  -18.671 9.239   1.00 28.11 ?  80  GLN B C   1 
ATOM   1227 O O   . GLN B 1 72 ? 28.048  -17.440 9.387   1.00 25.68 ?  80  GLN B O   1 
ATOM   1228 C CB  . GLN B 1 72 ? 29.577  -20.484 10.012  1.00 23.94 ?  80  GLN B CB  1 
ATOM   1229 C CG  . GLN B 1 72 ? 30.130  -21.261 11.190  1.00 24.82 ?  80  GLN B CG  1 
ATOM   1230 C CD  . GLN B 1 72 ? 30.130  -20.450 12.473  1.00 29.11 ?  80  GLN B CD  1 
ATOM   1231 O OE1 . GLN B 1 72 ? 30.974  -19.574 12.665  1.00 30.79 ?  80  GLN B OE1 1 
ATOM   1232 N NE2 . GLN B 1 72 ? 29.186  -20.746 13.365  1.00 26.91 ?  80  GLN B NE2 1 
HETATM 1233 S S   . SO4 C 2 .  ? 7.669   -10.210 20.012  1.00 18.93 ?  101 SO4 B S   1 
HETATM 1234 O O1  . SO4 C 2 .  ? 8.322   -11.515 20.076  1.00 26.35 ?  101 SO4 B O1  1 
HETATM 1235 O O2  . SO4 C 2 .  ? 8.326   -9.380  19.004  1.00 24.60 ?  101 SO4 B O2  1 
HETATM 1236 O O3  . SO4 C 2 .  ? 7.742   -9.507  21.297  1.00 22.38 ?  101 SO4 B O3  1 
HETATM 1237 O O4  . SO4 C 2 .  ? 6.264   -10.382 19.676  1.00 26.95 ?  101 SO4 B O4  1 
HETATM 1238 S S   . SO4 D 2 .  ? 27.682  7.807   6.713   1.00 17.80 ?  102 SO4 B S   1 
HETATM 1239 O O1  . SO4 D 2 .  ? 28.325  7.737   8.021   1.00 28.84 ?  102 SO4 B O1  1 
HETATM 1240 O O2  . SO4 D 2 .  ? 28.551  7.151   5.731   1.00 18.86 ?  102 SO4 B O2  1 
HETATM 1241 O O3  . SO4 D 2 .  ? 26.408  7.100   6.762   1.00 23.14 ?  102 SO4 B O3  1 
HETATM 1242 O O4  . SO4 D 2 .  ? 27.495  9.211   6.363   1.00 27.54 ?  102 SO4 B O4  1 
HETATM 1243 C C1  . EDO E 3 .  ? 24.947  -11.145 11.661  1.00 7.80  ?  103 EDO B C1  1 
HETATM 1244 O O1  . EDO E 3 .  ? 23.625  -11.607 11.431  1.00 7.80  ?  103 EDO B O1  1 
HETATM 1245 C C2  . EDO E 3 .  ? 24.899  -9.874  12.508  1.00 8.79  ?  103 EDO B C2  1 
HETATM 1246 O O2  . EDO E 3 .  ? 26.105  -9.184  12.423  1.00 7.80  ?  103 EDO B O2  1 
HETATM 1247 C C1  . EDO F 3 .  ? 23.128  -6.711  13.712  1.00 7.80  ?  104 EDO B C1  1 
HETATM 1248 O O1  . EDO F 3 .  ? 22.561  -6.244  12.506  1.00 7.80  ?  104 EDO B O1  1 
HETATM 1249 C C2  . EDO F 3 .  ? 22.819  -5.678  14.769  1.00 7.80  ?  104 EDO B C2  1 
HETATM 1250 O O2  . EDO F 3 .  ? 23.139  -6.227  16.029  1.00 7.80  ?  104 EDO B O2  1 
HETATM 1251 O O   . HOH G 4 .  ? -16.039 1.455   -18.568 1.00 35.95 ?  101 HOH A O   1 
HETATM 1252 O O   . HOH G 4 .  ? -15.472 -0.958  -17.495 1.00 31.36 ?  102 HOH A O   1 
HETATM 1253 O O   . HOH G 4 .  ? -27.965 7.171   5.213   1.00 24.93 ?  103 HOH A O   1 
HETATM 1254 O O   . HOH G 4 .  ? 7.607   10.258  4.634   1.00 34.62 ?  104 HOH A O   1 
HETATM 1255 O O   . HOH G 4 .  ? -10.886 2.735   -18.075 1.00 36.05 ?  105 HOH A O   1 
HETATM 1256 O O   . HOH G 4 .  ? -30.691 -3.831  -1.395  1.00 39.03 ?  106 HOH A O   1 
HETATM 1257 O O   . HOH G 4 .  ? -14.307 10.718  -6.859  1.00 21.30 ?  107 HOH A O   1 
HETATM 1258 O O   . HOH G 4 .  ? -8.772  13.598  -6.365  1.00 35.52 ?  108 HOH A O   1 
HETATM 1259 O O   . HOH G 4 .  ? -25.286 -3.163  8.238   1.00 16.04 ?  109 HOH A O   1 
HETATM 1260 O O   . HOH G 4 .  ? -3.996  13.585  -0.148  1.00 26.00 ?  110 HOH A O   1 
HETATM 1261 O O   . HOH G 4 .  ? -12.462 -3.761  -1.577  1.00 25.40 ?  111 HOH A O   1 
HETATM 1262 O O   . HOH G 4 .  ? -33.526 -5.428  1.659   1.00 34.65 ?  112 HOH A O   1 
HETATM 1263 O O   . HOH G 4 .  ? -13.758 13.834  -0.287  1.00 20.12 ?  113 HOH A O   1 
HETATM 1264 O O   . HOH G 4 .  ? -37.235 13.268  -1.751  1.00 34.39 ?  114 HOH A O   1 
HETATM 1265 O O   . HOH G 4 .  ? -13.335 13.471  -12.243 1.00 23.71 ?  115 HOH A O   1 
HETATM 1266 O O   . HOH G 4 .  ? -4.681  -1.925  -3.187  1.00 24.94 ?  116 HOH A O   1 
HETATM 1267 O O   . HOH G 4 .  ? -6.489  7.511   0.544   1.00 9.48  ?  117 HOH A O   1 
HETATM 1268 O O   . HOH G 4 .  ? -20.529 8.679   2.641   1.00 15.45 ?  118 HOH A O   1 
HETATM 1269 O O   . HOH G 4 .  ? -7.794  3.028   0.853   1.00 17.39 ?  119 HOH A O   1 
HETATM 1270 O O   . HOH G 4 .  ? 2.025   7.029   -11.520 1.00 30.54 ?  120 HOH A O   1 
HETATM 1271 O O   . HOH G 4 .  ? 1.027   2.782   -11.068 1.00 24.56 ?  121 HOH A O   1 
HETATM 1272 O O   . HOH G 4 .  ? -2.992  5.412   5.985   1.00 36.54 ?  122 HOH A O   1 
HETATM 1273 O O   . HOH G 4 .  ? -20.513 1.273   4.619   1.00 30.02 ?  123 HOH A O   1 
HETATM 1274 O O   . HOH G 4 .  ? -3.075  -2.542  -16.125 1.00 31.19 ?  124 HOH A O   1 
HETATM 1275 O O   . HOH G 4 .  ? -20.415 15.799  -10.969 1.00 15.69 ?  125 HOH A O   1 
HETATM 1276 O O   . HOH G 4 .  ? -13.730 1.947   -19.862 1.00 32.70 ?  126 HOH A O   1 
HETATM 1277 O O   . HOH G 4 .  ? -33.402 1.031   1.008   1.00 16.05 ?  127 HOH A O   1 
HETATM 1278 O O   . HOH G 4 .  ? 3.572   4.207   2.324   1.00 12.47 ?  128 HOH A O   1 
HETATM 1279 O O   . HOH G 4 .  ? -29.073 14.033  -2.613  1.00 21.47 ?  129 HOH A O   1 
HETATM 1280 O O   . HOH G 4 .  ? -14.282 9.010   -16.091 1.00 8.41  ?  130 HOH A O   1 
HETATM 1281 O O   . HOH G 4 .  ? -23.366 14.636  -8.240  1.00 10.30 ?  131 HOH A O   1 
HETATM 1282 O O   . HOH G 4 .  ? -27.292 -7.526  1.949   1.00 28.25 ?  132 HOH A O   1 
HETATM 1283 O O   . HOH G 4 .  ? -15.796 -2.452  -4.170  1.00 11.13 ?  133 HOH A O   1 
HETATM 1284 O O   . HOH G 4 .  ? -2.639  10.426  -2.179  1.00 24.91 ?  134 HOH A O   1 
HETATM 1285 O O   . HOH G 4 .  ? -13.698 3.896   1.369   1.00 15.29 ?  135 HOH A O   1 
HETATM 1286 O O   . HOH G 4 .  ? -17.508 5.852   -21.002 1.00 29.35 ?  136 HOH A O   1 
HETATM 1287 O O   . HOH G 4 .  ? -0.033  0.719   -9.593  1.00 19.80 ?  137 HOH A O   1 
HETATM 1288 O O   . HOH G 4 .  ? -23.773 13.829  -0.532  1.00 11.35 ?  138 HOH A O   1 
HETATM 1289 O O   . HOH G 4 .  ? -7.309  7.600   -18.047 1.00 19.88 ?  139 HOH A O   1 
HETATM 1290 O O   . HOH G 4 .  ? -8.916  14.340  -8.350  1.00 25.01 ?  140 HOH A O   1 
HETATM 1291 O O   . HOH G 4 .  ? 2.490   7.133   -6.011  1.00 20.05 ?  141 HOH A O   1 
HETATM 1292 O O   . HOH G 4 .  ? -23.730 2.904   6.561   1.00 25.88 ?  142 HOH A O   1 
HETATM 1293 O O   . HOH G 4 .  ? -17.409 3.885   -19.470 1.00 17.29 ?  143 HOH A O   1 
HETATM 1294 O O   . HOH G 4 .  ? -20.247 -1.559  3.587   1.00 13.56 ?  144 HOH A O   1 
HETATM 1295 O O   . HOH G 4 .  ? -3.043  13.378  3.898   1.00 23.40 ?  145 HOH A O   1 
HETATM 1296 O O   . HOH G 4 .  ? -27.250 17.928  -5.391  1.00 25.87 ?  146 HOH A O   1 
HETATM 1297 O O   . HOH G 4 .  ? -9.989  -6.557  -9.129  1.00 21.22 ?  147 HOH A O   1 
HETATM 1298 O O   . HOH G 4 .  ? -16.875 11.500  1.429   1.00 15.02 ?  148 HOH A O   1 
HETATM 1299 O O   . HOH G 4 .  ? -22.580 4.340   3.100   1.00 15.05 ?  149 HOH A O   1 
HETATM 1300 O O   . HOH G 4 .  ? -0.778  8.462   -2.271  1.00 19.90 ?  150 HOH A O   1 
HETATM 1301 O O   . HOH G 4 .  ? -25.069 11.923  3.044   1.00 21.83 ?  151 HOH A O   1 
HETATM 1302 O O   . HOH G 4 .  ? -0.823  2.840   3.880   1.00 25.89 ?  152 HOH A O   1 
HETATM 1303 O O   . HOH G 4 .  ? -10.096 14.049  -1.709  1.00 20.99 ?  153 HOH A O   1 
HETATM 1304 O O   . HOH G 4 .  ? -14.029 15.467  -23.315 1.00 20.71 ?  154 HOH A O   1 
HETATM 1305 O O   . HOH G 4 .  ? -31.722 3.500   0.516   1.00 13.27 ?  155 HOH A O   1 
HETATM 1306 O O   . HOH G 4 .  ? -28.826 2.818   -6.012  1.00 9.35  ?  156 HOH A O   1 
HETATM 1307 O O   . HOH G 4 .  ? -8.485  11.956  -17.551 1.00 20.74 ?  157 HOH A O   1 
HETATM 1308 O O   . HOH G 4 .  ? -22.995 12.002  1.401   1.00 11.72 ?  158 HOH A O   1 
HETATM 1309 O O   . HOH G 4 .  ? -26.560 -0.396  9.037   1.00 14.06 ?  159 HOH A O   1 
HETATM 1310 O O   . HOH G 4 .  ? -6.742  13.833  -1.949  1.00 25.20 ?  160 HOH A O   1 
HETATM 1311 O O   . HOH G 4 .  ? -8.666  2.049   -18.056 1.00 32.91 ?  161 HOH A O   1 
HETATM 1312 O O   . HOH G 4 .  ? -5.729  -0.075  -15.906 1.00 23.52 ?  162 HOH A O   1 
HETATM 1313 O O   . HOH G 4 .  ? -16.199 7.747   1.247   1.00 15.63 ?  163 HOH A O   1 
HETATM 1314 O O   . HOH G 4 .  ? -27.915 16.869  -8.956  1.00 24.61 ?  164 HOH A O   1 
HETATM 1315 O O   . HOH G 4 .  ? 4.014   9.068   -7.257  1.00 24.34 ?  165 HOH A O   1 
HETATM 1316 O O   . HOH G 4 .  ? -8.617  6.146   4.758   1.00 28.50 ?  166 HOH A O   1 
HETATM 1317 O O   . HOH G 4 .  ? -14.465 6.979   2.447   1.00 24.55 ?  167 HOH A O   1 
HETATM 1318 O O   . HOH G 4 .  ? -2.765  12.359  -6.305  1.00 18.94 ?  168 HOH A O   1 
HETATM 1319 O O   . HOH G 4 .  ? -10.059 -4.870  -2.456  1.00 24.62 ?  169 HOH A O   1 
HETATM 1320 O O   . HOH G 4 .  ? -33.653 9.876   0.829   1.00 23.28 ?  170 HOH A O   1 
HETATM 1321 O O   . HOH G 4 .  ? -2.926  -3.511  0.658   1.00 35.44 ?  171 HOH A O   1 
HETATM 1322 O O   . HOH G 4 .  ? -15.270 1.715   1.518   1.00 15.26 ?  172 HOH A O   1 
HETATM 1323 O O   . HOH G 4 .  ? -3.268  8.611   4.240   1.00 28.98 ?  173 HOH A O   1 
HETATM 1324 O O   . HOH G 4 .  ? -15.366 -5.462  -8.649  1.00 17.82 ?  174 HOH A O   1 
HETATM 1325 O O   . HOH G 4 .  ? -16.793 -4.801  -6.777  1.00 25.18 ?  175 HOH A O   1 
HETATM 1326 O O   . HOH G 4 .  ? 0.461   10.368  -0.604  1.00 33.52 ?  176 HOH A O   1 
HETATM 1327 O O   . HOH G 4 .  ? -16.403 16.158  -6.910  1.00 25.33 ?  177 HOH A O   1 
HETATM 1328 O O   . HOH G 4 .  ? -4.203  -3.850  -7.468  1.00 21.03 ?  178 HOH A O   1 
HETATM 1329 O O   . HOH G 4 .  ? -2.548  -0.885  -9.850  1.00 17.96 ?  179 HOH A O   1 
HETATM 1330 O O   . HOH G 4 .  ? -36.431 15.523  -2.411  1.00 32.79 ?  180 HOH A O   1 
HETATM 1331 O O   . HOH G 4 .  ? -35.155 -0.005  -1.004  1.00 17.65 ?  181 HOH A O   1 
HETATM 1332 O O   . HOH G 4 .  ? 0.339   11.207  2.568   1.00 29.26 ?  182 HOH A O   1 
HETATM 1333 O O   . HOH G 4 .  ? -9.400  -2.103  3.298   1.00 43.26 ?  183 HOH A O   1 
HETATM 1334 O O   . HOH G 4 .  ? -14.079 9.117   -23.610 1.00 18.39 ?  184 HOH A O   1 
HETATM 1335 O O   . HOH G 4 .  ? -9.141  12.818  -3.973  1.00 16.03 ?  185 HOH A O   1 
HETATM 1336 O O   . HOH G 4 .  ? -27.242 14.534  -2.883  1.00 33.48 ?  186 HOH A O   1 
HETATM 1337 O O   . HOH G 4 .  ? -12.968 -4.396  2.760   1.00 40.32 ?  187 HOH A O   1 
HETATM 1338 O O   . HOH G 4 .  ? -17.359 1.082   3.180   1.00 22.91 ?  188 HOH A O   1 
HETATM 1339 O O   . HOH G 4 .  ? -6.338  13.293  -5.329  1.00 29.55 ?  189 HOH A O   1 
HETATM 1340 O O   . HOH G 4 .  ? -29.509 12.263  2.144   1.00 36.79 ?  190 HOH A O   1 
HETATM 1341 O O   . HOH G 4 .  ? 3.051   4.874   9.065   1.00 26.89 ?  191 HOH A O   1 
HETATM 1342 O O   . HOH G 4 .  ? -24.730 7.108   5.832   1.00 29.95 ?  192 HOH A O   1 
HETATM 1343 O O   . HOH G 4 .  ? 3.848   4.929   -5.288  1.00 20.58 ?  193 HOH A O   1 
HETATM 1344 O O   . HOH G 4 .  ? 8.355   13.031  3.214   1.00 41.21 ?  194 HOH A O   1 
HETATM 1345 O O   . HOH G 4 .  ? -4.635  4.800   -14.919 1.00 32.61 ?  195 HOH A O   1 
HETATM 1346 O O   . HOH G 4 .  ? 3.076   2.859   4.661   1.00 18.67 ?  196 HOH A O   1 
HETATM 1347 O O   . HOH G 4 .  ? 1.025   8.406   -4.323  1.00 19.32 ?  197 HOH A O   1 
HETATM 1348 O O   . HOH G 4 .  ? -36.342 10.654  0.381   1.00 30.27 ?  198 HOH A O   1 
HETATM 1349 O O   . HOH G 4 .  ? -6.435  10.109  -17.360 1.00 27.50 ?  199 HOH A O   1 
HETATM 1350 O O   . HOH G 4 .  ? -34.726 4.898   -0.087  1.00 25.66 ?  200 HOH A O   1 
HETATM 1351 O O   . HOH G 4 .  ? -9.716  4.082   6.244   1.00 29.62 ?  201 HOH A O   1 
HETATM 1352 O O   . HOH G 4 .  ? -5.708  14.834  -8.440  1.00 24.67 ?  202 HOH A O   1 
HETATM 1353 O O   . HOH G 4 .  ? -4.787  7.533   4.551   1.00 35.50 ?  203 HOH A O   1 
HETATM 1354 O O   . HOH G 4 .  ? -22.168 10.105  4.730   1.00 29.80 ?  204 HOH A O   1 
HETATM 1355 O O   . HOH G 4 .  ? 1.230   11.138  -4.732  1.00 28.02 ?  205 HOH A O   1 
HETATM 1356 O O   . HOH G 4 .  ? -37.328 7.404   0.920   1.00 40.73 ?  206 HOH A O   1 
HETATM 1357 O O   . HOH G 4 .  ? 2.764   11.318  -6.275  1.00 37.29 ?  207 HOH A O   1 
HETATM 1358 O O   . HOH G 4 .  ? -2.794  6.763   -15.035 1.00 31.95 ?  208 HOH A O   1 
HETATM 1359 O O   . HOH G 4 .  ? -0.859  12.724  -4.355  1.00 25.12 ?  209 HOH A O   1 
HETATM 1360 O O   . HOH G 4 .  ? -17.975 9.273   2.796   1.00 25.21 ?  210 HOH A O   1 
HETATM 1361 O O   . HOH G 4 .  ? -4.604  11.584  -4.813  1.00 26.24 ?  211 HOH A O   1 
HETATM 1362 O O   . HOH G 4 .  ? -12.566 -2.136  0.641   1.00 32.21 ?  212 HOH A O   1 
HETATM 1363 O O   . HOH G 4 .  ? -21.074 6.436   3.955   1.00 20.10 ?  213 HOH A O   1 
HETATM 1364 O O   . HOH G 4 .  ? -13.386 -7.124  -8.110  1.00 28.89 ?  214 HOH A O   1 
HETATM 1365 O O   . HOH G 4 .  ? -17.512 2.631   5.134   1.00 35.48 ?  215 HOH A O   1 
HETATM 1366 O O   . HOH G 4 .  ? -10.263 -7.549  -2.514  1.00 42.76 ?  216 HOH A O   1 
HETATM 1367 O O   . HOH G 4 .  ? -13.323 -0.307  2.303   1.00 28.89 ?  217 HOH A O   1 
HETATM 1368 O O   . HOH G 4 .  ? -22.139 6.999   6.297   1.00 28.20 ?  218 HOH A O   1 
HETATM 1369 O O   . HOH G 4 .  ? -12.468 7.221   -24.901 1.00 41.41 ?  219 HOH A O   1 
HETATM 1370 O O   . HOH H 4 .  ? 15.293  2.764   14.287  1.00 39.08 ?  201 HOH B O   1 
HETATM 1371 O O   . HOH H 4 .  ? 23.274  -9.442  10.876  1.00 36.42 ?  202 HOH B O   1 
HETATM 1372 O O   . HOH H 4 .  ? 27.717  6.795   3.539   1.00 34.16 ?  203 HOH B O   1 
HETATM 1373 O O   . HOH H 4 .  ? 20.794  10.011  2.449   1.00 37.76 ?  204 HOH B O   1 
HETATM 1374 O O   . HOH H 4 .  ? 28.009  11.276  5.975   1.00 31.47 ?  205 HOH B O   1 
HETATM 1375 O O   . HOH H 4 .  ? 8.803   -8.167  22.650  1.00 40.07 ?  206 HOH B O   1 
HETATM 1376 O O   . HOH H 4 .  ? 10.095  -6.602  -7.625  1.00 27.53 ?  207 HOH B O   1 
HETATM 1377 O O   . HOH H 4 .  ? 6.028   -8.963  -7.922  1.00 21.71 ?  208 HOH B O   1 
HETATM 1378 O O   . HOH H 4 .  ? 21.691  -22.266 8.993   1.00 28.90 ?  209 HOH B O   1 
HETATM 1379 O O   . HOH H 4 .  ? 10.708  9.060   9.320   1.00 33.48 ?  210 HOH B O   1 
HETATM 1380 O O   . HOH H 4 .  ? 30.403  3.582   2.170   1.00 31.14 ?  211 HOH B O   1 
HETATM 1381 O O   . HOH H 4 .  ? 6.534   -7.705  22.472  1.00 35.98 ?  212 HOH B O   1 
HETATM 1382 O O   . HOH H 4 .  ? 16.547  -15.941 20.700  1.00 23.30 ?  213 HOH B O   1 
HETATM 1383 O O   . HOH H 4 .  ? 17.814  -6.303  2.287   1.00 15.20 ?  214 HOH B O   1 
HETATM 1384 O O   . HOH H 4 .  ? 5.317   -6.056  2.382   1.00 16.82 ?  215 HOH B O   1 
HETATM 1385 O O   . HOH H 4 .  ? 11.404  -14.529 23.338  1.00 13.85 ?  216 HOH B O   1 
HETATM 1386 O O   . HOH H 4 .  ? 14.058  -16.491 5.881   1.00 19.79 ?  217 HOH B O   1 
HETATM 1387 O O   . HOH H 4 .  ? 10.446  7.877   -4.128  1.00 30.49 ?  218 HOH B O   1 
HETATM 1388 O O   . HOH H 4 .  ? 3.249   0.144   4.965   1.00 27.69 ?  219 HOH B O   1 
HETATM 1389 O O   . HOH H 4 .  ? 11.769  4.817   14.172  1.00 18.94 ?  220 HOH B O   1 
HETATM 1390 O O   . HOH H 4 .  ? 7.849   8.063   -0.904  1.00 29.65 ?  221 HOH B O   1 
HETATM 1391 O O   . HOH H 4 .  ? -0.351  -4.607  -2.394  1.00 28.74 ?  222 HOH B O   1 
HETATM 1392 O O   . HOH H 4 .  ? 8.583   -10.328 5.414   1.00 15.53 ?  223 HOH B O   1 
HETATM 1393 O O   . HOH H 4 .  ? 12.098  -10.551 24.377  1.00 19.24 ?  224 HOH B O   1 
HETATM 1394 O O   . HOH H 4 .  ? 4.911   -11.343 17.617  1.00 23.88 ?  225 HOH B O   1 
HETATM 1395 O O   . HOH H 4 .  ? 27.916  -24.364 13.995  1.00 32.43 ?  226 HOH B O   1 
HETATM 1396 O O   . HOH H 4 .  ? -0.721  -1.133  -6.188  1.00 16.29 ?  227 HOH B O   1 
HETATM 1397 O O   . HOH H 4 .  ? 15.178  -12.466 -1.447  1.00 20.39 ?  228 HOH B O   1 
HETATM 1398 O O   . HOH H 4 .  ? 9.373   -5.062  12.492  1.00 13.26 ?  229 HOH B O   1 
HETATM 1399 O O   . HOH H 4 .  ? 7.135   3.068   12.467  1.00 26.49 ?  230 HOH B O   1 
HETATM 1400 O O   . HOH H 4 .  ? 4.092   -2.394  10.402  1.00 25.05 ?  231 HOH B O   1 
HETATM 1401 O O   . HOH H 4 .  ? 6.559   3.844   -5.952  1.00 21.10 ?  232 HOH B O   1 
HETATM 1402 O O   . HOH H 4 .  ? 25.060  -18.905 8.057   1.00 22.70 ?  233 HOH B O   1 
HETATM 1403 O O   . HOH H 4 .  ? 7.357   -13.487 13.826  1.00 18.20 ?  234 HOH B O   1 
HETATM 1404 O O   . HOH H 4 .  ? 8.169   -13.625 18.404  1.00 17.00 ?  235 HOH B O   1 
HETATM 1405 O O   . HOH H 4 .  ? 7.464   -6.478  -1.806  1.00 10.44 ?  236 HOH B O   1 
HETATM 1406 O O   . HOH H 4 .  ? 19.659  7.078   1.899   1.00 23.84 ?  237 HOH B O   1 
HETATM 1407 O O   . HOH H 4 .  ? 18.017  -20.294 6.074   1.00 25.69 ?  238 HOH B O   1 
HETATM 1408 O O   . HOH H 4 .  ? 28.184  -8.872  10.700  1.00 6.52  ?  239 HOH B O   1 
HETATM 1409 O O   . HOH H 4 .  ? 22.798  1.261   5.072   1.00 8.06  ?  240 HOH B O   1 
HETATM 1410 O O   . HOH H 4 .  ? 8.057   10.289  -0.911  1.00 41.56 ?  241 HOH B O   1 
HETATM 1411 O O   . HOH H 4 .  ? 20.236  6.843   6.177   1.00 26.21 ?  242 HOH B O   1 
HETATM 1412 O O   . HOH H 4 .  ? 22.048  4.670   -0.686  1.00 29.46 ?  243 HOH B O   1 
HETATM 1413 O O   . HOH H 4 .  ? 22.872  1.178   -2.177  1.00 25.12 ?  244 HOH B O   1 
HETATM 1414 O O   . HOH H 4 .  ? 14.424  -9.080  -3.842  1.00 17.69 ?  245 HOH B O   1 
HETATM 1415 O O   . HOH H 4 .  ? 29.884  0.923   9.300   1.00 24.00 ?  246 HOH B O   1 
HETATM 1416 O O   . HOH H 4 .  ? 25.140  5.840   8.854   1.00 21.92 ?  247 HOH B O   1 
HETATM 1417 O O   . HOH H 4 .  ? 12.614  -18.947 14.655  1.00 23.68 ?  248 HOH B O   1 
HETATM 1418 O O   . HOH H 4 .  ? 4.219   8.454   -9.618  1.00 28.32 ?  249 HOH B O   1 
HETATM 1419 O O   . HOH H 4 .  ? 25.877  -11.510 4.960   1.00 9.70  ?  250 HOH B O   1 
HETATM 1420 O O   . HOH H 4 .  ? 23.136  -5.914  18.775  1.00 5.77  ?  251 HOH B O   1 
HETATM 1421 O O   . HOH H 4 .  ? 30.805  -17.654 9.352   1.00 26.16 ?  252 HOH B O   1 
HETATM 1422 O O   . HOH H 4 .  ? 22.070  -13.766 10.674  1.00 6.53  ?  253 HOH B O   1 
HETATM 1423 O O   . HOH H 4 .  ? 22.710  -3.862  11.105  1.00 6.66  ?  254 HOH B O   1 
HETATM 1424 O O   . HOH H 4 .  ? 8.318   -21.103 14.697  1.00 37.04 ?  255 HOH B O   1 
HETATM 1425 O O   . HOH H 4 .  ? 6.370   6.862   1.023   1.00 18.08 ?  256 HOH B O   1 
HETATM 1426 O O   . HOH H 4 .  ? 23.317  3.600   11.512  1.00 15.49 ?  257 HOH B O   1 
HETATM 1427 O O   . HOH H 4 .  ? 7.702   5.372   -8.094  1.00 24.90 ?  258 HOH B O   1 
HETATM 1428 O O   . HOH H 4 .  ? 20.700  -17.407 4.482   1.00 11.67 ?  259 HOH B O   1 
HETATM 1429 O O   . HOH H 4 .  ? 9.385   -2.919  -6.423  1.00 27.38 ?  260 HOH B O   1 
HETATM 1430 O O   . HOH H 4 .  ? 26.621  9.896   3.770   1.00 29.33 ?  261 HOH B O   1 
HETATM 1431 O O   . HOH H 4 .  ? 30.875  8.906   8.394   1.00 17.61 ?  262 HOH B O   1 
HETATM 1432 O O   . HOH H 4 .  ? 10.205  -0.944  15.063  1.00 20.29 ?  263 HOH B O   1 
HETATM 1433 O O   . HOH H 4 .  ? 22.626  -22.874 13.716  1.00 21.18 ?  264 HOH B O   1 
HETATM 1434 O O   . HOH H 4 .  ? 30.700  5.678   6.893   1.00 10.90 ?  265 HOH B O   1 
HETATM 1435 O O   . HOH H 4 .  ? 30.199  -16.968 7.560   1.00 32.38 ?  266 HOH B O   1 
HETATM 1436 O O   . HOH H 4 .  ? 18.039  -17.908 5.184   1.00 15.04 ?  267 HOH B O   1 
HETATM 1437 O O   . HOH H 4 .  ? 22.303  -5.048  -2.380  1.00 29.07 ?  268 HOH B O   1 
HETATM 1438 O O   . HOH H 4 .  ? 12.971  -7.003  -5.842  1.00 22.58 ?  269 HOH B O   1 
HETATM 1439 O O   . HOH H 4 .  ? 12.169  -12.662 4.243   1.00 14.30 ?  270 HOH B O   1 
HETATM 1440 O O   . HOH H 4 .  ? 27.011  9.225   10.132  1.00 31.91 ?  271 HOH B O   1 
HETATM 1441 O O   . HOH H 4 .  ? -0.741  -2.687  3.716   1.00 31.69 ?  272 HOH B O   1 
HETATM 1442 O O   . HOH H 4 .  ? 0.981   -7.673  -3.175  1.00 33.55 ?  273 HOH B O   1 
HETATM 1443 O O   . HOH H 4 .  ? 12.992  -0.190  -6.462  1.00 20.02 ?  274 HOH B O   1 
HETATM 1444 O O   . HOH H 4 .  ? 18.399  4.084   -3.506  1.00 25.89 ?  275 HOH B O   1 
HETATM 1445 O O   . HOH H 4 .  ? 7.981   -10.610 8.255   1.00 15.51 ?  276 HOH B O   1 
HETATM 1446 O O   . HOH H 4 .  ? 12.817  8.761   6.202   1.00 25.60 ?  277 HOH B O   1 
HETATM 1447 O O   . HOH H 4 .  ? 6.883   -1.357  -6.170  1.00 24.72 ?  278 HOH B O   1 
HETATM 1448 O O   . HOH H 4 .  ? 18.106  1.044   -4.334  1.00 19.23 ?  279 HOH B O   1 
HETATM 1449 O O   . HOH H 4 .  ? 4.616   4.331   6.504   1.00 19.99 ?  280 HOH B O   1 
HETATM 1450 O O   . HOH H 4 .  ? 7.018   6.164   3.664   1.00 20.88 ?  281 HOH B O   1 
HETATM 1451 O O   . HOH H 4 .  ? 4.818   -6.765  -2.231  1.00 16.03 ?  282 HOH B O   1 
HETATM 1452 O O   . HOH H 4 .  ? 28.075  1.418   -0.746  1.00 27.53 ?  283 HOH B O   1 
HETATM 1453 O O   . HOH H 4 .  ? 18.974  -20.573 22.174  1.00 37.60 ?  284 HOH B O   1 
HETATM 1454 O O   . HOH H 4 .  ? 7.704   -12.828 9.788   1.00 17.38 ?  285 HOH B O   1 
HETATM 1455 O O   . HOH H 4 .  ? 9.826   -12.344 3.379   1.00 18.57 ?  286 HOH B O   1 
HETATM 1456 O O   . HOH H 4 .  ? 14.871  6.566   -5.284  1.00 31.73 ?  287 HOH B O   1 
HETATM 1457 O O   . HOH H 4 .  ? 12.262  -16.827 10.643  1.00 21.16 ?  288 HOH B O   1 
HETATM 1458 O O   . HOH H 4 .  ? 14.790  -6.393  -3.283  1.00 14.67 ?  289 HOH B O   1 
HETATM 1459 O O   . HOH H 4 .  ? 13.769  -20.963 9.365   1.00 37.79 ?  290 HOH B O   1 
HETATM 1460 O O   . HOH H 4 .  ? 21.268  -1.309  -4.549  1.00 38.75 ?  291 HOH B O   1 
HETATM 1461 O O   . HOH H 4 .  ? 14.160  4.493   -7.530  1.00 34.74 ?  292 HOH B O   1 
HETATM 1462 O O   . HOH H 4 .  ? 14.328  -4.193  -4.907  1.00 27.64 ?  293 HOH B O   1 
HETATM 1463 O O   . HOH H 4 .  ? 24.912  -4.280  -1.829  1.00 28.38 ?  294 HOH B O   1 
HETATM 1464 O O   . HOH H 4 .  ? 4.628   -10.865 -0.145  1.00 30.44 ?  295 HOH B O   1 
HETATM 1465 O O   . HOH H 4 .  ? -2.813  -2.744  -4.939  1.00 21.62 ?  296 HOH B O   1 
HETATM 1466 O O   . HOH H 4 .  ? 7.150   1.466   -6.255  1.00 21.28 ?  297 HOH B O   1 
HETATM 1467 O O   . HOH H 4 .  ? 26.287  4.189   11.123  1.00 28.44 ?  298 HOH B O   1 
HETATM 1468 O O   . HOH H 4 .  ? 22.922  6.865   9.898   1.00 27.90 ?  299 HOH B O   1 
HETATM 1469 O O   . HOH H 4 .  ? 12.077  -17.478 19.749  1.00 30.59 ?  300 HOH B O   1 
HETATM 1470 O O   . HOH H 4 .  ? 20.010  6.331   -0.411  1.00 28.25 ?  301 HOH B O   1 
HETATM 1471 O O   . HOH H 4 .  ? 8.123   -3.991  14.721  1.00 37.43 ?  302 HOH B O   1 
HETATM 1472 O O   . HOH H 4 .  ? 15.701  -20.761 11.733  1.00 35.41 ?  303 HOH B O   1 
HETATM 1473 O O   . HOH H 4 .  ? 13.360  6.311   -6.789  1.00 39.16 ?  304 HOH B O   1 
HETATM 1474 O O   . HOH H 4 .  ? 15.111  -20.144 13.898  1.00 25.35 ?  305 HOH B O   1 
HETATM 1475 O O   . HOH H 4 .  ? 25.196  -21.386 6.574   1.00 31.71 ?  306 HOH B O   1 
HETATM 1476 O O   . HOH H 4 .  ? 3.592   -11.769 1.983   1.00 27.92 ?  307 HOH B O   1 
HETATM 1477 O O   . HOH H 4 .  ? 24.550  -24.389 14.947  1.00 31.65 ?  308 HOH B O   1 
HETATM 1478 O O   . HOH H 4 .  ? 20.716  -9.902  -1.568  1.00 36.54 ?  309 HOH B O   1 
HETATM 1479 O O   . HOH H 4 .  ? 8.332   -15.286 8.681   1.00 28.95 ?  310 HOH B O   1 
HETATM 1480 O O   . HOH H 4 .  ? 8.367   -15.833 19.929  1.00 19.62 ?  311 HOH B O   1 
HETATM 1481 O O   . HOH H 4 .  ? 27.629  -10.474 2.041   1.00 21.68 ?  312 HOH B O   1 
HETATM 1482 O O   . HOH H 4 .  ? 23.982  -1.553  -2.659  1.00 31.36 ?  313 HOH B O   1 
HETATM 1483 O O   . HOH H 4 .  ? 24.301  -18.107 6.345   1.00 29.05 ?  314 HOH B O   1 
HETATM 1484 O O   . HOH H 4 .  ? 6.116   -13.610 16.611  1.00 25.74 ?  315 HOH B O   1 
HETATM 1485 O O   . HOH H 4 .  ? 0.877   -6.434  -12.089 1.00 37.87 ?  316 HOH B O   1 
HETATM 1486 O O   . HOH H 4 .  ? 5.942   -12.057 12.103  1.00 29.55 ?  317 HOH B O   1 
HETATM 1487 O O   . HOH H 4 .  ? 28.263  3.318   -2.818  1.00 34.37 ?  318 HOH B O   1 
HETATM 1488 O O   . HOH H 4 .  ? 30.053  4.322   9.358   1.00 27.67 ?  319 HOH B O   1 
HETATM 1489 O O   . HOH H 4 .  ? 16.704  -21.717 15.533  1.00 25.29 ?  320 HOH B O   1 
HETATM 1490 O O   . HOH H 4 .  ? 26.119  -11.109 -1.020  1.00 34.04 ?  321 HOH B O   1 
HETATM 1491 O O   . HOH H 4 .  ? 4.700   -15.785 16.840  1.00 35.77 ?  322 HOH B O   1 
HETATM 1492 O O   . HOH H 4 .  ? 28.213  7.972   1.292   1.00 28.29 ?  323 HOH B O   1 
HETATM 1493 O O   . HOH H 4 .  ? 12.411  -2.407  -5.159  1.00 23.21 ?  324 HOH B O   1 
HETATM 1494 O O   . HOH H 4 .  ? 20.711  0.629   -4.561  1.00 35.50 ?  325 HOH B O   1 
HETATM 1495 O O   . HOH H 4 .  ? 12.004  -20.211 16.909  1.00 29.46 ?  326 HOH B O   1 
HETATM 1496 O O   . HOH H 4 .  ? 15.868  0.030   -6.923  1.00 37.25 ?  327 HOH B O   1 
HETATM 1497 O O   . HOH H 4 .  ? 15.162  -22.053 17.241  1.00 37.37 ?  328 HOH B O   1 
HETATM 1498 O O   . HOH H 4 .  ? 12.099  -17.040 7.619   1.00 23.43 ?  329 HOH B O   1 
HETATM 1499 O O   . HOH H 4 .  ? 7.794   0.662   15.405  1.00 42.87 ?  330 HOH B O   1 
HETATM 1500 O O   . HOH H 4 .  ? 9.802   -16.490 7.232   1.00 27.61 ?  331 HOH B O   1 
HETATM 1501 O O   . HOH H 4 .  ? 12.856  -20.369 5.356   1.00 24.14 ?  332 HOH B O   1 
HETATM 1502 O O   . HOH H 4 .  ? 4.223   -10.202 15.122  1.00 37.02 ?  333 HOH B O   1 
# 
loop_
_pdbx_poly_seq_scheme.asym_id 
_pdbx_poly_seq_scheme.entity_id 
_pdbx_poly_seq_scheme.seq_id 
_pdbx_poly_seq_scheme.mon_id 
_pdbx_poly_seq_scheme.ndb_seq_num 
_pdbx_poly_seq_scheme.pdb_seq_num 
_pdbx_poly_seq_scheme.auth_seq_num 
_pdbx_poly_seq_scheme.pdb_mon_id 
_pdbx_poly_seq_scheme.auth_mon_id 
_pdbx_poly_seq_scheme.pdb_strand_id 
_pdbx_poly_seq_scheme.pdb_ins_code 
_pdbx_poly_seq_scheme.hetero 
A 1 1  GLY 1  9  ?  ?   ?   A . n 
A 1 2  SER 2  10 10 SER SER A . n 
A 1 3  PHE 3  11 11 PHE PHE A . n 
A 1 4  LYS 4  12 12 LYS LYS A . n 
A 1 5  GLU 5  13 13 GLU GLU A . n 
A 1 6  GLY 6  14 14 GLY GLY A . n 
A 1 7  GLU 7  15 15 GLU GLU A . n 
A 1 8  ARG 8  16 16 ARG ARG A . n 
A 1 9  VAL 9  17 17 VAL VAL A . n 
A 1 10 LEU 10 18 18 LEU LEU A . n 
A 1 11 ALA 11 19 19 ALA ALA A . n 
A 1 12 TYR 12 20 20 TYR TYR A . n 
A 1 13 HIS 13 21 21 HIS HIS A . n 
A 1 14 GLY 14 22 22 GLY GLY A . n 
A 1 15 PRO 15 23 23 PRO PRO A . n 
A 1 16 LEU 16 24 24 LEU LEU A . n 
A 1 17 LEU 17 25 25 LEU LEU A . n 
A 1 18 TYR 18 26 26 TYR TYR A . n 
A 1 19 GLU 19 27 27 GLU GLU A . n 
A 1 20 ALA 20 28 28 ALA ALA A . n 
A 1 21 LYS 21 29 29 LYS LYS A . n 
A 1 22 VAL 22 30 30 VAL VAL A . n 
A 1 23 GLN 23 31 31 GLN GLN A . n 
A 1 24 LYS 24 32 32 LYS LYS A . n 
A 1 25 SER 25 33 33 SER SER A . n 
A 1 26 GLU 26 34 34 GLU GLU A . n 
A 1 27 ASN 27 35 35 ASN ASN A . n 
A 1 28 LYS 28 36 36 LYS LYS A . n 
A 1 29 GLU 29 37 37 GLU GLU A . n 
A 1 30 ASP 30 38 38 ASP ASP A . n 
A 1 31 GLU 31 39 39 GLU GLU A . n 
A 1 32 TRP 32 40 40 TRP TRP A . n 
A 1 33 ARG 33 41 41 ARG ARG A . n 
A 1 34 TYR 34 42 42 TYR TYR A . n 
A 1 35 HIS 35 43 43 HIS HIS A . n 
A 1 36 VAL 36 44 44 VAL VAL A . n 
A 1 37 HIS 37 45 45 HIS HIS A . n 
A 1 38 TYR 38 46 46 TYR TYR A . n 
A 1 39 LEU 39 47 47 LEU LEU A . n 
A 1 40 GLY 40 48 48 GLY GLY A . n 
A 1 41 TRP 41 49 49 TRP TRP A . n 
A 1 42 SER 42 50 50 SER SER A . n 
A 1 43 LYS 43 51 51 LYS LYS A . n 
A 1 44 SER 44 52 52 SER SER A . n 
A 1 45 TRP 45 53 53 TRP TRP A . n 
A 1 46 ASP 46 54 54 ASP ASP A . n 
A 1 47 GLU 47 55 55 GLU GLU A . n 
A 1 48 TRP 48 56 56 TRP TRP A . n 
A 1 49 VAL 49 57 57 VAL VAL A . n 
A 1 50 THR 50 58 58 THR THR A . n 
A 1 51 ASN 51 59 59 ASN ASN A . n 
A 1 52 ASP 52 60 60 ASP ASP A . n 
A 1 53 ARG 53 61 61 ARG ARG A . n 
A 1 54 LEU 54 62 62 LEU LEU A . n 
A 1 55 LEU 55 63 63 LEU LEU A . n 
A 1 56 LYS 56 64 64 LYS LYS A . n 
A 1 57 LEU 57 65 65 LEU LEU A . n 
A 1 58 THR 58 66 66 THR THR A . n 
A 1 59 ASP 59 67 67 ASP ASP A . n 
A 1 60 GLU 60 68 68 GLU GLU A . n 
A 1 61 ASN 61 69 69 ASN ASN A . n 
A 1 62 ILE 62 70 70 ILE ILE A . n 
A 1 63 ARG 63 71 71 ARG ARG A . n 
A 1 64 LYS 64 72 72 LYS LYS A . n 
A 1 65 GLN 65 73 73 GLN GLN A . n 
A 1 66 GLN 66 74 74 GLN GLN A . n 
A 1 67 GLU 67 75 75 GLU GLU A . n 
A 1 68 LEU 68 76 76 LEU LEU A . n 
A 1 69 GLU 69 77 77 GLU GLU A . n 
A 1 70 LYS 70 78 78 LYS LYS A . n 
A 1 71 SER 71 79 79 SER SER A . n 
A 1 72 GLN 72 80 80 GLN GLN A . n 
B 1 1  GLY 1  9  ?  ?   ?   B . n 
B 1 2  SER 2  10 10 SER SER B . n 
B 1 3  PHE 3  11 11 PHE PHE B . n 
B 1 4  LYS 4  12 12 LYS LYS B . n 
B 1 5  GLU 5  13 13 GLU GLU B . n 
B 1 6  GLY 6  14 14 GLY GLY B . n 
B 1 7  GLU 7  15 15 GLU GLU B . n 
B 1 8  ARG 8  16 16 ARG ARG B . n 
B 1 9  VAL 9  17 17 VAL VAL B . n 
B 1 10 LEU 10 18 18 LEU LEU B . n 
B 1 11 ALA 11 19 19 ALA ALA B . n 
B 1 12 TYR 12 20 20 TYR TYR B . n 
B 1 13 HIS 13 21 21 HIS HIS B . n 
B 1 14 GLY 14 22 22 GLY GLY B . n 
B 1 15 PRO 15 23 23 PRO PRO B . n 
B 1 16 LEU 16 24 24 LEU LEU B . n 
B 1 17 LEU 17 25 25 LEU LEU B . n 
B 1 18 TYR 18 26 26 TYR TYR B . n 
B 1 19 GLU 19 27 27 GLU GLU B . n 
B 1 20 ALA 20 28 28 ALA ALA B . n 
B 1 21 LYS 21 29 29 LYS LYS B . n 
B 1 22 VAL 22 30 30 VAL VAL B . n 
B 1 23 GLN 23 31 31 GLN GLN B . n 
B 1 24 LYS 24 32 32 LYS LYS B . n 
B 1 25 SER 25 33 33 SER SER B . n 
B 1 26 GLU 26 34 34 GLU GLU B . n 
B 1 27 ASN 27 35 35 ASN ASN B . n 
B 1 28 LYS 28 36 36 LYS LYS B . n 
B 1 29 GLU 29 37 37 GLU GLU B . n 
B 1 30 ASP 30 38 38 ASP ASP B . n 
B 1 31 GLU 31 39 39 GLU GLU B . n 
B 1 32 TRP 32 40 40 TRP TRP B . n 
B 1 33 ARG 33 41 41 ARG ARG B . n 
B 1 34 TYR 34 42 42 TYR TYR B . n 
B 1 35 HIS 35 43 43 HIS HIS B . n 
B 1 36 VAL 36 44 44 VAL VAL B . n 
B 1 37 HIS 37 45 45 HIS HIS B . n 
B 1 38 TYR 38 46 46 TYR TYR B . n 
B 1 39 LEU 39 47 47 LEU LEU B . n 
B 1 40 GLY 40 48 48 GLY GLY B . n 
B 1 41 TRP 41 49 49 TRP TRP B . n 
B 1 42 SER 42 50 50 SER SER B . n 
B 1 43 LYS 43 51 51 LYS LYS B . n 
B 1 44 SER 44 52 52 SER SER B . n 
B 1 45 TRP 45 53 53 TRP TRP B . n 
B 1 46 ASP 46 54 54 ASP ASP B . n 
B 1 47 GLU 47 55 55 GLU GLU B . n 
B 1 48 TRP 48 56 56 TRP TRP B . n 
B 1 49 VAL 49 57 57 VAL VAL B . n 
B 1 50 THR 50 58 58 THR THR B . n 
B 1 51 ASN 51 59 59 ASN ASN B . n 
B 1 52 ASP 52 60 60 ASP ASP B . n 
B 1 53 ARG 53 61 61 ARG ARG B . n 
B 1 54 LEU 54 62 62 LEU LEU B . n 
B 1 55 LEU 55 63 63 LEU LEU B . n 
B 1 56 LYS 56 64 64 LYS LYS B . n 
B 1 57 LEU 57 65 65 LEU LEU B . n 
B 1 58 THR 58 66 66 THR THR B . n 
B 1 59 ASP 59 67 67 ASP ASP B . n 
B 1 60 GLU 60 68 68 GLU GLU B . n 
B 1 61 ASN 61 69 69 ASN ASN B . n 
B 1 62 ILE 62 70 70 ILE ILE B . n 
B 1 63 ARG 63 71 71 ARG ARG B . n 
B 1 64 LYS 64 72 72 LYS LYS B . n 
B 1 65 GLN 65 73 73 GLN GLN B . n 
B 1 66 GLN 66 74 74 GLN GLN B . n 
B 1 67 GLU 67 75 75 GLU GLU B . n 
B 1 68 LEU 68 76 76 LEU LEU B . n 
B 1 69 GLU 69 77 77 GLU GLU B . n 
B 1 70 LYS 70 78 78 LYS LYS B . n 
B 1 71 SER 71 79 79 SER SER B . n 
B 1 72 GLN 72 80 80 GLN GLN B . n 
# 
loop_
_pdbx_nonpoly_scheme.asym_id 
_pdbx_nonpoly_scheme.entity_id 
_pdbx_nonpoly_scheme.mon_id 
_pdbx_nonpoly_scheme.ndb_seq_num 
_pdbx_nonpoly_scheme.pdb_seq_num 
_pdbx_nonpoly_scheme.auth_seq_num 
_pdbx_nonpoly_scheme.pdb_mon_id 
_pdbx_nonpoly_scheme.auth_mon_id 
_pdbx_nonpoly_scheme.pdb_strand_id 
_pdbx_nonpoly_scheme.pdb_ins_code 
C 2 SO4 1   101 1   SO4 SO4 B . 
D 2 SO4 1   102 2   SO4 SO4 B . 
E 3 EDO 1   103 3   EDO EDO B . 
F 3 EDO 1   104 4   EDO EDO B . 
G 4 HOH 1   101 233 HOH HOH A . 
G 4 HOH 2   102 119 HOH HOH A . 
G 4 HOH 3   103 71  HOH HOH A . 
G 4 HOH 4   104 181 HOH HOH A . 
G 4 HOH 5   105 230 HOH HOH A . 
G 4 HOH 6   106 224 HOH HOH A . 
G 4 HOH 7   107 109 HOH HOH A . 
G 4 HOH 8   108 232 HOH HOH A . 
G 4 HOH 9   109 26  HOH HOH A . 
G 4 HOH 10  110 138 HOH HOH A . 
G 4 HOH 11  111 117 HOH HOH A . 
G 4 HOH 12  112 249 HOH HOH A . 
G 4 HOH 13  113 102 HOH HOH A . 
G 4 HOH 14  114 196 HOH HOH A . 
G 4 HOH 15  115 131 HOH HOH A . 
G 4 HOH 16  116 99  HOH HOH A . 
G 4 HOH 17  117 11  HOH HOH A . 
G 4 HOH 18  118 32  HOH HOH A . 
G 4 HOH 19  119 29  HOH HOH A . 
G 4 HOH 20  120 167 HOH HOH A . 
G 4 HOH 21  121 88  HOH HOH A . 
G 4 HOH 22  122 155 HOH HOH A . 
G 4 HOH 23  123 191 HOH HOH A . 
G 4 HOH 24  124 183 HOH HOH A . 
G 4 HOH 25  125 27  HOH HOH A . 
G 4 HOH 26  126 250 HOH HOH A . 
G 4 HOH 27  127 43  HOH HOH A . 
G 4 HOH 28  128 15  HOH HOH A . 
G 4 HOH 29  129 72  HOH HOH A . 
G 4 HOH 30  130 3   HOH HOH A . 
G 4 HOH 31  131 14  HOH HOH A . 
G 4 HOH 32  132 195 HOH HOH A . 
G 4 HOH 33  133 7   HOH HOH A . 
G 4 HOH 34  134 114 HOH HOH A . 
G 4 HOH 35  135 49  HOH HOH A . 
G 4 HOH 36  136 159 HOH HOH A . 
G 4 HOH 37  137 80  HOH HOH A . 
G 4 HOH 38  138 8   HOH HOH A . 
G 4 HOH 39  139 44  HOH HOH A . 
G 4 HOH 40  140 148 HOH HOH A . 
G 4 HOH 41  141 23  HOH HOH A . 
G 4 HOH 42  142 87  HOH HOH A . 
G 4 HOH 43  143 56  HOH HOH A . 
G 4 HOH 44  144 16  HOH HOH A . 
G 4 HOH 45  145 116 HOH HOH A . 
G 4 HOH 46  146 98  HOH HOH A . 
G 4 HOH 47  147 55  HOH HOH A . 
G 4 HOH 48  148 60  HOH HOH A . 
G 4 HOH 49  149 34  HOH HOH A . 
G 4 HOH 50  150 75  HOH HOH A . 
G 4 HOH 51  151 78  HOH HOH A . 
G 4 HOH 52  152 94  HOH HOH A . 
G 4 HOH 53  153 97  HOH HOH A . 
G 4 HOH 54  154 96  HOH HOH A . 
G 4 HOH 55  155 13  HOH HOH A . 
G 4 HOH 56  156 21  HOH HOH A . 
G 4 HOH 57  157 107 HOH HOH A . 
G 4 HOH 58  158 17  HOH HOH A . 
G 4 HOH 59  159 22  HOH HOH A . 
G 4 HOH 60  160 76  HOH HOH A . 
G 4 HOH 61  161 179 HOH HOH A . 
G 4 HOH 62  162 137 HOH HOH A . 
G 4 HOH 63  163 52  HOH HOH A . 
G 4 HOH 64  164 121 HOH HOH A . 
G 4 HOH 65  165 61  HOH HOH A . 
G 4 HOH 66  166 171 HOH HOH A . 
G 4 HOH 67  167 66  HOH HOH A . 
G 4 HOH 68  168 54  HOH HOH A . 
G 4 HOH 69  169 91  HOH HOH A . 
G 4 HOH 70  170 104 HOH HOH A . 
G 4 HOH 71  171 185 HOH HOH A . 
G 4 HOH 72  172 129 HOH HOH A . 
G 4 HOH 73  173 135 HOH HOH A . 
G 4 HOH 74  174 42  HOH HOH A . 
G 4 HOH 75  175 140 HOH HOH A . 
G 4 HOH 76  176 175 HOH HOH A . 
G 4 HOH 77  177 133 HOH HOH A . 
G 4 HOH 78  178 70  HOH HOH A . 
G 4 HOH 79  179 33  HOH HOH A . 
G 4 HOH 80  180 189 HOH HOH A . 
G 4 HOH 81  181 50  HOH HOH A . 
G 4 HOH 82  182 225 HOH HOH A . 
G 4 HOH 83  183 247 HOH HOH A . 
G 4 HOH 84  184 69  HOH HOH A . 
G 4 HOH 85  185 30  HOH HOH A . 
G 4 HOH 86  186 251 HOH HOH A . 
G 4 HOH 87  187 123 HOH HOH A . 
G 4 HOH 88  188 150 HOH HOH A . 
G 4 HOH 89  189 182 HOH HOH A . 
G 4 HOH 90  190 216 HOH HOH A . 
G 4 HOH 91  191 149 HOH HOH A . 
G 4 HOH 92  192 166 HOH HOH A . 
G 4 HOH 93  193 83  HOH HOH A . 
G 4 HOH 94  194 238 HOH HOH A . 
G 4 HOH 95  195 203 HOH HOH A . 
G 4 HOH 96  196 81  HOH HOH A . 
G 4 HOH 97  197 59  HOH HOH A . 
G 4 HOH 98  198 210 HOH HOH A . 
G 4 HOH 99  199 180 HOH HOH A . 
G 4 HOH 100 200 163 HOH HOH A . 
G 4 HOH 101 201 176 HOH HOH A . 
G 4 HOH 102 202 130 HOH HOH A . 
G 4 HOH 103 203 237 HOH HOH A . 
G 4 HOH 104 204 228 HOH HOH A . 
G 4 HOH 105 205 93  HOH HOH A . 
G 4 HOH 106 206 245 HOH HOH A . 
G 4 HOH 107 207 246 HOH HOH A . 
G 4 HOH 108 208 190 HOH HOH A . 
G 4 HOH 109 209 120 HOH HOH A . 
G 4 HOH 110 210 136 HOH HOH A . 
G 4 HOH 111 211 201 HOH HOH A . 
G 4 HOH 112 212 122 HOH HOH A . 
G 4 HOH 113 213 57  HOH HOH A . 
G 4 HOH 114 214 113 HOH HOH A . 
G 4 HOH 115 215 134 HOH HOH A . 
G 4 HOH 116 216 239 HOH HOH A . 
G 4 HOH 117 217 143 HOH HOH A . 
G 4 HOH 118 218 144 HOH HOH A . 
G 4 HOH 119 219 242 HOH HOH A . 
H 4 HOH 1   201 231 HOH HOH B . 
H 4 HOH 2   202 234 HOH HOH B . 
H 4 HOH 3   203 153 HOH HOH B . 
H 4 HOH 4   204 206 HOH HOH B . 
H 4 HOH 5   205 211 HOH HOH B . 
H 4 HOH 6   206 244 HOH HOH B . 
H 4 HOH 7   207 184 HOH HOH B . 
H 4 HOH 8   208 64  HOH HOH B . 
H 4 HOH 9   209 115 HOH HOH B . 
H 4 HOH 10  210 236 HOH HOH B . 
H 4 HOH 11  211 164 HOH HOH B . 
H 4 HOH 12  212 213 HOH HOH B . 
H 4 HOH 13  213 124 HOH HOH B . 
H 4 HOH 14  214 73  HOH HOH B . 
H 4 HOH 15  215 25  HOH HOH B . 
H 4 HOH 16  216 18  HOH HOH B . 
H 4 HOH 17  217 38  HOH HOH B . 
H 4 HOH 18  218 112 HOH HOH B . 
H 4 HOH 19  219 79  HOH HOH B . 
H 4 HOH 20  220 48  HOH HOH B . 
H 4 HOH 21  221 154 HOH HOH B . 
H 4 HOH 22  222 101 HOH HOH B . 
H 4 HOH 23  223 65  HOH HOH B . 
H 4 HOH 24  224 84  HOH HOH B . 
H 4 HOH 25  225 95  HOH HOH B . 
H 4 HOH 26  226 172 HOH HOH B . 
H 4 HOH 27  227 31  HOH HOH B . 
H 4 HOH 28  228 219 HOH HOH B . 
H 4 HOH 29  229 6   HOH HOH B . 
H 4 HOH 30  230 105 HOH HOH B . 
H 4 HOH 31  231 100 HOH HOH B . 
H 4 HOH 32  232 63  HOH HOH B . 
H 4 HOH 33  233 86  HOH HOH B . 
H 4 HOH 34  234 35  HOH HOH B . 
H 4 HOH 35  235 24  HOH HOH B . 
H 4 HOH 36  236 12  HOH HOH B . 
H 4 HOH 37  237 127 HOH HOH B . 
H 4 HOH 38  238 92  HOH HOH B . 
H 4 HOH 39  239 218 HOH HOH B . 
H 4 HOH 40  240 10  HOH HOH B . 
H 4 HOH 41  241 243 HOH HOH B . 
H 4 HOH 42  242 197 HOH HOH B . 
H 4 HOH 43  243 187 HOH HOH B . 
H 4 HOH 44  244 139 HOH HOH B . 
H 4 HOH 45  245 82  HOH HOH B . 
H 4 HOH 46  246 168 HOH HOH B . 
H 4 HOH 47  247 37  HOH HOH B . 
H 4 HOH 48  248 173 HOH HOH B . 
H 4 HOH 49  249 111 HOH HOH B . 
H 4 HOH 50  250 9   HOH HOH B . 
H 4 HOH 51  251 217 HOH HOH B . 
H 4 HOH 52  252 170 HOH HOH B . 
H 4 HOH 53  253 2   HOH HOH B . 
H 4 HOH 54  254 1   HOH HOH B . 
H 4 HOH 55  255 248 HOH HOH B . 
H 4 HOH 56  256 53  HOH HOH B . 
H 4 HOH 57  257 41  HOH HOH B . 
H 4 HOH 58  258 157 HOH HOH B . 
H 4 HOH 59  259 4   HOH HOH B . 
H 4 HOH 60  260 186 HOH HOH B . 
H 4 HOH 61  261 198 HOH HOH B . 
H 4 HOH 62  262 19  HOH HOH B . 
H 4 HOH 63  263 36  HOH HOH B . 
H 4 HOH 64  264 45  HOH HOH B . 
H 4 HOH 65  265 5   HOH HOH B . 
H 4 HOH 66  266 202 HOH HOH B . 
H 4 HOH 67  267 40  HOH HOH B . 
H 4 HOH 68  268 199 HOH HOH B . 
H 4 HOH 69  269 108 HOH HOH B . 
H 4 HOH 70  270 39  HOH HOH B . 
H 4 HOH 71  271 209 HOH HOH B . 
H 4 HOH 72  272 192 HOH HOH B . 
H 4 HOH 73  273 118 HOH HOH B . 
H 4 HOH 74  274 46  HOH HOH B . 
H 4 HOH 75  275 89  HOH HOH B . 
H 4 HOH 76  276 20  HOH HOH B . 
H 4 HOH 77  277 147 HOH HOH B . 
H 4 HOH 78  278 90  HOH HOH B . 
H 4 HOH 79  279 51  HOH HOH B . 
H 4 HOH 80  280 62  HOH HOH B . 
H 4 HOH 81  281 47  HOH HOH B . 
H 4 HOH 82  282 28  HOH HOH B . 
H 4 HOH 83  283 188 HOH HOH B . 
H 4 HOH 84  284 221 HOH HOH B . 
H 4 HOH 85  285 103 HOH HOH B . 
H 4 HOH 86  286 77  HOH HOH B . 
H 4 HOH 87  287 125 HOH HOH B . 
H 4 HOH 88  288 220 HOH HOH B . 
H 4 HOH 89  289 58  HOH HOH B . 
H 4 HOH 90  290 252 HOH HOH B . 
H 4 HOH 91  291 204 HOH HOH B . 
H 4 HOH 92  292 223 HOH HOH B . 
H 4 HOH 93  293 177 HOH HOH B . 
H 4 HOH 94  294 158 HOH HOH B . 
H 4 HOH 95  295 161 HOH HOH B . 
H 4 HOH 96  296 85  HOH HOH B . 
H 4 HOH 97  297 67  HOH HOH B . 
H 4 HOH 98  298 160 HOH HOH B . 
H 4 HOH 99  299 174 HOH HOH B . 
H 4 HOH 100 300 208 HOH HOH B . 
H 4 HOH 101 301 156 HOH HOH B . 
H 4 HOH 102 302 235 HOH HOH B . 
H 4 HOH 103 303 222 HOH HOH B . 
H 4 HOH 104 304 229 HOH HOH B . 
H 4 HOH 105 305 145 HOH HOH B . 
H 4 HOH 106 306 214 HOH HOH B . 
H 4 HOH 107 307 193 HOH HOH B . 
H 4 HOH 108 308 205 HOH HOH B . 
H 4 HOH 109 309 207 HOH HOH B . 
H 4 HOH 110 310 178 HOH HOH B . 
H 4 HOH 111 311 74  HOH HOH B . 
H 4 HOH 112 312 132 HOH HOH B . 
H 4 HOH 113 313 152 HOH HOH B . 
H 4 HOH 114 314 194 HOH HOH B . 
H 4 HOH 115 315 110 HOH HOH B . 
H 4 HOH 116 316 227 HOH HOH B . 
H 4 HOH 117 317 126 HOH HOH B . 
H 4 HOH 118 318 212 HOH HOH B . 
H 4 HOH 119 319 146 HOH HOH B . 
H 4 HOH 120 320 151 HOH HOH B . 
H 4 HOH 121 321 142 HOH HOH B . 
H 4 HOH 122 322 240 HOH HOH B . 
H 4 HOH 123 323 162 HOH HOH B . 
H 4 HOH 124 324 165 HOH HOH B . 
H 4 HOH 125 325 128 HOH HOH B . 
H 4 HOH 126 326 169 HOH HOH B . 
H 4 HOH 127 327 226 HOH HOH B . 
H 4 HOH 128 328 200 HOH HOH B . 
H 4 HOH 129 329 68  HOH HOH B . 
H 4 HOH 130 330 215 HOH HOH B . 
H 4 HOH 131 331 106 HOH HOH B . 
H 4 HOH 132 332 141 HOH HOH B . 
H 4 HOH 133 333 241 HOH HOH B . 
# 
_pdbx_struct_assembly.id                   1 
_pdbx_struct_assembly.details              author_defined_assembly 
_pdbx_struct_assembly.method_details       ? 
_pdbx_struct_assembly.oligomeric_details   dimeric 
_pdbx_struct_assembly.oligomeric_count     2 
# 
_pdbx_struct_assembly_gen.assembly_id       1 
_pdbx_struct_assembly_gen.oper_expression   1 
_pdbx_struct_assembly_gen.asym_id_list      A,B,C,D,E,F,G,H 
# 
loop_
_pdbx_struct_assembly_prop.biol_id 
_pdbx_struct_assembly_prop.type 
_pdbx_struct_assembly_prop.value 
_pdbx_struct_assembly_prop.details 
1 'ABSA (A^2)' 1210 ? 
1 MORE         -13  ? 
1 'SSA (A^2)'  9570 ? 
# 
_pdbx_struct_oper_list.id                   1 
_pdbx_struct_oper_list.type                 'identity operation' 
_pdbx_struct_oper_list.name                 1_555 
_pdbx_struct_oper_list.symmetry_operation   x,y,z 
_pdbx_struct_oper_list.matrix[1][1]         1.0000000000 
_pdbx_struct_oper_list.matrix[1][2]         0.0000000000 
_pdbx_struct_oper_list.matrix[1][3]         0.0000000000 
_pdbx_struct_oper_list.vector[1]            0.0000000000 
_pdbx_struct_oper_list.matrix[2][1]         0.0000000000 
_pdbx_struct_oper_list.matrix[2][2]         1.0000000000 
_pdbx_struct_oper_list.matrix[2][3]         0.0000000000 
_pdbx_struct_oper_list.vector[2]            0.0000000000 
_pdbx_struct_oper_list.matrix[3][1]         0.0000000000 
_pdbx_struct_oper_list.matrix[3][2]         0.0000000000 
_pdbx_struct_oper_list.matrix[3][3]         1.0000000000 
_pdbx_struct_oper_list.vector[3]            0.0000000000 
# 
loop_
_pdbx_audit_revision_history.ordinal 
_pdbx_audit_revision_history.data_content_type 
_pdbx_audit_revision_history.major_revision 
_pdbx_audit_revision_history.minor_revision 
_pdbx_audit_revision_history.revision_date 
1 'Structure model' 1 0 2017-03-01 
2 'Structure model' 1 1 2023-11-08 
# 
_pdbx_audit_revision_details.ordinal             1 
_pdbx_audit_revision_details.revision_ordinal    1 
_pdbx_audit_revision_details.data_content_type   'Structure model' 
_pdbx_audit_revision_details.provider            repository 
_pdbx_audit_revision_details.type                'Initial release' 
_pdbx_audit_revision_details.description         ? 
_pdbx_audit_revision_details.details             ? 
# 
loop_
_pdbx_audit_revision_group.ordinal 
_pdbx_audit_revision_group.revision_ordinal 
_pdbx_audit_revision_group.data_content_type 
_pdbx_audit_revision_group.group 
1 2 'Structure model' 'Data collection'        
2 2 'Structure model' 'Database references'    
3 2 'Structure model' 'Refinement description' 
# 
loop_
_pdbx_audit_revision_category.ordinal 
_pdbx_audit_revision_category.revision_ordinal 
_pdbx_audit_revision_category.data_content_type 
_pdbx_audit_revision_category.category 
1 2 'Structure model' chem_comp_atom                
2 2 'Structure model' chem_comp_bond                
3 2 'Structure model' database_2                    
4 2 'Structure model' pdbx_initial_refinement_model 
# 
loop_
_pdbx_audit_revision_item.ordinal 
_pdbx_audit_revision_item.revision_ordinal 
_pdbx_audit_revision_item.data_content_type 
_pdbx_audit_revision_item.item 
1 2 'Structure model' '_database_2.pdbx_DOI'                
2 2 'Structure model' '_database_2.pdbx_database_accession' 
# 
loop_
_software.citation_id 
_software.classification 
_software.compiler_name 
_software.compiler_version 
_software.contact_author 
_software.contact_author_email 
_software.date 
_software.description 
_software.dependencies 
_software.hardware 
_software.language 
_software.location 
_software.mods 
_software.name 
_software.os 
_software.os_version 
_software.type 
_software.version 
_software.pdbx_ordinal 
? refinement        ? ? ? ? ? ? ? ? ? ? ? PHENIX   ? ? ? 1.8.4_1496 1 
? 'data collection' ? ? ? ? ? ? ? ? ? ? ? HKL-3000 ? ? ? .          2 
? 'data scaling'    ? ? ? ? ? ? ? ? ? ? ? HKL-3000 ? ? ? .          3 
? phasing           ? ? ? ? ? ? ? ? ? ? ? PHENIX   ? ? ? .          4 
# 
loop_
_pdbx_validate_close_contact.id 
_pdbx_validate_close_contact.PDB_model_num 
_pdbx_validate_close_contact.auth_atom_id_1 
_pdbx_validate_close_contact.auth_asym_id_1 
_pdbx_validate_close_contact.auth_comp_id_1 
_pdbx_validate_close_contact.auth_seq_id_1 
_pdbx_validate_close_contact.PDB_ins_code_1 
_pdbx_validate_close_contact.label_alt_id_1 
_pdbx_validate_close_contact.auth_atom_id_2 
_pdbx_validate_close_contact.auth_asym_id_2 
_pdbx_validate_close_contact.auth_comp_id_2 
_pdbx_validate_close_contact.auth_seq_id_2 
_pdbx_validate_close_contact.PDB_ins_code_2 
_pdbx_validate_close_contact.label_alt_id_2 
_pdbx_validate_close_contact.dist 
1  1 O   A HOH 173 ? ? O A HOH 203 ? ? 1.89 
2  1 O   A HOH 129 ? ? O A HOH 186 ? ? 1.92 
3  1 NZ  B LYS 29  ? ? O B HOH 201 ? ? 1.94 
4  1 O   B LEU 25  ? ? O B HOH 202 ? ? 1.98 
5  1 O   B HOH 252 ? ? O B HOH 266 ? ? 2.01 
6  1 O   B HOH 291 ? ? O B HOH 325 ? ? 2.02 
7  1 NZ  A LYS 29  ? ? O A HOH 101 ? ? 2.02 
8  1 O   B HOH 233 ? ? O B HOH 314 ? ? 2.04 
9  1 NZ  A LYS 29  ? ? O A HOH 102 ? ? 2.07 
10 1 OE1 A GLU 75  ? ? O A HOH 103 ? ? 2.08 
11 1 OG  B SER 50  ? ? O B HOH 203 ? ? 2.08 
12 1 NZ  B LYS 51  ? ? O B HOH 204 ? ? 2.11 
13 1 O   B HOH 292 ? ? O B HOH 304 ? ? 2.12 
14 1 O   A HOH 108 ? ? O A HOH 140 ? ? 2.12 
15 1 O   B HOH 287 ? ? O B HOH 304 ? ? 2.15 
16 1 OE1 A GLU 37  ? ? O A HOH 104 ? ? 2.16 
17 1 O4  B SO4 102 ? ? O B HOH 205 ? ? 2.16 
18 1 O3  B SO4 101 ? ? O B HOH 206 ? ? 2.18 
19 1 O   A HOH 205 ? ? O A HOH 207 ? ? 2.18 
# 
loop_
_pdbx_validate_symm_contact.id 
_pdbx_validate_symm_contact.PDB_model_num 
_pdbx_validate_symm_contact.auth_atom_id_1 
_pdbx_validate_symm_contact.auth_asym_id_1 
_pdbx_validate_symm_contact.auth_comp_id_1 
_pdbx_validate_symm_contact.auth_seq_id_1 
_pdbx_validate_symm_contact.PDB_ins_code_1 
_pdbx_validate_symm_contact.label_alt_id_1 
_pdbx_validate_symm_contact.site_symmetry_1 
_pdbx_validate_symm_contact.auth_atom_id_2 
_pdbx_validate_symm_contact.auth_asym_id_2 
_pdbx_validate_symm_contact.auth_comp_id_2 
_pdbx_validate_symm_contact.auth_seq_id_2 
_pdbx_validate_symm_contact.PDB_ins_code_2 
_pdbx_validate_symm_contact.label_alt_id_2 
_pdbx_validate_symm_contact.site_symmetry_2 
_pdbx_validate_symm_contact.dist 
1 1 O A HOH 160 ? ? 1_555 O B HOH 321 ? ? 1_556 1.92 
2 1 O A HOH 153 ? ? 1_555 O B HOH 309 ? ? 1_556 1.99 
3 1 O A HOH 110 ? ? 1_555 O B HOH 321 ? ? 1_556 2.04 
4 1 O A HOH 106 ? ? 1_555 O B HOH 284 ? ? 1_456 2.13 
5 1 O A HOH 123 ? ? 1_555 O B HOH 211 ? ? 2_645 2.17 
# 
loop_
_pdbx_unobs_or_zero_occ_residues.id 
_pdbx_unobs_or_zero_occ_residues.PDB_model_num 
_pdbx_unobs_or_zero_occ_residues.polymer_flag 
_pdbx_unobs_or_zero_occ_residues.occupancy_flag 
_pdbx_unobs_or_zero_occ_residues.auth_asym_id 
_pdbx_unobs_or_zero_occ_residues.auth_comp_id 
_pdbx_unobs_or_zero_occ_residues.auth_seq_id 
_pdbx_unobs_or_zero_occ_residues.PDB_ins_code 
_pdbx_unobs_or_zero_occ_residues.label_asym_id 
_pdbx_unobs_or_zero_occ_residues.label_comp_id 
_pdbx_unobs_or_zero_occ_residues.label_seq_id 
1 1 Y 1 A GLY 9 ? A GLY 1 
2 1 Y 1 B GLY 9 ? B GLY 1 
# 
loop_
_chem_comp_atom.comp_id 
_chem_comp_atom.atom_id 
_chem_comp_atom.type_symbol 
_chem_comp_atom.pdbx_aromatic_flag 
_chem_comp_atom.pdbx_stereo_config 
_chem_comp_atom.pdbx_ordinal 
ALA N    N N N 1   
ALA CA   C N S 2   
ALA C    C N N 3   
ALA O    O N N 4   
ALA CB   C N N 5   
ALA OXT  O N N 6   
ALA H    H N N 7   
ALA H2   H N N 8   
ALA HA   H N N 9   
ALA HB1  H N N 10  
ALA HB2  H N N 11  
ALA HB3  H N N 12  
ALA HXT  H N N 13  
ARG N    N N N 14  
ARG CA   C N S 15  
ARG C    C N N 16  
ARG O    O N N 17  
ARG CB   C N N 18  
ARG CG   C N N 19  
ARG CD   C N N 20  
ARG NE   N N N 21  
ARG CZ   C N N 22  
ARG NH1  N N N 23  
ARG NH2  N N N 24  
ARG OXT  O N N 25  
ARG H    H N N 26  
ARG H2   H N N 27  
ARG HA   H N N 28  
ARG HB2  H N N 29  
ARG HB3  H N N 30  
ARG HG2  H N N 31  
ARG HG3  H N N 32  
ARG HD2  H N N 33  
ARG HD3  H N N 34  
ARG HE   H N N 35  
ARG HH11 H N N 36  
ARG HH12 H N N 37  
ARG HH21 H N N 38  
ARG HH22 H N N 39  
ARG HXT  H N N 40  
ASN N    N N N 41  
ASN CA   C N S 42  
ASN C    C N N 43  
ASN O    O N N 44  
ASN CB   C N N 45  
ASN CG   C N N 46  
ASN OD1  O N N 47  
ASN ND2  N N N 48  
ASN OXT  O N N 49  
ASN H    H N N 50  
ASN H2   H N N 51  
ASN HA   H N N 52  
ASN HB2  H N N 53  
ASN HB3  H N N 54  
ASN HD21 H N N 55  
ASN HD22 H N N 56  
ASN HXT  H N N 57  
ASP N    N N N 58  
ASP CA   C N S 59  
ASP C    C N N 60  
ASP O    O N N 61  
ASP CB   C N N 62  
ASP CG   C N N 63  
ASP OD1  O N N 64  
ASP OD2  O N N 65  
ASP OXT  O N N 66  
ASP H    H N N 67  
ASP H2   H N N 68  
ASP HA   H N N 69  
ASP HB2  H N N 70  
ASP HB3  H N N 71  
ASP HD2  H N N 72  
ASP HXT  H N N 73  
EDO C1   C N N 74  
EDO O1   O N N 75  
EDO C2   C N N 76  
EDO O2   O N N 77  
EDO H11  H N N 78  
EDO H12  H N N 79  
EDO HO1  H N N 80  
EDO H21  H N N 81  
EDO H22  H N N 82  
EDO HO2  H N N 83  
GLN N    N N N 84  
GLN CA   C N S 85  
GLN C    C N N 86  
GLN O    O N N 87  
GLN CB   C N N 88  
GLN CG   C N N 89  
GLN CD   C N N 90  
GLN OE1  O N N 91  
GLN NE2  N N N 92  
GLN OXT  O N N 93  
GLN H    H N N 94  
GLN H2   H N N 95  
GLN HA   H N N 96  
GLN HB2  H N N 97  
GLN HB3  H N N 98  
GLN HG2  H N N 99  
GLN HG3  H N N 100 
GLN HE21 H N N 101 
GLN HE22 H N N 102 
GLN HXT  H N N 103 
GLU N    N N N 104 
GLU CA   C N S 105 
GLU C    C N N 106 
GLU O    O N N 107 
GLU CB   C N N 108 
GLU CG   C N N 109 
GLU CD   C N N 110 
GLU OE1  O N N 111 
GLU OE2  O N N 112 
GLU OXT  O N N 113 
GLU H    H N N 114 
GLU H2   H N N 115 
GLU HA   H N N 116 
GLU HB2  H N N 117 
GLU HB3  H N N 118 
GLU HG2  H N N 119 
GLU HG3  H N N 120 
GLU HE2  H N N 121 
GLU HXT  H N N 122 
GLY N    N N N 123 
GLY CA   C N N 124 
GLY C    C N N 125 
GLY O    O N N 126 
GLY OXT  O N N 127 
GLY H    H N N 128 
GLY H2   H N N 129 
GLY HA2  H N N 130 
GLY HA3  H N N 131 
GLY HXT  H N N 132 
HIS N    N N N 133 
HIS CA   C N S 134 
HIS C    C N N 135 
HIS O    O N N 136 
HIS CB   C N N 137 
HIS CG   C Y N 138 
HIS ND1  N Y N 139 
HIS CD2  C Y N 140 
HIS CE1  C Y N 141 
HIS NE2  N Y N 142 
HIS OXT  O N N 143 
HIS H    H N N 144 
HIS H2   H N N 145 
HIS HA   H N N 146 
HIS HB2  H N N 147 
HIS HB3  H N N 148 
HIS HD1  H N N 149 
HIS HD2  H N N 150 
HIS HE1  H N N 151 
HIS HE2  H N N 152 
HIS HXT  H N N 153 
HOH O    O N N 154 
HOH H1   H N N 155 
HOH H2   H N N 156 
ILE N    N N N 157 
ILE CA   C N S 158 
ILE C    C N N 159 
ILE O    O N N 160 
ILE CB   C N S 161 
ILE CG1  C N N 162 
ILE CG2  C N N 163 
ILE CD1  C N N 164 
ILE OXT  O N N 165 
ILE H    H N N 166 
ILE H2   H N N 167 
ILE HA   H N N 168 
ILE HB   H N N 169 
ILE HG12 H N N 170 
ILE HG13 H N N 171 
ILE HG21 H N N 172 
ILE HG22 H N N 173 
ILE HG23 H N N 174 
ILE HD11 H N N 175 
ILE HD12 H N N 176 
ILE HD13 H N N 177 
ILE HXT  H N N 178 
LEU N    N N N 179 
LEU CA   C N S 180 
LEU C    C N N 181 
LEU O    O N N 182 
LEU CB   C N N 183 
LEU CG   C N N 184 
LEU CD1  C N N 185 
LEU CD2  C N N 186 
LEU OXT  O N N 187 
LEU H    H N N 188 
LEU H2   H N N 189 
LEU HA   H N N 190 
LEU HB2  H N N 191 
LEU HB3  H N N 192 
LEU HG   H N N 193 
LEU HD11 H N N 194 
LEU HD12 H N N 195 
LEU HD13 H N N 196 
LEU HD21 H N N 197 
LEU HD22 H N N 198 
LEU HD23 H N N 199 
LEU HXT  H N N 200 
LYS N    N N N 201 
LYS CA   C N S 202 
LYS C    C N N 203 
LYS O    O N N 204 
LYS CB   C N N 205 
LYS CG   C N N 206 
LYS CD   C N N 207 
LYS CE   C N N 208 
LYS NZ   N N N 209 
LYS OXT  O N N 210 
LYS H    H N N 211 
LYS H2   H N N 212 
LYS HA   H N N 213 
LYS HB2  H N N 214 
LYS HB3  H N N 215 
LYS HG2  H N N 216 
LYS HG3  H N N 217 
LYS HD2  H N N 218 
LYS HD3  H N N 219 
LYS HE2  H N N 220 
LYS HE3  H N N 221 
LYS HZ1  H N N 222 
LYS HZ2  H N N 223 
LYS HZ3  H N N 224 
LYS HXT  H N N 225 
PHE N    N N N 226 
PHE CA   C N S 227 
PHE C    C N N 228 
PHE O    O N N 229 
PHE CB   C N N 230 
PHE CG   C Y N 231 
PHE CD1  C Y N 232 
PHE CD2  C Y N 233 
PHE CE1  C Y N 234 
PHE CE2  C Y N 235 
PHE CZ   C Y N 236 
PHE OXT  O N N 237 
PHE H    H N N 238 
PHE H2   H N N 239 
PHE HA   H N N 240 
PHE HB2  H N N 241 
PHE HB3  H N N 242 
PHE HD1  H N N 243 
PHE HD2  H N N 244 
PHE HE1  H N N 245 
PHE HE2  H N N 246 
PHE HZ   H N N 247 
PHE HXT  H N N 248 
PRO N    N N N 249 
PRO CA   C N S 250 
PRO C    C N N 251 
PRO O    O N N 252 
PRO CB   C N N 253 
PRO CG   C N N 254 
PRO CD   C N N 255 
PRO OXT  O N N 256 
PRO H    H N N 257 
PRO HA   H N N 258 
PRO HB2  H N N 259 
PRO HB3  H N N 260 
PRO HG2  H N N 261 
PRO HG3  H N N 262 
PRO HD2  H N N 263 
PRO HD3  H N N 264 
PRO HXT  H N N 265 
SER N    N N N 266 
SER CA   C N S 267 
SER C    C N N 268 
SER O    O N N 269 
SER CB   C N N 270 
SER OG   O N N 271 
SER OXT  O N N 272 
SER H    H N N 273 
SER H2   H N N 274 
SER HA   H N N 275 
SER HB2  H N N 276 
SER HB3  H N N 277 
SER HG   H N N 278 
SER HXT  H N N 279 
SO4 S    S N N 280 
SO4 O1   O N N 281 
SO4 O2   O N N 282 
SO4 O3   O N N 283 
SO4 O4   O N N 284 
THR N    N N N 285 
THR CA   C N S 286 
THR C    C N N 287 
THR O    O N N 288 
THR CB   C N R 289 
THR OG1  O N N 290 
THR CG2  C N N 291 
THR OXT  O N N 292 
THR H    H N N 293 
THR H2   H N N 294 
THR HA   H N N 295 
THR HB   H N N 296 
THR HG1  H N N 297 
THR HG21 H N N 298 
THR HG22 H N N 299 
THR HG23 H N N 300 
THR HXT  H N N 301 
TRP N    N N N 302 
TRP CA   C N S 303 
TRP C    C N N 304 
TRP O    O N N 305 
TRP CB   C N N 306 
TRP CG   C Y N 307 
TRP CD1  C Y N 308 
TRP CD2  C Y N 309 
TRP NE1  N Y N 310 
TRP CE2  C Y N 311 
TRP CE3  C Y N 312 
TRP CZ2  C Y N 313 
TRP CZ3  C Y N 314 
TRP CH2  C Y N 315 
TRP OXT  O N N 316 
TRP H    H N N 317 
TRP H2   H N N 318 
TRP HA   H N N 319 
TRP HB2  H N N 320 
TRP HB3  H N N 321 
TRP HD1  H N N 322 
TRP HE1  H N N 323 
TRP HE3  H N N 324 
TRP HZ2  H N N 325 
TRP HZ3  H N N 326 
TRP HH2  H N N 327 
TRP HXT  H N N 328 
TYR N    N N N 329 
TYR CA   C N S 330 
TYR C    C N N 331 
TYR O    O N N 332 
TYR CB   C N N 333 
TYR CG   C Y N 334 
TYR CD1  C Y N 335 
TYR CD2  C Y N 336 
TYR CE1  C Y N 337 
TYR CE2  C Y N 338 
TYR CZ   C Y N 339 
TYR OH   O N N 340 
TYR OXT  O N N 341 
TYR H    H N N 342 
TYR H2   H N N 343 
TYR HA   H N N 344 
TYR HB2  H N N 345 
TYR HB3  H N N 346 
TYR HD1  H N N 347 
TYR HD2  H N N 348 
TYR HE1  H N N 349 
TYR HE2  H N N 350 
TYR HH   H N N 351 
TYR HXT  H N N 352 
VAL N    N N N 353 
VAL CA   C N S 354 
VAL C    C N N 355 
VAL O    O N N 356 
VAL CB   C N N 357 
VAL CG1  C N N 358 
VAL CG2  C N N 359 
VAL OXT  O N N 360 
VAL H    H N N 361 
VAL H2   H N N 362 
VAL HA   H N N 363 
VAL HB   H N N 364 
VAL HG11 H N N 365 
VAL HG12 H N N 366 
VAL HG13 H N N 367 
VAL HG21 H N N 368 
VAL HG22 H N N 369 
VAL HG23 H N N 370 
VAL HXT  H N N 371 
# 
loop_
_chem_comp_bond.comp_id 
_chem_comp_bond.atom_id_1 
_chem_comp_bond.atom_id_2 
_chem_comp_bond.value_order 
_chem_comp_bond.pdbx_aromatic_flag 
_chem_comp_bond.pdbx_stereo_config 
_chem_comp_bond.pdbx_ordinal 
ALA N   CA   sing N N 1   
ALA N   H    sing N N 2   
ALA N   H2   sing N N 3   
ALA CA  C    sing N N 4   
ALA CA  CB   sing N N 5   
ALA CA  HA   sing N N 6   
ALA C   O    doub N N 7   
ALA C   OXT  sing N N 8   
ALA CB  HB1  sing N N 9   
ALA CB  HB2  sing N N 10  
ALA CB  HB3  sing N N 11  
ALA OXT HXT  sing N N 12  
ARG N   CA   sing N N 13  
ARG N   H    sing N N 14  
ARG N   H2   sing N N 15  
ARG CA  C    sing N N 16  
ARG CA  CB   sing N N 17  
ARG CA  HA   sing N N 18  
ARG C   O    doub N N 19  
ARG C   OXT  sing N N 20  
ARG CB  CG   sing N N 21  
ARG CB  HB2  sing N N 22  
ARG CB  HB3  sing N N 23  
ARG CG  CD   sing N N 24  
ARG CG  HG2  sing N N 25  
ARG CG  HG3  sing N N 26  
ARG CD  NE   sing N N 27  
ARG CD  HD2  sing N N 28  
ARG CD  HD3  sing N N 29  
ARG NE  CZ   sing N N 30  
ARG NE  HE   sing N N 31  
ARG CZ  NH1  sing N N 32  
ARG CZ  NH2  doub N N 33  
ARG NH1 HH11 sing N N 34  
ARG NH1 HH12 sing N N 35  
ARG NH2 HH21 sing N N 36  
ARG NH2 HH22 sing N N 37  
ARG OXT HXT  sing N N 38  
ASN N   CA   sing N N 39  
ASN N   H    sing N N 40  
ASN N   H2   sing N N 41  
ASN CA  C    sing N N 42  
ASN CA  CB   sing N N 43  
ASN CA  HA   sing N N 44  
ASN C   O    doub N N 45  
ASN C   OXT  sing N N 46  
ASN CB  CG   sing N N 47  
ASN CB  HB2  sing N N 48  
ASN CB  HB3  sing N N 49  
ASN CG  OD1  doub N N 50  
ASN CG  ND2  sing N N 51  
ASN ND2 HD21 sing N N 52  
ASN ND2 HD22 sing N N 53  
ASN OXT HXT  sing N N 54  
ASP N   CA   sing N N 55  
ASP N   H    sing N N 56  
ASP N   H2   sing N N 57  
ASP CA  C    sing N N 58  
ASP CA  CB   sing N N 59  
ASP CA  HA   sing N N 60  
ASP C   O    doub N N 61  
ASP C   OXT  sing N N 62  
ASP CB  CG   sing N N 63  
ASP CB  HB2  sing N N 64  
ASP CB  HB3  sing N N 65  
ASP CG  OD1  doub N N 66  
ASP CG  OD2  sing N N 67  
ASP OD2 HD2  sing N N 68  
ASP OXT HXT  sing N N 69  
EDO C1  O1   sing N N 70  
EDO C1  C2   sing N N 71  
EDO C1  H11  sing N N 72  
EDO C1  H12  sing N N 73  
EDO O1  HO1  sing N N 74  
EDO C2  O2   sing N N 75  
EDO C2  H21  sing N N 76  
EDO C2  H22  sing N N 77  
EDO O2  HO2  sing N N 78  
GLN N   CA   sing N N 79  
GLN N   H    sing N N 80  
GLN N   H2   sing N N 81  
GLN CA  C    sing N N 82  
GLN CA  CB   sing N N 83  
GLN CA  HA   sing N N 84  
GLN C   O    doub N N 85  
GLN C   OXT  sing N N 86  
GLN CB  CG   sing N N 87  
GLN CB  HB2  sing N N 88  
GLN CB  HB3  sing N N 89  
GLN CG  CD   sing N N 90  
GLN CG  HG2  sing N N 91  
GLN CG  HG3  sing N N 92  
GLN CD  OE1  doub N N 93  
GLN CD  NE2  sing N N 94  
GLN NE2 HE21 sing N N 95  
GLN NE2 HE22 sing N N 96  
GLN OXT HXT  sing N N 97  
GLU N   CA   sing N N 98  
GLU N   H    sing N N 99  
GLU N   H2   sing N N 100 
GLU CA  C    sing N N 101 
GLU CA  CB   sing N N 102 
GLU CA  HA   sing N N 103 
GLU C   O    doub N N 104 
GLU C   OXT  sing N N 105 
GLU CB  CG   sing N N 106 
GLU CB  HB2  sing N N 107 
GLU CB  HB3  sing N N 108 
GLU CG  CD   sing N N 109 
GLU CG  HG2  sing N N 110 
GLU CG  HG3  sing N N 111 
GLU CD  OE1  doub N N 112 
GLU CD  OE2  sing N N 113 
GLU OE2 HE2  sing N N 114 
GLU OXT HXT  sing N N 115 
GLY N   CA   sing N N 116 
GLY N   H    sing N N 117 
GLY N   H2   sing N N 118 
GLY CA  C    sing N N 119 
GLY CA  HA2  sing N N 120 
GLY CA  HA3  sing N N 121 
GLY C   O    doub N N 122 
GLY C   OXT  sing N N 123 
GLY OXT HXT  sing N N 124 
HIS N   CA   sing N N 125 
HIS N   H    sing N N 126 
HIS N   H2   sing N N 127 
HIS CA  C    sing N N 128 
HIS CA  CB   sing N N 129 
HIS CA  HA   sing N N 130 
HIS C   O    doub N N 131 
HIS C   OXT  sing N N 132 
HIS CB  CG   sing N N 133 
HIS CB  HB2  sing N N 134 
HIS CB  HB3  sing N N 135 
HIS CG  ND1  sing Y N 136 
HIS CG  CD2  doub Y N 137 
HIS ND1 CE1  doub Y N 138 
HIS ND1 HD1  sing N N 139 
HIS CD2 NE2  sing Y N 140 
HIS CD2 HD2  sing N N 141 
HIS CE1 NE2  sing Y N 142 
HIS CE1 HE1  sing N N 143 
HIS NE2 HE2  sing N N 144 
HIS OXT HXT  sing N N 145 
HOH O   H1   sing N N 146 
HOH O   H2   sing N N 147 
ILE N   CA   sing N N 148 
ILE N   H    sing N N 149 
ILE N   H2   sing N N 150 
ILE CA  C    sing N N 151 
ILE CA  CB   sing N N 152 
ILE CA  HA   sing N N 153 
ILE C   O    doub N N 154 
ILE C   OXT  sing N N 155 
ILE CB  CG1  sing N N 156 
ILE CB  CG2  sing N N 157 
ILE CB  HB   sing N N 158 
ILE CG1 CD1  sing N N 159 
ILE CG1 HG12 sing N N 160 
ILE CG1 HG13 sing N N 161 
ILE CG2 HG21 sing N N 162 
ILE CG2 HG22 sing N N 163 
ILE CG2 HG23 sing N N 164 
ILE CD1 HD11 sing N N 165 
ILE CD1 HD12 sing N N 166 
ILE CD1 HD13 sing N N 167 
ILE OXT HXT  sing N N 168 
LEU N   CA   sing N N 169 
LEU N   H    sing N N 170 
LEU N   H2   sing N N 171 
LEU CA  C    sing N N 172 
LEU CA  CB   sing N N 173 
LEU CA  HA   sing N N 174 
LEU C   O    doub N N 175 
LEU C   OXT  sing N N 176 
LEU CB  CG   sing N N 177 
LEU CB  HB2  sing N N 178 
LEU CB  HB3  sing N N 179 
LEU CG  CD1  sing N N 180 
LEU CG  CD2  sing N N 181 
LEU CG  HG   sing N N 182 
LEU CD1 HD11 sing N N 183 
LEU CD1 HD12 sing N N 184 
LEU CD1 HD13 sing N N 185 
LEU CD2 HD21 sing N N 186 
LEU CD2 HD22 sing N N 187 
LEU CD2 HD23 sing N N 188 
LEU OXT HXT  sing N N 189 
LYS N   CA   sing N N 190 
LYS N   H    sing N N 191 
LYS N   H2   sing N N 192 
LYS CA  C    sing N N 193 
LYS CA  CB   sing N N 194 
LYS CA  HA   sing N N 195 
LYS C   O    doub N N 196 
LYS C   OXT  sing N N 197 
LYS CB  CG   sing N N 198 
LYS CB  HB2  sing N N 199 
LYS CB  HB3  sing N N 200 
LYS CG  CD   sing N N 201 
LYS CG  HG2  sing N N 202 
LYS CG  HG3  sing N N 203 
LYS CD  CE   sing N N 204 
LYS CD  HD2  sing N N 205 
LYS CD  HD3  sing N N 206 
LYS CE  NZ   sing N N 207 
LYS CE  HE2  sing N N 208 
LYS CE  HE3  sing N N 209 
LYS NZ  HZ1  sing N N 210 
LYS NZ  HZ2  sing N N 211 
LYS NZ  HZ3  sing N N 212 
LYS OXT HXT  sing N N 213 
PHE N   CA   sing N N 214 
PHE N   H    sing N N 215 
PHE N   H2   sing N N 216 
PHE CA  C    sing N N 217 
PHE CA  CB   sing N N 218 
PHE CA  HA   sing N N 219 
PHE C   O    doub N N 220 
PHE C   OXT  sing N N 221 
PHE CB  CG   sing N N 222 
PHE CB  HB2  sing N N 223 
PHE CB  HB3  sing N N 224 
PHE CG  CD1  doub Y N 225 
PHE CG  CD2  sing Y N 226 
PHE CD1 CE1  sing Y N 227 
PHE CD1 HD1  sing N N 228 
PHE CD2 CE2  doub Y N 229 
PHE CD2 HD2  sing N N 230 
PHE CE1 CZ   doub Y N 231 
PHE CE1 HE1  sing N N 232 
PHE CE2 CZ   sing Y N 233 
PHE CE2 HE2  sing N N 234 
PHE CZ  HZ   sing N N 235 
PHE OXT HXT  sing N N 236 
PRO N   CA   sing N N 237 
PRO N   CD   sing N N 238 
PRO N   H    sing N N 239 
PRO CA  C    sing N N 240 
PRO CA  CB   sing N N 241 
PRO CA  HA   sing N N 242 
PRO C   O    doub N N 243 
PRO C   OXT  sing N N 244 
PRO CB  CG   sing N N 245 
PRO CB  HB2  sing N N 246 
PRO CB  HB3  sing N N 247 
PRO CG  CD   sing N N 248 
PRO CG  HG2  sing N N 249 
PRO CG  HG3  sing N N 250 
PRO CD  HD2  sing N N 251 
PRO CD  HD3  sing N N 252 
PRO OXT HXT  sing N N 253 
SER N   CA   sing N N 254 
SER N   H    sing N N 255 
SER N   H2   sing N N 256 
SER CA  C    sing N N 257 
SER CA  CB   sing N N 258 
SER CA  HA   sing N N 259 
SER C   O    doub N N 260 
SER C   OXT  sing N N 261 
SER CB  OG   sing N N 262 
SER CB  HB2  sing N N 263 
SER CB  HB3  sing N N 264 
SER OG  HG   sing N N 265 
SER OXT HXT  sing N N 266 
SO4 S   O1   doub N N 267 
SO4 S   O2   doub N N 268 
SO4 S   O3   sing N N 269 
SO4 S   O4   sing N N 270 
THR N   CA   sing N N 271 
THR N   H    sing N N 272 
THR N   H2   sing N N 273 
THR CA  C    sing N N 274 
THR CA  CB   sing N N 275 
THR CA  HA   sing N N 276 
THR C   O    doub N N 277 
THR C   OXT  sing N N 278 
THR CB  OG1  sing N N 279 
THR CB  CG2  sing N N 280 
THR CB  HB   sing N N 281 
THR OG1 HG1  sing N N 282 
THR CG2 HG21 sing N N 283 
THR CG2 HG22 sing N N 284 
THR CG2 HG23 sing N N 285 
THR OXT HXT  sing N N 286 
TRP N   CA   sing N N 287 
TRP N   H    sing N N 288 
TRP N   H2   sing N N 289 
TRP CA  C    sing N N 290 
TRP CA  CB   sing N N 291 
TRP CA  HA   sing N N 292 
TRP C   O    doub N N 293 
TRP C   OXT  sing N N 294 
TRP CB  CG   sing N N 295 
TRP CB  HB2  sing N N 296 
TRP CB  HB3  sing N N 297 
TRP CG  CD1  doub Y N 298 
TRP CG  CD2  sing Y N 299 
TRP CD1 NE1  sing Y N 300 
TRP CD1 HD1  sing N N 301 
TRP CD2 CE2  doub Y N 302 
TRP CD2 CE3  sing Y N 303 
TRP NE1 CE2  sing Y N 304 
TRP NE1 HE1  sing N N 305 
TRP CE2 CZ2  sing Y N 306 
TRP CE3 CZ3  doub Y N 307 
TRP CE3 HE3  sing N N 308 
TRP CZ2 CH2  doub Y N 309 
TRP CZ2 HZ2  sing N N 310 
TRP CZ3 CH2  sing Y N 311 
TRP CZ3 HZ3  sing N N 312 
TRP CH2 HH2  sing N N 313 
TRP OXT HXT  sing N N 314 
TYR N   CA   sing N N 315 
TYR N   H    sing N N 316 
TYR N   H2   sing N N 317 
TYR CA  C    sing N N 318 
TYR CA  CB   sing N N 319 
TYR CA  HA   sing N N 320 
TYR C   O    doub N N 321 
TYR C   OXT  sing N N 322 
TYR CB  CG   sing N N 323 
TYR CB  HB2  sing N N 324 
TYR CB  HB3  sing N N 325 
TYR CG  CD1  doub Y N 326 
TYR CG  CD2  sing Y N 327 
TYR CD1 CE1  sing Y N 328 
TYR CD1 HD1  sing N N 329 
TYR CD2 CE2  doub Y N 330 
TYR CD2 HD2  sing N N 331 
TYR CE1 CZ   doub Y N 332 
TYR CE1 HE1  sing N N 333 
TYR CE2 CZ   sing Y N 334 
TYR CE2 HE2  sing N N 335 
TYR CZ  OH   sing N N 336 
TYR OH  HH   sing N N 337 
TYR OXT HXT  sing N N 338 
VAL N   CA   sing N N 339 
VAL N   H    sing N N 340 
VAL N   H2   sing N N 341 
VAL CA  C    sing N N 342 
VAL CA  CB   sing N N 343 
VAL CA  HA   sing N N 344 
VAL C   O    doub N N 345 
VAL C   OXT  sing N N 346 
VAL CB  CG1  sing N N 347 
VAL CB  CG2  sing N N 348 
VAL CB  HB   sing N N 349 
VAL CG1 HG11 sing N N 350 
VAL CG1 HG12 sing N N 351 
VAL CG1 HG13 sing N N 352 
VAL CG2 HG21 sing N N 353 
VAL CG2 HG22 sing N N 354 
VAL CG2 HG23 sing N N 355 
VAL OXT HXT  sing N N 356 
# 
loop_
_pdbx_audit_support.funding_organization 
_pdbx_audit_support.country 
_pdbx_audit_support.grant_number 
_pdbx_audit_support.ordinal 
'Ministry of Science and Technology of China'  China 2012CB910502 1 
'National Natural Science Foundation of China' China 31270774     2 
'Strategic Priority Research Program'          China XDB08010202  3 
# 
loop_
_pdbx_entity_nonpoly.entity_id 
_pdbx_entity_nonpoly.name 
_pdbx_entity_nonpoly.comp_id 
2 'SULFATE ION'  SO4 
3 1,2-ETHANEDIOL EDO 
4 water          HOH 
# 
_pdbx_initial_refinement_model.id               1 
_pdbx_initial_refinement_model.entity_id_list   ? 
_pdbx_initial_refinement_model.type             'experimental model' 
_pdbx_initial_refinement_model.source_name      PDB 
_pdbx_initial_refinement_model.accession_code   4PLI 
_pdbx_initial_refinement_model.details          ? 
# 
